data_1UX8
# 
_entry.id   1UX8 
# 
_audit_conform.dict_name       mmcif_pdbx.dic 
_audit_conform.dict_version    5.382 
_audit_conform.dict_location   http://mmcif.pdb.org/dictionaries/ascii/mmcif_pdbx.dic 
# 
loop_
_database_2.database_id 
_database_2.database_code 
_database_2.pdbx_database_accession 
_database_2.pdbx_DOI 
PDB   1UX8         pdb_00001ux8 10.2210/pdb1ux8/pdb 
PDBE  EBI-14609    ?            ?                   
WWPDB D_1290014609 ?            ?                   
# 
_pdbx_database_status.status_code                     REL 
_pdbx_database_status.entry_id                        1UX8 
_pdbx_database_status.deposit_site                    PDBE 
_pdbx_database_status.process_site                    PDBE 
_pdbx_database_status.SG_entry                        . 
_pdbx_database_status.recvd_initial_deposition_date   2004-02-20 
_pdbx_database_status.pdb_format_compatible           Y 
_pdbx_database_status.status_code_sf                  REL 
_pdbx_database_status.status_code_mr                  ? 
_pdbx_database_status.status_code_cs                  ? 
_pdbx_database_status.methods_development_category    ? 
_pdbx_database_status.status_code_nmr_data            ? 
# 
loop_
_audit_author.name 
_audit_author.pdbx_ordinal 
'Ilari, A.'       1 
'Giangiacomo, L.' 2 
'Boffi, A.'       3 
'Chiancone, E.'   4 
# 
_citation.id                        primary 
_citation.title                     
'The Truncated Oxygen-Avid Hemoglobin from Bacillus Subtilis: X-Ray Structure and Ligand Binding Properties' 
_citation.journal_abbrev            J.Biol.Chem. 
_citation.journal_volume            280 
_citation.page_first                9192 
_citation.page_last                 ? 
_citation.year                      2005 
_citation.journal_id_ASTM           JBCHA3 
_citation.country                   US 
_citation.journal_id_ISSN           0021-9258 
_citation.journal_id_CSD            0071 
_citation.book_publisher            ? 
_citation.pdbx_database_id_PubMed   15590662 
_citation.pdbx_database_id_DOI      10.1074/JBC.M407267200 
# 
loop_
_citation_author.citation_id 
_citation_author.name 
_citation_author.ordinal 
_citation_author.identifier_ORCID 
primary 'Giangiacomo, L.' 1 ? 
primary 'Ilari, A.'       2 ? 
primary 'Boffi, A.'       3 ? 
primary 'Morea, V.'       4 ? 
primary 'Chiancone, E.'   5 ? 
# 
_cell.entry_id           1UX8 
_cell.length_a           41.193 
_cell.length_b           41.193 
_cell.length_c           134.537 
_cell.angle_alpha        90.00 
_cell.angle_beta         90.00 
_cell.angle_gamma        90.00 
_cell.Z_PDB              8 
_cell.pdbx_unique_axis   ? 
# 
_symmetry.entry_id                         1UX8 
_symmetry.space_group_name_H-M             'P 41 21 2' 
_symmetry.pdbx_full_space_group_name_H-M   ? 
_symmetry.cell_setting                     ? 
_symmetry.Int_Tables_number                92 
# 
loop_
_entity.id 
_entity.type 
_entity.src_method 
_entity.pdbx_description 
_entity.formula_weight 
_entity.pdbx_number_of_molecules 
_entity.pdbx_ec 
_entity.pdbx_mutation 
_entity.pdbx_fragment 
_entity.details 
1 polymer     man 'YJBI PROTEIN'                    15135.085 1  ? ? ? ? 
2 non-polymer syn 'PROTOPORPHYRIN IX CONTAINING FE' 616.487   1  ? ? ? ? 
3 non-polymer syn 'CYANIDE ION'                     26.017    1  ? ? ? ? 
4 non-polymer syn 'CHLORIDE ION'                    35.453    1  ? ? ? ? 
5 water       nat water                             18.015    77 ? ? ? ? 
# 
_entity_name_com.entity_id   1 
_entity_name_com.name        'TRUNCATED HEMOGLOBIN' 
# 
_entity_poly.entity_id                      1 
_entity_poly.type                           'polypeptide(L)' 
_entity_poly.nstd_linkage                   no 
_entity_poly.nstd_monomer                   no 
_entity_poly.pdbx_seq_one_letter_code       
;MGQSFNAPYEAIGEELLSQLVDTFYERVASHPLLKPIFPSDLTETARKQKQFLTQYLGGPPLYTEEHGHPMLRARHLPFP
ITNERADAWLSCMKDAMDHVGLEGEIREFLFGRLELTARHMVNQTEAEDRSS
;
_entity_poly.pdbx_seq_one_letter_code_can   
;MGQSFNAPYEAIGEELLSQLVDTFYERVASHPLLKPIFPSDLTETARKQKQFLTQYLGGPPLYTEEHGHPMLRARHLPFP
ITNERADAWLSCMKDAMDHVGLEGEIREFLFGRLELTARHMVNQTEAEDRSS
;
_entity_poly.pdbx_strand_id                 A 
_entity_poly.pdbx_target_identifier         ? 
# 
loop_
_entity_poly_seq.entity_id 
_entity_poly_seq.num 
_entity_poly_seq.mon_id 
_entity_poly_seq.hetero 
1 1   MET n 
1 2   GLY n 
1 3   GLN n 
1 4   SER n 
1 5   PHE n 
1 6   ASN n 
1 7   ALA n 
1 8   PRO n 
1 9   TYR n 
1 10  GLU n 
1 11  ALA n 
1 12  ILE n 
1 13  GLY n 
1 14  GLU n 
1 15  GLU n 
1 16  LEU n 
1 17  LEU n 
1 18  SER n 
1 19  GLN n 
1 20  LEU n 
1 21  VAL n 
1 22  ASP n 
1 23  THR n 
1 24  PHE n 
1 25  TYR n 
1 26  GLU n 
1 27  ARG n 
1 28  VAL n 
1 29  ALA n 
1 30  SER n 
1 31  HIS n 
1 32  PRO n 
1 33  LEU n 
1 34  LEU n 
1 35  LYS n 
1 36  PRO n 
1 37  ILE n 
1 38  PHE n 
1 39  PRO n 
1 40  SER n 
1 41  ASP n 
1 42  LEU n 
1 43  THR n 
1 44  GLU n 
1 45  THR n 
1 46  ALA n 
1 47  ARG n 
1 48  LYS n 
1 49  GLN n 
1 50  LYS n 
1 51  GLN n 
1 52  PHE n 
1 53  LEU n 
1 54  THR n 
1 55  GLN n 
1 56  TYR n 
1 57  LEU n 
1 58  GLY n 
1 59  GLY n 
1 60  PRO n 
1 61  PRO n 
1 62  LEU n 
1 63  TYR n 
1 64  THR n 
1 65  GLU n 
1 66  GLU n 
1 67  HIS n 
1 68  GLY n 
1 69  HIS n 
1 70  PRO n 
1 71  MET n 
1 72  LEU n 
1 73  ARG n 
1 74  ALA n 
1 75  ARG n 
1 76  HIS n 
1 77  LEU n 
1 78  PRO n 
1 79  PHE n 
1 80  PRO n 
1 81  ILE n 
1 82  THR n 
1 83  ASN n 
1 84  GLU n 
1 85  ARG n 
1 86  ALA n 
1 87  ASP n 
1 88  ALA n 
1 89  TRP n 
1 90  LEU n 
1 91  SER n 
1 92  CYS n 
1 93  MET n 
1 94  LYS n 
1 95  ASP n 
1 96  ALA n 
1 97  MET n 
1 98  ASP n 
1 99  HIS n 
1 100 VAL n 
1 101 GLY n 
1 102 LEU n 
1 103 GLU n 
1 104 GLY n 
1 105 GLU n 
1 106 ILE n 
1 107 ARG n 
1 108 GLU n 
1 109 PHE n 
1 110 LEU n 
1 111 PHE n 
1 112 GLY n 
1 113 ARG n 
1 114 LEU n 
1 115 GLU n 
1 116 LEU n 
1 117 THR n 
1 118 ALA n 
1 119 ARG n 
1 120 HIS n 
1 121 MET n 
1 122 VAL n 
1 123 ASN n 
1 124 GLN n 
1 125 THR n 
1 126 GLU n 
1 127 ALA n 
1 128 GLU n 
1 129 ASP n 
1 130 ARG n 
1 131 SER n 
1 132 SER n 
# 
_entity_src_gen.entity_id                          1 
_entity_src_gen.pdbx_src_id                        1 
_entity_src_gen.pdbx_alt_source_flag               sample 
_entity_src_gen.pdbx_seq_type                      ? 
_entity_src_gen.pdbx_beg_seq_num                   ? 
_entity_src_gen.pdbx_end_seq_num                   ? 
_entity_src_gen.gene_src_common_name               ? 
_entity_src_gen.gene_src_genus                     ? 
_entity_src_gen.pdbx_gene_src_gene                 ? 
_entity_src_gen.gene_src_species                   ? 
_entity_src_gen.gene_src_strain                    ? 
_entity_src_gen.gene_src_tissue                    ? 
_entity_src_gen.gene_src_tissue_fraction           ? 
_entity_src_gen.gene_src_details                   ? 
_entity_src_gen.pdbx_gene_src_fragment             ? 
_entity_src_gen.pdbx_gene_src_scientific_name      'BACILLUS SUBTILIS' 
_entity_src_gen.pdbx_gene_src_ncbi_taxonomy_id     1423 
_entity_src_gen.pdbx_gene_src_variant              ? 
_entity_src_gen.pdbx_gene_src_cell_line            ? 
_entity_src_gen.pdbx_gene_src_atcc                 ? 
_entity_src_gen.pdbx_gene_src_organ                ? 
_entity_src_gen.pdbx_gene_src_organelle            ? 
_entity_src_gen.pdbx_gene_src_cell                 ? 
_entity_src_gen.pdbx_gene_src_cellular_location    ? 
_entity_src_gen.host_org_common_name               ? 
_entity_src_gen.pdbx_host_org_scientific_name      'ESCHERICHIA COLI' 
_entity_src_gen.pdbx_host_org_ncbi_taxonomy_id     469008 
_entity_src_gen.host_org_genus                     ? 
_entity_src_gen.pdbx_host_org_gene                 ? 
_entity_src_gen.pdbx_host_org_organ                ? 
_entity_src_gen.host_org_species                   ? 
_entity_src_gen.pdbx_host_org_tissue               ? 
_entity_src_gen.pdbx_host_org_tissue_fraction      ? 
_entity_src_gen.pdbx_host_org_strain               'BL21(DE3)' 
_entity_src_gen.pdbx_host_org_variant              ? 
_entity_src_gen.pdbx_host_org_cell_line            ? 
_entity_src_gen.pdbx_host_org_atcc                 ? 
_entity_src_gen.pdbx_host_org_culture_collection   ? 
_entity_src_gen.pdbx_host_org_cell                 ? 
_entity_src_gen.pdbx_host_org_organelle            ? 
_entity_src_gen.pdbx_host_org_cellular_location    ? 
_entity_src_gen.pdbx_host_org_vector_type          ? 
_entity_src_gen.pdbx_host_org_vector               ? 
_entity_src_gen.host_org_details                   ? 
_entity_src_gen.expression_system_id               ? 
_entity_src_gen.plasmid_name                       ? 
_entity_src_gen.plasmid_details                    ? 
_entity_src_gen.pdbx_description                   ? 
# 
_struct_ref.id                         1 
_struct_ref.db_name                    UNP 
_struct_ref.db_code                    O31607 
_struct_ref.entity_id                  1 
_struct_ref.pdbx_seq_one_letter_code   ? 
_struct_ref.pdbx_align_begin           ? 
_struct_ref.pdbx_db_accession          O31607 
_struct_ref.pdbx_db_isoform            ? 
# 
_struct_ref_seq.align_id                      1 
_struct_ref_seq.ref_id                        1 
_struct_ref_seq.pdbx_PDB_id_code              1UX8 
_struct_ref_seq.pdbx_strand_id                A 
_struct_ref_seq.seq_align_beg                 1 
_struct_ref_seq.pdbx_seq_align_beg_ins_code   ? 
_struct_ref_seq.seq_align_end                 132 
_struct_ref_seq.pdbx_seq_align_end_ins_code   ? 
_struct_ref_seq.pdbx_db_accession             O31607 
_struct_ref_seq.db_align_beg                  1 
_struct_ref_seq.pdbx_db_align_beg_ins_code    ? 
_struct_ref_seq.db_align_end                  132 
_struct_ref_seq.pdbx_db_align_end_ins_code    ? 
_struct_ref_seq.pdbx_auth_seq_align_beg       1 
_struct_ref_seq.pdbx_auth_seq_align_end       132 
# 
loop_
_chem_comp.id 
_chem_comp.type 
_chem_comp.mon_nstd_flag 
_chem_comp.name 
_chem_comp.pdbx_synonyms 
_chem_comp.formula 
_chem_comp.formula_weight 
ALA 'L-peptide linking' y ALANINE                           ?    'C3 H7 N O2'       89.093  
ARG 'L-peptide linking' y ARGININE                          ?    'C6 H15 N4 O2 1'   175.209 
ASN 'L-peptide linking' y ASPARAGINE                        ?    'C4 H8 N2 O3'      132.118 
ASP 'L-peptide linking' y 'ASPARTIC ACID'                   ?    'C4 H7 N O4'       133.103 
CL  non-polymer         . 'CHLORIDE ION'                    ?    'Cl -1'            35.453  
CYN non-polymer         . 'CYANIDE ION'                     ?    'C N -1'           26.017  
CYS 'L-peptide linking' y CYSTEINE                          ?    'C3 H7 N O2 S'     121.158 
GLN 'L-peptide linking' y GLUTAMINE                         ?    'C5 H10 N2 O3'     146.144 
GLU 'L-peptide linking' y 'GLUTAMIC ACID'                   ?    'C5 H9 N O4'       147.129 
GLY 'peptide linking'   y GLYCINE                           ?    'C2 H5 N O2'       75.067  
HEM non-polymer         . 'PROTOPORPHYRIN IX CONTAINING FE' HEME 'C34 H32 Fe N4 O4' 616.487 
HIS 'L-peptide linking' y HISTIDINE                         ?    'C6 H10 N3 O2 1'   156.162 
HOH non-polymer         . WATER                             ?    'H2 O'             18.015  
ILE 'L-peptide linking' y ISOLEUCINE                        ?    'C6 H13 N O2'      131.173 
LEU 'L-peptide linking' y LEUCINE                           ?    'C6 H13 N O2'      131.173 
LYS 'L-peptide linking' y LYSINE                            ?    'C6 H15 N2 O2 1'   147.195 
MET 'L-peptide linking' y METHIONINE                        ?    'C5 H11 N O2 S'    149.211 
PHE 'L-peptide linking' y PHENYLALANINE                     ?    'C9 H11 N O2'      165.189 
PRO 'L-peptide linking' y PROLINE                           ?    'C5 H9 N O2'       115.130 
SER 'L-peptide linking' y SERINE                            ?    'C3 H7 N O3'       105.093 
THR 'L-peptide linking' y THREONINE                         ?    'C4 H9 N O3'       119.119 
TRP 'L-peptide linking' y TRYPTOPHAN                        ?    'C11 H12 N2 O2'    204.225 
TYR 'L-peptide linking' y TYROSINE                          ?    'C9 H11 N O3'      181.189 
VAL 'L-peptide linking' y VALINE                            ?    'C5 H11 N O2'      117.146 
# 
_exptl.entry_id          1UX8 
_exptl.method            'X-RAY DIFFRACTION' 
_exptl.crystals_number   1 
# 
_exptl_crystal.id                    1 
_exptl_crystal.density_meas          ? 
_exptl_crystal.density_Matthews      2.2 
_exptl_crystal.density_percent_sol   43.6 
_exptl_crystal.description           ? 
# 
_exptl_crystal_grow.crystal_id      1 
_exptl_crystal_grow.method          ? 
_exptl_crystal_grow.temp            ? 
_exptl_crystal_grow.temp_details    ? 
_exptl_crystal_grow.pH              6.00 
_exptl_crystal_grow.pdbx_pH_range   ? 
_exptl_crystal_grow.pdbx_details    '2,0 M AMMONIUM SULFATE, 5% V/V ISOPROPANOL, PH=6.0, pH 6.00' 
# 
_diffrn.id                     1 
_diffrn.ambient_temp           100.0 
_diffrn.ambient_temp_details   ? 
_diffrn.crystal_id             1 
# 
_diffrn_radiation.diffrn_id                        1 
_diffrn_radiation.wavelength_id                    1 
_diffrn_radiation.pdbx_monochromatic_or_laue_m_l   M 
_diffrn_radiation.monochromator                    ? 
_diffrn_radiation.pdbx_diffrn_protocol             'SINGLE WAVELENGTH' 
_diffrn_radiation.pdbx_scattering_type             x-ray 
# 
_diffrn_radiation_wavelength.id           1 
_diffrn_radiation_wavelength.wavelength   1.2 
_diffrn_radiation_wavelength.wt           1.0 
# 
_diffrn_source.diffrn_id                   1 
_diffrn_source.source                      SYNCHROTRON 
_diffrn_source.type                        'ELETTRA BEAMLINE 5.2R' 
_diffrn_source.pdbx_synchrotron_site       ELETTRA 
_diffrn_source.pdbx_synchrotron_beamline   5.2R 
_diffrn_source.pdbx_wavelength             1.2 
_diffrn_source.pdbx_wavelength_list        ? 
# 
_reflns.pdbx_diffrn_id               1 
_reflns.pdbx_ordinal                 1 
_reflns.entry_id                     1UX8 
_reflns.observed_criterion_sigma_I   ? 
_reflns.observed_criterion_sigma_F   ? 
_reflns.d_resolution_low             40.000 
_reflns.d_resolution_high            2.150 
_reflns.number_obs                   6975 
_reflns.number_all                   ? 
_reflns.percent_possible_obs         98.6 
_reflns.pdbx_Rmerge_I_obs            0.09800 
_reflns.pdbx_Rsym_value              ? 
_reflns.pdbx_netI_over_sigmaI        ? 
_reflns.B_iso_Wilson_estimate        22.95 
_reflns.pdbx_redundancy              4.000 
# 
_refine.pdbx_refine_id                           'X-RAY DIFFRACTION' 
_refine.entry_id                                 1UX8 
_refine.pdbx_diffrn_id                           1 
_refine.pdbx_TLS_residual_ADP_flag               ? 
_refine.ls_number_reflns_obs                     6442 
_refine.ls_number_reflns_all                     ? 
_refine.pdbx_ls_sigma_I                          ? 
_refine.pdbx_ls_sigma_F                          ? 
_refine.pdbx_data_cutoff_high_absF               ? 
_refine.pdbx_data_cutoff_low_absF                ? 
_refine.pdbx_data_cutoff_high_rms_absF           ? 
_refine.ls_d_res_low                             39.5 
_refine.ls_d_res_high                            2.15 
_refine.ls_percent_reflns_obs                    98.7 
_refine.ls_R_factor_obs                          0.208 
_refine.ls_R_factor_all                          ? 
_refine.ls_R_factor_R_work                       0.206 
_refine.ls_R_factor_R_free                       0.261 
_refine.ls_R_factor_R_free_error                 ? 
_refine.ls_R_factor_R_free_error_details         ? 
_refine.ls_percent_reflns_R_free                 4.8 
_refine.ls_number_reflns_R_free                  323 
_refine.ls_number_parameters                     ? 
_refine.ls_number_restraints                     ? 
_refine.occupancy_min                            ? 
_refine.occupancy_max                            ? 
_refine.correlation_coeff_Fo_to_Fc               ? 
_refine.correlation_coeff_Fo_to_Fc_free          ? 
_refine.B_iso_mean                               22.16 
_refine.aniso_B[1][1]                            ? 
_refine.aniso_B[2][2]                            ? 
_refine.aniso_B[3][3]                            ? 
_refine.aniso_B[1][2]                            ? 
_refine.aniso_B[1][3]                            ? 
_refine.aniso_B[2][3]                            ? 
_refine.solvent_model_details                    ? 
_refine.solvent_model_param_ksol                 ? 
_refine.solvent_model_param_bsol                 ? 
_refine.pdbx_solvent_vdw_probe_radii             ? 
_refine.pdbx_solvent_ion_probe_radii             ? 
_refine.pdbx_solvent_shrinkage_radii             ? 
_refine.pdbx_ls_cross_valid_method               THROUGHOUT 
_refine.details                                  ? 
_refine.pdbx_starting_model                      'PDB ENTRY 1NGK' 
_refine.pdbx_method_to_determine_struct          'MOLECULAR REPLACEMENT' 
_refine.pdbx_isotropic_thermal_model             ? 
_refine.pdbx_stereochemistry_target_values       ? 
_refine.pdbx_stereochem_target_val_spec_case     ? 
_refine.pdbx_R_Free_selection_details            RANDOM 
_refine.pdbx_overall_ESU_R                       ? 
_refine.pdbx_overall_ESU_R_Free                  ? 
_refine.overall_SU_ML                            ? 
_refine.pdbx_overall_phase_error                 ? 
_refine.overall_SU_B                             ? 
_refine.overall_SU_R_Cruickshank_DPI             ? 
_refine.pdbx_overall_SU_R_free_Cruickshank_DPI   ? 
_refine.pdbx_overall_SU_R_Blow_DPI               ? 
_refine.pdbx_overall_SU_R_free_Blow_DPI          ? 
# 
_refine_hist.pdbx_refine_id                   'X-RAY DIFFRACTION' 
_refine_hist.cycle_id                         LAST 
_refine_hist.pdbx_number_atoms_protein        956 
_refine_hist.pdbx_number_atoms_nucleic_acid   0 
_refine_hist.pdbx_number_atoms_ligand         46 
_refine_hist.number_atoms_solvent             77 
_refine_hist.number_atoms_total               1079 
_refine_hist.d_res_high                       2.15 
_refine_hist.d_res_low                        39.5 
# 
_struct.entry_id                  1UX8 
_struct.title                     'X-ray structure of truncated oxygen-avid haemoglobin from Bacillus subtilis' 
_struct.pdbx_model_details        ? 
_struct.pdbx_CASP_flag            ? 
_struct.pdbx_model_type_details   ? 
# 
_struct_keywords.entry_id        1UX8 
_struct_keywords.pdbx_keywords   'OXYGEN STORAGE/TRANSPORT' 
_struct_keywords.text            
'OXYGEN STORAGE/TRANSPORT, TRUNCATED HEMOGLOBIN, OXYGEN TRANSPORT, OXYGEN STORAGE-TRANSPORT complex' 
# 
loop_
_struct_asym.id 
_struct_asym.pdbx_blank_PDB_chainid_flag 
_struct_asym.pdbx_modified 
_struct_asym.entity_id 
_struct_asym.details 
A N N 1 ? 
B N N 2 ? 
C N N 3 ? 
D N N 4 ? 
E N N 5 ? 
# 
_struct_biol.id   1 
# 
loop_
_struct_conf.conf_type_id 
_struct_conf.id 
_struct_conf.pdbx_PDB_helix_id 
_struct_conf.beg_label_comp_id 
_struct_conf.beg_label_asym_id 
_struct_conf.beg_label_seq_id 
_struct_conf.pdbx_beg_PDB_ins_code 
_struct_conf.end_label_comp_id 
_struct_conf.end_label_asym_id 
_struct_conf.end_label_seq_id 
_struct_conf.pdbx_end_PDB_ins_code 
_struct_conf.beg_auth_comp_id 
_struct_conf.beg_auth_asym_id 
_struct_conf.beg_auth_seq_id 
_struct_conf.end_auth_comp_id 
_struct_conf.end_auth_asym_id 
_struct_conf.end_auth_seq_id 
_struct_conf.pdbx_PDB_helix_class 
_struct_conf.details 
_struct_conf.pdbx_PDB_helix_length 
HELX_P HELX_P1 1 ALA A 7   ? ALA A 11  ? ALA A 7   ALA A 11  5 ? 5  
HELX_P HELX_P2 2 ILE A 12  ? HIS A 31  ? ILE A 12  HIS A 31  1 ? 20 
HELX_P HELX_P3 3 LEU A 34  ? PHE A 38  ? LEU A 34  PHE A 38  5 ? 5  
HELX_P HELX_P4 4 LEU A 42  ? LEU A 57  ? LEU A 42  LEU A 57  1 ? 16 
HELX_P HELX_P5 5 PRO A 61  ? GLY A 68  ? PRO A 61  GLY A 68  1 ? 8  
HELX_P HELX_P6 6 MET A 71  ? LEU A 77  ? MET A 71  LEU A 77  1 ? 7  
HELX_P HELX_P7 7 THR A 82  ? GLY A 101 ? THR A 82  GLY A 101 1 ? 20 
HELX_P HELX_P8 8 GLY A 104 ? VAL A 122 ? GLY A 104 VAL A 122 1 ? 19 
# 
_struct_conf_type.id          HELX_P 
_struct_conf_type.criteria    ? 
_struct_conf_type.reference   ? 
# 
loop_
_struct_conn.id 
_struct_conn.conn_type_id 
_struct_conn.pdbx_leaving_atom_flag 
_struct_conn.pdbx_PDB_id 
_struct_conn.ptnr1_label_asym_id 
_struct_conn.ptnr1_label_comp_id 
_struct_conn.ptnr1_label_seq_id 
_struct_conn.ptnr1_label_atom_id 
_struct_conn.pdbx_ptnr1_label_alt_id 
_struct_conn.pdbx_ptnr1_PDB_ins_code 
_struct_conn.pdbx_ptnr1_standard_comp_id 
_struct_conn.ptnr1_symmetry 
_struct_conn.ptnr2_label_asym_id 
_struct_conn.ptnr2_label_comp_id 
_struct_conn.ptnr2_label_seq_id 
_struct_conn.ptnr2_label_atom_id 
_struct_conn.pdbx_ptnr2_label_alt_id 
_struct_conn.pdbx_ptnr2_PDB_ins_code 
_struct_conn.ptnr1_auth_asym_id 
_struct_conn.ptnr1_auth_comp_id 
_struct_conn.ptnr1_auth_seq_id 
_struct_conn.ptnr2_auth_asym_id 
_struct_conn.ptnr2_auth_comp_id 
_struct_conn.ptnr2_auth_seq_id 
_struct_conn.ptnr2_symmetry 
_struct_conn.pdbx_ptnr3_label_atom_id 
_struct_conn.pdbx_ptnr3_label_seq_id 
_struct_conn.pdbx_ptnr3_label_comp_id 
_struct_conn.pdbx_ptnr3_label_asym_id 
_struct_conn.pdbx_ptnr3_label_alt_id 
_struct_conn.pdbx_ptnr3_PDB_ins_code 
_struct_conn.details 
_struct_conn.pdbx_dist_value 
_struct_conn.pdbx_value_order 
_struct_conn.pdbx_role 
metalc1 metalc ? ? A HIS 76 NE2 ? ? ? 1_555 B HEM . FE ? ? A HIS 76  A HEM 700  1_555 ? ? ? ? ? ? ? 1.912 ? ? 
metalc2 metalc ? ? B HEM .  FE  ? ? ? 1_555 C CYN . C  ? ? A HEM 700 A CYN 1124 1_555 ? ? ? ? ? ? ? 1.924 ? ? 
metalc3 metalc ? ? B HEM .  FE  ? ? ? 1_555 C CYN . N  ? ? A HEM 700 A CYN 1124 1_555 ? ? ? ? ? ? ? 3.088 ? ? 
# 
_struct_conn_type.id          metalc 
_struct_conn_type.criteria    ? 
_struct_conn_type.reference   ? 
# 
loop_
_struct_site.id 
_struct_site.pdbx_evidence_code 
_struct_site.pdbx_auth_asym_id 
_struct_site.pdbx_auth_comp_id 
_struct_site.pdbx_auth_seq_id 
_struct_site.pdbx_auth_ins_code 
_struct_site.pdbx_num_residues 
_struct_site.details 
AC1 Software ? ?   ?   ? 4  'BINDING SITE FOR RESIDUE CYN A1124' 
AC2 Software ? ?   ?   ? 1  'BINDING SITE FOR RESIDUE CL A1125'  
AC3 Software A HEM 700 ? 14 'BINDING SITE FOR RESIDUE HEM A 700' 
# 
loop_
_struct_site_gen.id 
_struct_site_gen.site_id 
_struct_site_gen.pdbx_num_res 
_struct_site_gen.label_comp_id 
_struct_site_gen.label_asym_id 
_struct_site_gen.label_seq_id 
_struct_site_gen.pdbx_auth_ins_code 
_struct_site_gen.auth_comp_id 
_struct_site_gen.auth_asym_id 
_struct_site_gen.auth_seq_id 
_struct_site_gen.label_atom_id 
_struct_site_gen.label_alt_id 
_struct_site_gen.symmetry 
_struct_site_gen.details 
1  AC1 4  TYR A 25 ? TYR A 25   . ? 1_555 ? 
2  AC1 4  GLN A 49 ? GLN A 49   . ? 1_555 ? 
3  AC1 4  TRP A 89 ? TRP A 89   . ? 1_555 ? 
4  AC1 4  HEM B .  ? HEM A 700  . ? 1_555 ? 
5  AC2 1  HOH E .  ? HOH A 2049 . ? 1_555 ? 
6  AC3 14 ILE A 37 ? ILE A 37   . ? 1_555 ? 
7  AC3 14 PHE A 38 ? PHE A 38   . ? 1_555 ? 
8  AC3 14 THR A 45 ? THR A 45   . ? 1_555 ? 
9  AC3 14 LYS A 48 ? LYS A 48   . ? 1_555 ? 
10 AC3 14 GLN A 49 ? GLN A 49   . ? 1_555 ? 
11 AC3 14 PHE A 52 ? PHE A 52   . ? 1_555 ? 
12 AC3 14 LEU A 53 ? LEU A 53   . ? 1_555 ? 
13 AC3 14 TYR A 63 ? TYR A 63   . ? 1_555 ? 
14 AC3 14 ARG A 75 ? ARG A 75   . ? 1_555 ? 
15 AC3 14 HIS A 76 ? HIS A 76   . ? 1_555 ? 
16 AC3 14 ILE A 81 ? ILE A 81   . ? 1_555 ? 
17 AC3 14 ALA A 86 ? ALA A 86   . ? 1_555 ? 
18 AC3 14 TRP A 89 ? TRP A 89   . ? 1_555 ? 
19 AC3 14 CYN C .  ? CYN A 1124 . ? 1_555 ? 
# 
_atom_sites.entry_id                    1UX8 
_atom_sites.fract_transf_matrix[1][1]   0.02247961 
_atom_sites.fract_transf_matrix[1][2]   -0.00428968 
_atom_sites.fract_transf_matrix[1][3]   0.00809877 
_atom_sites.fract_transf_matrix[2][1]   0.00479678 
_atom_sites.fract_transf_matrix[2][2]   0.02378662 
_atom_sites.fract_transf_matrix[2][3]   -0.00071526 
_atom_sites.fract_transf_matrix[3][1]   -0.00239105 
_atom_sites.fract_transf_matrix[3][2]   0.00069278 
_atom_sites.fract_transf_matrix[3][3]   0.00700374 
_atom_sites.fract_transf_vector[1]      0.029151 
_atom_sites.fract_transf_vector[2]      0.350886 
_atom_sites.fract_transf_vector[3]      0.142738 
# 
loop_
_atom_type.symbol 
C  
CL 
FE 
N  
O  
S  
# 
loop_
_atom_site.group_PDB 
_atom_site.id 
_atom_site.type_symbol 
_atom_site.label_atom_id 
_atom_site.label_alt_id 
_atom_site.label_comp_id 
_atom_site.label_asym_id 
_atom_site.label_entity_id 
_atom_site.label_seq_id 
_atom_site.pdbx_PDB_ins_code 
_atom_site.Cartn_x 
_atom_site.Cartn_y 
_atom_site.Cartn_z 
_atom_site.occupancy 
_atom_site.B_iso_or_equiv 
_atom_site.pdbx_formal_charge 
_atom_site.auth_seq_id 
_atom_site.auth_comp_id 
_atom_site.auth_asym_id 
_atom_site.auth_atom_id 
_atom_site.pdbx_PDB_model_num 
ATOM   1    N  N   . ASN A 1 6   ? 4.626   15.267  -15.549 1.00 33.35 ? 6    ASN A N   1 
ATOM   2    C  CA  . ASN A 1 6   ? 3.243   14.995  -15.017 1.00 34.02 ? 6    ASN A CA  1 
ATOM   3    C  C   . ASN A 1 6   ? 3.348   14.139  -13.772 1.00 32.50 ? 6    ASN A C   1 
ATOM   4    O  O   . ASN A 1 6   ? 4.438   13.648  -13.453 1.00 32.96 ? 6    ASN A O   1 
ATOM   5    C  CB  . ASN A 1 6   ? 2.334   14.353  -16.072 1.00 34.25 ? 6    ASN A CB  1 
ATOM   6    C  CG  . ASN A 1 6   ? 1.772   15.382  -17.047 1.00 36.24 ? 6    ASN A CG  1 
ATOM   7    O  OD1 . ASN A 1 6   ? 0.636   15.254  -17.546 1.00 38.61 ? 6    ASN A OD1 1 
ATOM   8    N  ND2 . ASN A 1 6   ? 2.562   16.424  -17.313 1.00 36.62 ? 6    ASN A ND2 1 
ATOM   9    N  N   . ALA A 1 7   ? 2.240   14.024  -13.040 1.00 30.77 ? 7    ALA A N   1 
ATOM   10   C  CA  . ALA A 1 7   ? 2.220   13.320  -11.759 1.00 29.33 ? 7    ALA A CA  1 
ATOM   11   C  C   . ALA A 1 7   ? 2.592   11.846  -11.968 1.00 28.79 ? 7    ALA A C   1 
ATOM   12   O  O   . ALA A 1 7   ? 2.177   11.247  -12.980 1.00 28.61 ? 7    ALA A O   1 
ATOM   13   C  CB  . ALA A 1 7   ? 0.864   13.445  -11.084 1.00 28.42 ? 7    ALA A CB  1 
ATOM   14   N  N   . PRO A 1 8   ? 3.386   11.277  -11.050 1.00 27.15 ? 8    PRO A N   1 
ATOM   15   C  CA  . PRO A 1 8   ? 3.772   9.859   -11.141 1.00 26.47 ? 8    PRO A CA  1 
ATOM   16   C  C   . PRO A 1 8   ? 2.575   8.889   -11.156 1.00 25.83 ? 8    PRO A C   1 
ATOM   17   O  O   . PRO A 1 8   ? 2.675   7.822   -11.704 1.00 25.56 ? 8    PRO A O   1 
ATOM   18   C  CB  . PRO A 1 8   ? 4.664   9.657   -9.908  1.00 26.61 ? 8    PRO A CB  1 
ATOM   19   C  CG  . PRO A 1 8   ? 5.171   11.067  -9.567  1.00 26.07 ? 8    PRO A CG  1 
ATOM   20   C  CD  . PRO A 1 8   ? 4.012   11.948  -9.890  1.00 27.35 ? 8    PRO A CD  1 
ATOM   21   N  N   . TYR A 1 9   ? 1.443   9.282   -10.592 1.00 25.71 ? 9    TYR A N   1 
ATOM   22   C  CA  . TYR A 1 9   ? 0.236   8.493   -10.668 1.00 24.93 ? 9    TYR A CA  1 
ATOM   23   C  C   . TYR A 1 9   ? -0.157  8.235   -12.129 1.00 25.89 ? 9    TYR A C   1 
ATOM   24   O  O   . TYR A 1 9   ? -0.659  7.153   -12.470 1.00 24.81 ? 9    TYR A O   1 
ATOM   25   C  CB  . TYR A 1 9   ? -0.896  9.199   -9.932  1.00 24.96 ? 9    TYR A CB  1 
ATOM   26   C  CG  . TYR A 1 9   ? -2.253  8.643   -10.226 1.00 24.50 ? 9    TYR A CG  1 
ATOM   27   C  CD1 . TYR A 1 9   ? -3.119  9.285   -11.085 1.00 26.16 ? 9    TYR A CD1 1 
ATOM   28   C  CD2 . TYR A 1 9   ? -2.659  7.441   -9.663  1.00 26.47 ? 9    TYR A CD2 1 
ATOM   29   C  CE1 . TYR A 1 9   ? -4.380  8.745   -11.370 1.00 27.29 ? 9    TYR A CE1 1 
ATOM   30   C  CE2 . TYR A 1 9   ? -3.898  6.899   -9.922  1.00 25.04 ? 9    TYR A CE2 1 
ATOM   31   C  CZ  . TYR A 1 9   ? -4.755  7.545   -10.782 1.00 26.91 ? 9    TYR A CZ  1 
ATOM   32   O  OH  . TYR A 1 9   ? -5.999  6.999   -11.025 1.00 28.50 ? 9    TYR A OH  1 
ATOM   33   N  N   . GLU A 1 10  ? 0.061   9.224   -12.995 1.00 25.76 ? 10   GLU A N   1 
ATOM   34   C  CA  . GLU A 1 10  ? -0.302  9.067   -14.394 1.00 25.93 ? 10   GLU A CA  1 
ATOM   35   C  C   . GLU A 1 10  ? 0.489   7.949   -15.064 1.00 25.10 ? 10   GLU A C   1 
ATOM   36   O  O   . GLU A 1 10  ? 0.018   7.384   -16.035 1.00 25.44 ? 10   GLU A O   1 
ATOM   37   C  CB  . GLU A 1 10  ? -0.223  10.427  -15.135 1.00 26.51 ? 10   GLU A CB  1 
ATOM   38   C  CG  . GLU A 1 10  ? -1.361  11.363  -14.682 1.00 27.38 ? 10   GLU A CG  1 
ATOM   39   C  CD  . GLU A 1 10  ? -1.150  12.831  -15.044 1.00 33.90 ? 10   GLU A CD  1 
ATOM   40   O  OE1 . GLU A 1 10  ? -1.492  13.225  -16.196 1.00 36.83 ? 10   GLU A OE1 1 
ATOM   41   O  OE2 . GLU A 1 10  ? -0.662  13.611  -14.168 1.00 35.57 ? 10   GLU A OE2 1 
ATOM   42   N  N   . ALA A 1 11  ? 1.681   7.611   -14.544 1.00 24.45 ? 11   ALA A N   1 
ATOM   43   C  CA  . ALA A 1 11  ? 2.471   6.476   -15.061 1.00 23.59 ? 11   ALA A CA  1 
ATOM   44   C  C   . ALA A 1 11  ? 1.956   5.081   -14.673 1.00 23.23 ? 11   ALA A C   1 
ATOM   45   O  O   . ALA A 1 11  ? 2.500   4.065   -15.096 1.00 24.08 ? 11   ALA A O   1 
ATOM   46   C  CB  . ALA A 1 11  ? 3.954   6.592   -14.632 1.00 23.10 ? 11   ALA A CB  1 
ATOM   47   N  N   . ILE A 1 12  ? 0.959   5.012   -13.835 1.00 22.73 ? 12   ILE A N   1 
ATOM   48   C  CA  . ILE A 1 12  ? 0.388   3.729   -13.481 1.00 22.91 ? 12   ILE A CA  1 
ATOM   49   C  C   . ILE A 1 12  ? -1.111  3.683   -13.846 1.00 22.68 ? 12   ILE A C   1 
ATOM   50   O  O   . ILE A 1 12  ? -1.575  2.710   -14.478 1.00 23.59 ? 12   ILE A O   1 
ATOM   51   C  CB  . ILE A 1 12  ? 0.675   3.402   -11.977 1.00 22.78 ? 12   ILE A CB  1 
ATOM   52   C  CG1 . ILE A 1 12  ? -0.300  2.333   -11.447 1.00 23.58 ? 12   ILE A CG1 1 
ATOM   53   C  CG2 . ILE A 1 12  ? 0.618   4.611   -11.108 1.00 23.37 ? 12   ILE A CG2 1 
ATOM   54   C  CD1 . ILE A 1 12  ? 0.331   1.390   -10.465 1.00 21.77 ? 12   ILE A CD1 1 
ATOM   55   N  N   . GLY A 1 13  ? -1.858  4.702   -13.436 1.00 21.84 ? 13   GLY A N   1 
ATOM   56   C  CA  . GLY A 1 13  ? -3.272  4.787   -13.735 1.00 22.29 ? 13   GLY A CA  1 
ATOM   57   C  C   . GLY A 1 13  ? -4.217  3.975   -12.867 1.00 22.45 ? 13   GLY A C   1 
ATOM   58   O  O   . GLY A 1 13  ? -3.833  3.045   -12.166 1.00 21.99 ? 13   GLY A O   1 
ATOM   59   N  N   . GLU A 1 14  ? -5.490  4.341   -12.966 1.00 23.47 ? 14   GLU A N   1 
ATOM   60   C  CA  . GLU A 1 14  ? -6.557  3.868   -12.084 1.00 24.14 ? 14   GLU A CA  1 
ATOM   61   C  C   . GLU A 1 14  ? -6.715  2.366   -12.114 1.00 22.98 ? 14   GLU A C   1 
ATOM   62   O  O   . GLU A 1 14  ? -6.812  1.733   -11.090 1.00 22.80 ? 14   GLU A O   1 
ATOM   63   C  CB  . GLU A 1 14  ? -7.874  4.547   -12.487 1.00 25.23 ? 14   GLU A CB  1 
ATOM   64   C  CG  . GLU A 1 14  ? -9.139  3.791   -12.095 1.00 28.39 ? 14   GLU A CG  1 
ATOM   65   C  CD  . GLU A 1 14  ? -10.368 4.696   -12.099 1.00 31.44 ? 14   GLU A CD  1 
ATOM   66   O  OE1 . GLU A 1 14  ? -11.138 4.663   -11.109 1.00 35.72 ? 14   GLU A OE1 1 
ATOM   67   O  OE2 . GLU A 1 14  ? -10.585 5.425   -13.099 1.00 33.48 ? 14   GLU A OE2 1 
ATOM   68   N  N   . GLU A 1 15  ? -6.711  1.806   -13.311 1.00 22.72 ? 15   GLU A N   1 
ATOM   69   C  CA  . GLU A 1 15  ? -6.965  0.381   -13.530 1.00 21.76 ? 15   GLU A CA  1 
ATOM   70   C  C   . GLU A 1 15  ? -5.831  -0.494  -12.978 1.00 21.56 ? 15   GLU A C   1 
ATOM   71   O  O   . GLU A 1 15  ? -6.083  -1.433  -12.209 1.00 20.77 ? 15   GLU A O   1 
ATOM   72   C  CB  A GLU A 1 15  ? -7.138  0.137   -15.037 0.50 21.83 ? 15   GLU A CB  1 
ATOM   73   C  CB  B GLU A 1 15  ? -7.162  0.056   -15.011 0.50 22.14 ? 15   GLU A CB  1 
ATOM   74   C  CG  A GLU A 1 15  ? -7.993  1.187   -15.787 0.50 21.63 ? 15   GLU A CG  1 
ATOM   75   C  CG  B GLU A 1 15  ? -8.615  0.086   -15.474 0.50 23.21 ? 15   GLU A CG  1 
ATOM   76   C  CD  A GLU A 1 15  ? -7.282  2.520   -16.085 0.50 21.44 ? 15   GLU A CD  1 
ATOM   77   C  CD  B GLU A 1 15  ? -8.859  -0.771  -16.709 0.50 25.08 ? 15   GLU A CD  1 
ATOM   78   O  OE1 A GLU A 1 15  ? -7.974  3.538   -16.142 0.50 20.17 ? 15   GLU A OE1 1 
ATOM   79   O  OE1 B GLU A 1 15  ? -8.707  -0.258  -17.852 0.50 23.41 ? 15   GLU A OE1 1 
ATOM   80   O  OE2 A GLU A 1 15  ? -6.037  2.574   -16.255 0.50 22.55 ? 15   GLU A OE2 1 
ATOM   81   O  OE2 B GLU A 1 15  ? -9.205  -1.967  -16.519 0.50 26.53 ? 15   GLU A OE2 1 
ATOM   82   N  N   . LEU A 1 16  ? -4.595  -0.187  -13.403 1.00 20.28 ? 16   LEU A N   1 
ATOM   83   C  CA  . LEU A 1 16  ? -3.419  -0.901  -12.936 1.00 20.69 ? 16   LEU A CA  1 
ATOM   84   C  C   . LEU A 1 16  ? -3.165  -0.682  -11.428 1.00 19.83 ? 16   LEU A C   1 
ATOM   85   O  O   . LEU A 1 16  ? -2.741  -1.581  -10.731 1.00 19.90 ? 16   LEU A O   1 
ATOM   86   C  CB  . LEU A 1 16  ? -2.193  -0.515  -13.757 1.00 20.11 ? 16   LEU A CB  1 
ATOM   87   C  CG  . LEU A 1 16  ? -0.912  -1.266  -13.352 1.00 21.03 ? 16   LEU A CG  1 
ATOM   88   C  CD1 . LEU A 1 16  ? -1.046  -2.740  -13.609 1.00 21.68 ? 16   LEU A CD1 1 
ATOM   89   C  CD2 . LEU A 1 16  ? 0.306   -0.726  -14.072 1.00 21.08 ? 16   LEU A CD2 1 
ATOM   90   N  N   . LEU A 1 17  ? -3.463  0.497   -10.921 1.00 19.58 ? 17   LEU A N   1 
ATOM   91   C  CA  . LEU A 1 17  ? -3.315  0.717   -9.501  1.00 19.86 ? 17   LEU A CA  1 
ATOM   92   C  C   . LEU A 1 17  ? -4.307  -0.152  -8.732  1.00 19.71 ? 17   LEU A C   1 
ATOM   93   O  O   . LEU A 1 17  ? -3.908  -0.824  -7.797  1.00 18.96 ? 17   LEU A O   1 
ATOM   94   C  CB  . LEU A 1 17  ? -3.474  2.175   -9.131  1.00 19.88 ? 17   LEU A CB  1 
ATOM   95   C  CG  . LEU A 1 17  ? -3.256  2.469   -7.623  1.00 20.35 ? 17   LEU A CG  1 
ATOM   96   C  CD1 . LEU A 1 17  ? -1.917  1.952   -7.120  1.00 20.49 ? 17   LEU A CD1 1 
ATOM   97   C  CD2 . LEU A 1 17  ? -3.400  3.950   -7.291  1.00 19.32 ? 17   LEU A CD2 1 
ATOM   98   N  N   . SER A 1 18  ? -5.585  -0.149  -9.141  1.00 19.80 ? 18   SER A N   1 
ATOM   99   C  CA  . SER A 1 18  ? -6.586  -1.026  -8.534  1.00 19.87 ? 18   SER A CA  1 
ATOM   100  C  C   . SER A 1 18  ? -6.154  -2.495  -8.556  1.00 19.12 ? 18   SER A C   1 
ATOM   101  O  O   . SER A 1 18  ? -6.373  -3.188  -7.596  1.00 18.75 ? 18   SER A O   1 
ATOM   102  C  CB  . SER A 1 18  ? -7.986  -0.836  -9.183  1.00 20.08 ? 18   SER A CB  1 
ATOM   103  O  OG  . SER A 1 18  ? -8.918  -1.832  -8.727  1.00 21.79 ? 18   SER A OG  1 
ATOM   104  N  N   . GLN A 1 19  ? -5.502  -2.952  -9.631  1.00 19.35 ? 19   GLN A N   1 
ATOM   105  C  CA  . GLN A 1 19  ? -5.067  -4.358  -9.777  1.00 19.30 ? 19   GLN A CA  1 
ATOM   106  C  C   . GLN A 1 19  ? -3.856  -4.647  -8.870  1.00 19.02 ? 19   GLN A C   1 
ATOM   107  O  O   . GLN A 1 19  ? -3.761  -5.714  -8.256  1.00 17.86 ? 19   GLN A O   1 
ATOM   108  C  CB  . GLN A 1 19  ? -4.713  -4.649  -11.240 1.00 19.95 ? 19   GLN A CB  1 
ATOM   109  C  CG  . GLN A 1 19  ? -4.178  -6.058  -11.533 1.00 23.39 ? 19   GLN A CG  1 
ATOM   110  C  CD  . GLN A 1 19  ? -4.028  -6.390  -13.054 1.00 29.28 ? 19   GLN A CD  1 
ATOM   111  O  OE1 . GLN A 1 19  ? -4.334  -5.562  -13.943 1.00 31.70 ? 19   GLN A OE1 1 
ATOM   112  N  NE2 . GLN A 1 19  ? -3.617  -7.628  -13.337 1.00 29.16 ? 19   GLN A NE2 1 
ATOM   113  N  N   . LEU A 1 20  ? -2.931  -3.688  -8.786  1.00 18.59 ? 20   LEU A N   1 
ATOM   114  C  CA  . LEU A 1 20  ? -1.780  -3.789  -7.856  1.00 18.17 ? 20   LEU A CA  1 
ATOM   115  C  C   . LEU A 1 20  ? -2.232  -4.005  -6.417  1.00 18.70 ? 20   LEU A C   1 
ATOM   116  O  O   . LEU A 1 20  ? -1.719  -4.867  -5.707  1.00 17.79 ? 20   LEU A O   1 
ATOM   117  C  CB  . LEU A 1 20  ? -0.921  -2.542  -7.929  1.00 18.28 ? 20   LEU A CB  1 
ATOM   118  C  CG  . LEU A 1 20  ? 0.285   -2.503  -6.981  1.00 18.47 ? 20   LEU A CG  1 
ATOM   119  C  CD1 . LEU A 1 20  ? 1.279   -3.630  -7.334  1.00 18.39 ? 20   LEU A CD1 1 
ATOM   120  C  CD2 . LEU A 1 20  ? 0.969   -1.113  -6.986  1.00 16.60 ? 20   LEU A CD2 1 
ATOM   121  N  N   . VAL A 1 21  ? -3.243  -3.239  -6.010  1.00 18.75 ? 21   VAL A N   1 
ATOM   122  C  CA  . VAL A 1 21  ? -3.657  -3.224  -4.636  1.00 18.46 ? 21   VAL A CA  1 
ATOM   123  C  C   . VAL A 1 21  ? -4.527  -4.421  -4.302  1.00 18.81 ? 21   VAL A C   1 
ATOM   124  O  O   . VAL A 1 21  ? -4.512  -4.863  -3.183  1.00 19.78 ? 21   VAL A O   1 
ATOM   125  C  CB  . VAL A 1 21  ? -4.380  -1.894  -4.298  1.00 18.34 ? 21   VAL A CB  1 
ATOM   126  C  CG1 . VAL A 1 21  ? -5.233  -2.025  -3.034  1.00 15.31 ? 21   VAL A CG1 1 
ATOM   127  C  CG2 . VAL A 1 21  ? -3.365  -0.745  -4.184  1.00 17.95 ? 21   VAL A CG2 1 
ATOM   128  N  N   . ASP A 1 22  ? -5.285  -4.945  -5.256  1.00 19.62 ? 22   ASP A N   1 
ATOM   129  C  CA  . ASP A 1 22  ? -6.142  -6.084  -4.959  1.00 20.34 ? 22   ASP A CA  1 
ATOM   130  C  C   . ASP A 1 22  ? -5.252  -7.277  -4.888  1.00 19.61 ? 22   ASP A C   1 
ATOM   131  O  O   . ASP A 1 22  ? -5.357  -8.068  -3.977  1.00 19.76 ? 22   ASP A O   1 
ATOM   132  C  CB  . ASP A 1 22  ? -7.208  -6.281  -6.031  1.00 20.47 ? 22   ASP A CB  1 
ATOM   133  C  CG  . ASP A 1 22  ? -8.299  -5.234  -5.967  1.00 21.78 ? 22   ASP A CG  1 
ATOM   134  O  OD1 . ASP A 1 22  ? -8.675  -4.811  -4.829  1.00 22.30 ? 22   ASP A OD1 1 
ATOM   135  O  OD2 . ASP A 1 22  ? -8.837  -4.781  -7.011  1.00 20.37 ? 22   ASP A OD2 1 
ATOM   136  N  N   . THR A 1 23  ? -4.334  -7.384  -5.832  1.00 19.32 ? 23   THR A N   1 
ATOM   137  C  CA  . THR A 1 23  ? -3.368  -8.454  -5.784  1.00 18.75 ? 23   THR A CA  1 
ATOM   138  C  C   . THR A 1 23  ? -2.649  -8.430  -4.423  1.00 18.26 ? 23   THR A C   1 
ATOM   139  O  O   . THR A 1 23  ? -2.492  -9.480  -3.791  1.00 17.07 ? 23   THR A O   1 
ATOM   140  C  CB  . THR A 1 23  ? -2.288  -8.302  -6.886  1.00 19.57 ? 23   THR A CB  1 
ATOM   141  O  OG1 . THR A 1 23  ? -2.880  -8.296  -8.198  1.00 17.95 ? 23   THR A OG1 1 
ATOM   142  C  CG2 . THR A 1 23  ? -1.269  -9.512  -6.799  1.00 18.59 ? 23   THR A CG2 1 
ATOM   143  N  N   . PHE A 1 24  ? -2.219  -7.232  -3.989  1.00 17.16 ? 24   PHE A N   1 
ATOM   144  C  CA  . PHE A 1 24  ? -1.446  -7.079  -2.744  1.00 16.96 ? 24   PHE A CA  1 
ATOM   145  C  C   . PHE A 1 24  ? -2.236  -7.691  -1.565  1.00 17.46 ? 24   PHE A C   1 
ATOM   146  O  O   . PHE A 1 24  ? -1.677  -8.466  -0.777  1.00 16.50 ? 24   PHE A O   1 
ATOM   147  C  CB  . PHE A 1 24  ? -1.119  -5.587  -2.491  1.00 16.92 ? 24   PHE A CB  1 
ATOM   148  C  CG  . PHE A 1 24  ? -0.584  -5.278  -1.104  1.00 13.84 ? 24   PHE A CG  1 
ATOM   149  C  CD1 . PHE A 1 24  ? -1.322  -4.524  -0.211  1.00 11.15 ? 24   PHE A CD1 1 
ATOM   150  C  CD2 . PHE A 1 24  ? 0.676   -5.726  -0.696  1.00 12.31 ? 24   PHE A CD2 1 
ATOM   151  C  CE1 . PHE A 1 24  ? -0.817  -4.268  1.017   1.00 9.08  ? 24   PHE A CE1 1 
ATOM   152  C  CE2 . PHE A 1 24  ? 1.159   -5.429  0.511   1.00 7.26  ? 24   PHE A CE2 1 
ATOM   153  C  CZ  . PHE A 1 24  ? 0.433   -4.705  1.358   1.00 7.82  ? 24   PHE A CZ  1 
ATOM   154  N  N   . TYR A 1 25  ? -3.526  -7.343  -1.470  1.00 17.02 ? 25   TYR A N   1 
ATOM   155  C  CA  . TYR A 1 25  ? -4.362  -7.826  -0.372  1.00 18.40 ? 25   TYR A CA  1 
ATOM   156  C  C   . TYR A 1 25  ? -4.808  -9.296  -0.482  1.00 19.06 ? 25   TYR A C   1 
ATOM   157  O  O   . TYR A 1 25  ? -5.239  -9.886  0.517   1.00 19.49 ? 25   TYR A O   1 
ATOM   158  C  CB  . TYR A 1 25  ? -5.562  -6.893  -0.148  1.00 17.80 ? 25   TYR A CB  1 
ATOM   159  C  CG  . TYR A 1 25  ? -5.121  -5.615  0.504   1.00 19.27 ? 25   TYR A CG  1 
ATOM   160  C  CD1 . TYR A 1 25  ? -5.079  -4.419  -0.214  1.00 18.85 ? 25   TYR A CD1 1 
ATOM   161  C  CD2 . TYR A 1 25  ? -4.641  -5.616  1.832   1.00 18.49 ? 25   TYR A CD2 1 
ATOM   162  C  CE1 . TYR A 1 25  ? -4.637  -3.239  0.407   1.00 19.91 ? 25   TYR A CE1 1 
ATOM   163  C  CE2 . TYR A 1 25  ? -4.218  -4.478  2.437   1.00 15.53 ? 25   TYR A CE2 1 
ATOM   164  C  CZ  . TYR A 1 25  ? -4.198  -3.289  1.722   1.00 19.20 ? 25   TYR A CZ  1 
ATOM   165  O  OH  . TYR A 1 25  ? -3.762  -2.133  2.341   1.00 21.69 ? 25   TYR A OH  1 
ATOM   166  N  N   . GLU A 1 26  ? -4.726  -9.881  -1.674  1.00 19.53 ? 26   GLU A N   1 
ATOM   167  C  CA  . GLU A 1 26  ? -4.841  -11.339 -1.797  1.00 20.25 ? 26   GLU A CA  1 
ATOM   168  C  C   . GLU A 1 26  ? -3.637  -12.005 -1.122  1.00 19.71 ? 26   GLU A C   1 
ATOM   169  O  O   . GLU A 1 26  ? -3.805  -12.990 -0.459  1.00 19.87 ? 26   GLU A O   1 
ATOM   170  C  CB  . GLU A 1 26  ? -4.945  -11.778 -3.257  1.00 20.68 ? 26   GLU A CB  1 
ATOM   171  C  CG  . GLU A 1 26  ? -6.145  -11.176 -3.944  1.00 23.46 ? 26   GLU A CG  1 
ATOM   172  C  CD  . GLU A 1 26  ? -6.202  -11.421 -5.431  1.00 29.43 ? 26   GLU A CD  1 
ATOM   173  O  OE1 . GLU A 1 26  ? -7.273  -11.083 -5.999  1.00 33.33 ? 26   GLU A OE1 1 
ATOM   174  O  OE2 . GLU A 1 26  ? -5.227  -11.976 -6.015  1.00 32.72 ? 26   GLU A OE2 1 
ATOM   175  N  N   . ARG A 1 27  ? -2.443  -11.431 -1.279  1.00 19.90 ? 27   ARG A N   1 
ATOM   176  C  CA  . ARG A 1 27  ? -1.205  -11.927 -0.663  1.00 20.44 ? 27   ARG A CA  1 
ATOM   177  C  C   . ARG A 1 27  ? -1.130  -11.691 0.849   1.00 20.46 ? 27   ARG A C   1 
ATOM   178  O  O   . ARG A 1 27  ? -0.710  -12.588 1.605   1.00 20.95 ? 27   ARG A O   1 
ATOM   179  C  CB  . ARG A 1 27  ? 0.008   -11.282 -1.321  1.00 20.08 ? 27   ARG A CB  1 
ATOM   180  C  CG  . ARG A 1 27  ? 0.183   -11.560 -2.791  1.00 24.07 ? 27   ARG A CG  1 
ATOM   181  C  CD  . ARG A 1 27  ? 0.206   -13.048 -3.158  1.00 27.68 ? 27   ARG A CD  1 
ATOM   182  N  NE  . ARG A 1 27  ? 0.349   -13.250 -4.604  1.00 33.77 ? 27   ARG A NE  1 
ATOM   183  C  CZ  . ARG A 1 27  ? -0.619  -13.113 -5.505  1.00 35.02 ? 27   ARG A CZ  1 
ATOM   184  N  NH1 . ARG A 1 27  ? -1.851  -12.776 -5.133  1.00 38.40 ? 27   ARG A NH1 1 
ATOM   185  N  NH2 . ARG A 1 27  ? -0.353  -13.321 -6.794  1.00 35.73 ? 27   ARG A NH2 1 
ATOM   186  N  N   . VAL A 1 28  ? -1.488  -10.482 1.279   1.00 20.34 ? 28   VAL A N   1 
ATOM   187  C  CA  . VAL A 1 28  ? -1.642  -10.194 2.695   1.00 20.90 ? 28   VAL A CA  1 
ATOM   188  C  C   . VAL A 1 28  ? -2.596  -11.248 3.349   1.00 21.90 ? 28   VAL A C   1 
ATOM   189  O  O   . VAL A 1 28  ? -2.346  -11.724 4.457   1.00 22.25 ? 28   VAL A O   1 
ATOM   190  C  CB  . VAL A 1 28  ? -2.235  -8.788  2.929   1.00 20.31 ? 28   VAL A CB  1 
ATOM   191  C  CG1 . VAL A 1 28  ? -2.758  -8.670  4.364   1.00 21.05 ? 28   VAL A CG1 1 
ATOM   192  C  CG2 . VAL A 1 28  ? -1.206  -7.684  2.623   1.00 19.60 ? 28   VAL A CG2 1 
ATOM   193  N  N   . ALA A 1 29  ? -3.687  -11.588 2.669   1.00 22.47 ? 29   ALA A N   1 
ATOM   194  C  CA  . ALA A 1 29  ? -4.707  -12.470 3.245   1.00 23.66 ? 29   ALA A CA  1 
ATOM   195  C  C   . ALA A 1 29  ? -4.180  -13.911 3.387   1.00 24.49 ? 29   ALA A C   1 
ATOM   196  O  O   . ALA A 1 29  ? -4.643  -14.654 4.251   1.00 26.32 ? 29   ALA A O   1 
ATOM   197  C  CB  . ALA A 1 29  ? -6.007  -12.436 2.403   1.00 23.45 ? 29   ALA A CB  1 
ATOM   198  N  N   . SER A 1 30  ? -3.209  -14.285 2.554   1.00 24.08 ? 30   SER A N   1 
ATOM   199  C  CA  . SER A 1 30  ? -2.508  -15.557 2.689   1.00 24.11 ? 30   SER A CA  1 
ATOM   200  C  C   . SER A 1 30  ? -1.285  -15.484 3.594   1.00 23.91 ? 30   SER A C   1 
ATOM   201  O  O   . SER A 1 30  ? -0.712  -16.522 3.948   1.00 23.76 ? 30   SER A O   1 
ATOM   202  C  CB  . SER A 1 30  ? -2.074  -16.075 1.305   1.00 24.36 ? 30   SER A CB  1 
ATOM   203  O  OG  . SER A 1 30  ? -3.154  -16.040 0.380   1.00 25.07 ? 30   SER A OG  1 
ATOM   204  N  N   . HIS A 1 31  ? -0.845  -14.289 3.971   1.00 24.19 ? 31   HIS A N   1 
ATOM   205  C  CA  . HIS A 1 31  ? 0.405   -14.208 4.747   1.00 24.88 ? 31   HIS A CA  1 
ATOM   206  C  C   . HIS A 1 31  ? 0.161   -14.372 6.260   1.00 24.97 ? 31   HIS A C   1 
ATOM   207  O  O   . HIS A 1 31  ? -0.398  -13.458 6.895   1.00 24.05 ? 31   HIS A O   1 
ATOM   208  C  CB  . HIS A 1 31  ? 1.184   -12.918 4.467   1.00 24.93 ? 31   HIS A CB  1 
ATOM   209  C  CG  . HIS A 1 31  ? 2.625   -12.987 4.872   1.00 25.34 ? 31   HIS A CG  1 
ATOM   210  N  ND1 . HIS A 1 31  ? 3.026   -13.058 6.190   1.00 26.47 ? 31   HIS A ND1 1 
ATOM   211  C  CD2 . HIS A 1 31  ? 3.760   -13.005 4.135   1.00 26.00 ? 31   HIS A CD2 1 
ATOM   212  C  CE1 . HIS A 1 31  ? 4.345   -13.113 6.244   1.00 27.82 ? 31   HIS A CE1 1 
ATOM   213  N  NE2 . HIS A 1 31  ? 4.815   -13.075 5.010   1.00 25.44 ? 31   HIS A NE2 1 
ATOM   214  N  N   . PRO A 1 32  ? 0.595   -15.514 6.827   1.00 24.46 ? 32   PRO A N   1 
ATOM   215  C  CA  . PRO A 1 32  ? 0.303   -15.869 8.236   1.00 24.02 ? 32   PRO A CA  1 
ATOM   216  C  C   . PRO A 1 32  ? 0.705   -14.821 9.298   1.00 23.24 ? 32   PRO A C   1 
ATOM   217  O  O   . PRO A 1 32  ? 0.058   -14.722 10.336  1.00 22.16 ? 32   PRO A O   1 
ATOM   218  C  CB  . PRO A 1 32  ? 1.089   -17.198 8.438   1.00 24.08 ? 32   PRO A CB  1 
ATOM   219  C  CG  . PRO A 1 32  ? 2.088   -17.218 7.334   1.00 24.94 ? 32   PRO A CG  1 
ATOM   220  C  CD  . PRO A 1 32  ? 1.415   -16.547 6.175   1.00 24.60 ? 32   PRO A CD  1 
ATOM   221  N  N   . LEU A 1 33  ? 1.726   -14.016 9.037   1.00 22.54 ? 33   LEU A N   1 
ATOM   222  C  CA  . LEU A 1 33  ? 2.089   -12.953 9.984   1.00 22.19 ? 33   LEU A CA  1 
ATOM   223  C  C   . LEU A 1 33  ? 1.152   -11.708 9.896   1.00 22.33 ? 33   LEU A C   1 
ATOM   224  O  O   . LEU A 1 33  ? 0.922   -11.018 10.886  1.00 21.49 ? 33   LEU A O   1 
ATOM   225  C  CB  . LEU A 1 33  ? 3.565   -12.582 9.775   1.00 22.11 ? 33   LEU A CB  1 
ATOM   226  C  CG  . LEU A 1 33  ? 4.278   -11.700 10.808  1.00 21.54 ? 33   LEU A CG  1 
ATOM   227  C  CD1 . LEU A 1 33  ? 4.640   -12.488 12.101  1.00 21.15 ? 33   LEU A CD1 1 
ATOM   228  C  CD2 . LEU A 1 33  ? 5.489   -11.050 10.218  1.00 19.08 ? 33   LEU A CD2 1 
ATOM   229  N  N   . LEU A 1 34  ? 0.601   -11.429 8.714   1.00 22.68 ? 34   LEU A N   1 
ATOM   230  C  CA  . LEU A 1 34  ? -0.242  -10.237 8.517   1.00 22.37 ? 34   LEU A CA  1 
ATOM   231  C  C   . LEU A 1 34  ? -1.746  -10.462 8.615   1.00 22.88 ? 34   LEU A C   1 
ATOM   232  O  O   . LEU A 1 34  ? -2.467  -9.650  9.185   1.00 21.88 ? 34   LEU A O   1 
ATOM   233  C  CB  . LEU A 1 34  ? 0.083   -9.595  7.168   1.00 22.15 ? 34   LEU A CB  1 
ATOM   234  C  CG  . LEU A 1 34  ? 1.554   -9.217  6.927   1.00 20.95 ? 34   LEU A CG  1 
ATOM   235  C  CD1 . LEU A 1 34  ? 1.712   -8.748  5.486   1.00 20.69 ? 34   LEU A CD1 1 
ATOM   236  C  CD2 . LEU A 1 34  ? 2.042   -8.126  7.914   1.00 19.36 ? 34   LEU A CD2 1 
ATOM   237  N  N   . LYS A 1 35  ? -2.241  -11.551 8.040   1.00 24.30 ? 35   LYS A N   1 
ATOM   238  C  CA  . LYS A 1 35  ? -3.696  -11.824 8.018   1.00 25.30 ? 35   LYS A CA  1 
ATOM   239  C  C   . LYS A 1 35  ? -4.388  -11.556 9.400   1.00 26.15 ? 35   LYS A C   1 
ATOM   240  O  O   . LYS A 1 35  ? -5.440  -10.883 9.439   1.00 26.88 ? 35   LYS A O   1 
ATOM   241  C  CB  . LYS A 1 35  ? -3.960  -13.245 7.478   1.00 25.50 ? 35   LYS A CB  1 
ATOM   242  C  CG  . LYS A 1 35  ? -5.435  -13.641 7.224   1.00 27.34 ? 35   LYS A CG  1 
ATOM   243  C  CD  . LYS A 1 35  ? -5.631  -15.178 7.147   1.00 27.66 ? 35   LYS A CD  1 
ATOM   244  C  CE  . LYS A 1 35  ? -6.936  -15.583 6.439   1.00 30.78 ? 35   LYS A CE  1 
ATOM   245  N  NZ  . LYS A 1 35  ? -6.721  -16.195 5.050   1.00 33.80 ? 35   LYS A NZ  1 
ATOM   246  N  N   . PRO A 1 36  ? -3.797  -12.036 10.514  1.00 26.53 ? 36   PRO A N   1 
ATOM   247  C  CA  . PRO A 1 36  ? -4.347  -11.802 11.874  1.00 26.07 ? 36   PRO A CA  1 
ATOM   248  C  C   . PRO A 1 36  ? -4.579  -10.360 12.298  1.00 24.90 ? 36   PRO A C   1 
ATOM   249  O  O   . PRO A 1 36  ? -5.565  -10.109 13.001  1.00 26.20 ? 36   PRO A O   1 
ATOM   250  C  CB  . PRO A 1 36  ? -3.295  -12.432 12.793  1.00 26.75 ? 36   PRO A CB  1 
ATOM   251  C  CG  . PRO A 1 36  ? -2.592  -13.443 11.944  1.00 27.21 ? 36   PRO A CG  1 
ATOM   252  C  CD  . PRO A 1 36  ? -2.595  -12.897 10.551  1.00 26.35 ? 36   PRO A CD  1 
ATOM   253  N  N   . ILE A 1 37  ? -3.688  -9.425  11.921  1.00 22.26 ? 37   ILE A N   1 
ATOM   254  C  CA  . ILE A 1 37  ? -3.826  -8.031  12.356  1.00 20.66 ? 37   ILE A CA  1 
ATOM   255  C  C   . ILE A 1 37  ? -4.647  -7.144  11.417  1.00 22.13 ? 37   ILE A C   1 
ATOM   256  O  O   . ILE A 1 37  ? -5.072  -6.008  11.807  1.00 23.59 ? 37   ILE A O   1 
ATOM   257  C  CB  . ILE A 1 37  ? -2.488  -7.425  12.668  1.00 20.68 ? 37   ILE A CB  1 
ATOM   258  C  CG1 . ILE A 1 37  ? -1.612  -7.279  11.439  1.00 19.54 ? 37   ILE A CG1 1 
ATOM   259  C  CG2 . ILE A 1 37  ? -1.776  -8.302  13.716  1.00 20.67 ? 37   ILE A CG2 1 
ATOM   260  C  CD1 . ILE A 1 37  ? -0.411  -6.416  11.755  1.00 22.25 ? 37   ILE A CD1 1 
ATOM   261  N  N   . PHE A 1 38  ? -4.914  -7.662  10.219  1.00 22.72 ? 38   PHE A N   1 
ATOM   262  C  CA  . PHE A 1 38  ? -5.845  -7.002  9.316   1.00 22.76 ? 38   PHE A CA  1 
ATOM   263  C  C   . PHE A 1 38  ? -7.262  -7.435  9.605   1.00 23.11 ? 38   PHE A C   1 
ATOM   264  O  O   . PHE A 1 38  ? -7.490  -8.422  10.267  1.00 23.38 ? 38   PHE A O   1 
ATOM   265  C  CB  . PHE A 1 38  ? -5.481  -7.345  7.880   1.00 22.41 ? 38   PHE A CB  1 
ATOM   266  C  CG  . PHE A 1 38  ? -4.384  -6.485  7.337   1.00 24.49 ? 38   PHE A CG  1 
ATOM   267  C  CD1 . PHE A 1 38  ? -4.676  -5.238  6.801   1.00 24.68 ? 38   PHE A CD1 1 
ATOM   268  C  CD2 . PHE A 1 38  ? -3.064  -6.891  7.411   1.00 26.19 ? 38   PHE A CD2 1 
ATOM   269  C  CE1 . PHE A 1 38  ? -3.686  -4.450  6.324   1.00 24.80 ? 38   PHE A CE1 1 
ATOM   270  C  CE2 . PHE A 1 38  ? -2.065  -6.088  6.926   1.00 26.23 ? 38   PHE A CE2 1 
ATOM   271  C  CZ  . PHE A 1 38  ? -2.388  -4.860  6.377   1.00 24.79 ? 38   PHE A CZ  1 
ATOM   272  N  N   . PRO A 1 39  ? -8.248  -6.689  9.131   1.00 23.66 ? 39   PRO A N   1 
ATOM   273  C  CA  . PRO A 1 39  ? -9.609  -7.213  9.025   1.00 23.38 ? 39   PRO A CA  1 
ATOM   274  C  C   . PRO A 1 39  ? -9.705  -8.553  8.268   1.00 23.98 ? 39   PRO A C   1 
ATOM   275  O  O   . PRO A 1 39  ? -8.924  -8.836  7.350   1.00 23.33 ? 39   PRO A O   1 
ATOM   276  C  CB  . PRO A 1 39  ? -10.350 -6.102  8.254   1.00 23.60 ? 39   PRO A CB  1 
ATOM   277  C  CG  . PRO A 1 39  ? -9.579  -4.777  8.593   1.00 23.84 ? 39   PRO A CG  1 
ATOM   278  C  CD  . PRO A 1 39  ? -8.153  -5.243  8.782   1.00 24.19 ? 39   PRO A CD  1 
ATOM   279  N  N   . SER A 1 40  ? -10.692 -9.357  8.658   1.00 23.88 ? 40   SER A N   1 
ATOM   280  C  CA  . SER A 1 40  ? -11.008 -10.611 8.005   1.00 24.34 ? 40   SER A CA  1 
ATOM   281  C  C   . SER A 1 40  ? -11.501 -10.377 6.572   1.00 24.51 ? 40   SER A C   1 
ATOM   282  O  O   . SER A 1 40  ? -11.027 -11.031 5.627   1.00 23.89 ? 40   SER A O   1 
ATOM   283  C  CB  . SER A 1 40  ? -12.022 -11.357 8.864   1.00 24.81 ? 40   SER A CB  1 
ATOM   284  O  OG  . SER A 1 40  ? -11.357 -11.871 10.025  1.00 26.94 ? 40   SER A OG  1 
ATOM   285  N  N   . ASP A 1 41  ? -12.402 -9.395  6.430   1.00 24.76 ? 41   ASP A N   1 
ATOM   286  C  CA  . ASP A 1 41  ? -12.797 -8.819  5.149   1.00 24.78 ? 41   ASP A CA  1 
ATOM   287  C  C   . ASP A 1 41  ? -11.902 -7.614  4.839   1.00 24.56 ? 41   ASP A C   1 
ATOM   288  O  O   . ASP A 1 41  ? -11.924 -6.609  5.557   1.00 25.24 ? 41   ASP A O   1 
ATOM   289  C  CB  . ASP A 1 41  ? -14.267 -8.364  5.220   1.00 25.33 ? 41   ASP A CB  1 
ATOM   290  C  CG  . ASP A 1 41  ? -14.973 -8.337  3.851   1.00 26.35 ? 41   ASP A CG  1 
ATOM   291  O  OD1 . ASP A 1 41  ? -14.494 -7.668  2.914   1.00 27.86 ? 41   ASP A OD1 1 
ATOM   292  O  OD2 . ASP A 1 41  ? -16.056 -8.921  3.640   1.00 31.39 ? 41   ASP A OD2 1 
ATOM   293  N  N   . LEU A 1 42  ? -11.127 -7.710  3.761   1.00 24.20 ? 42   LEU A N   1 
ATOM   294  C  CA  . LEU A 1 42  ? -10.248 -6.624  3.318   1.00 23.56 ? 42   LEU A CA  1 
ATOM   295  C  C   . LEU A 1 42  ? -10.875 -5.715  2.237   1.00 23.04 ? 42   LEU A C   1 
ATOM   296  O  O   . LEU A 1 42  ? -10.187 -4.883  1.682   1.00 22.08 ? 42   LEU A O   1 
ATOM   297  C  CB  . LEU A 1 42  ? -8.936  -7.187  2.787   1.00 22.66 ? 42   LEU A CB  1 
ATOM   298  C  CG  . LEU A 1 42  ? -8.131  -7.947  3.812   1.00 22.73 ? 42   LEU A CG  1 
ATOM   299  C  CD1 . LEU A 1 42  ? -7.243  -8.989  3.127   1.00 21.01 ? 42   LEU A CD1 1 
ATOM   300  C  CD2 . LEU A 1 42  ? -7.349  -6.967  4.674   1.00 23.43 ? 42   LEU A CD2 1 
ATOM   301  N  N   . THR A 1 43  ? -12.162 -5.885  1.950   1.00 23.61 ? 43   THR A N   1 
ATOM   302  C  CA  . THR A 1 43  ? -12.840 -5.085  0.913   1.00 23.61 ? 43   THR A CA  1 
ATOM   303  C  C   . THR A 1 43  ? -12.630 -3.564  1.114   1.00 23.83 ? 43   THR A C   1 
ATOM   304  O  O   . THR A 1 43  ? -12.284 -2.853  0.159   1.00 23.96 ? 43   THR A O   1 
ATOM   305  C  CB  . THR A 1 43  ? -14.351 -5.444  0.842   1.00 23.77 ? 43   THR A CB  1 
ATOM   306  O  OG1 . THR A 1 43  ? -14.506 -6.828  0.501   1.00 25.77 ? 43   THR A OG1 1 
ATOM   307  C  CG2 . THR A 1 43  ? -15.106 -4.676  -0.326  1.00 24.10 ? 43   THR A CG2 1 
ATOM   308  N  N   . GLU A 1 44  ? -12.806 -3.080  2.348   1.00 23.66 ? 44   GLU A N   1 
ATOM   309  C  CA  . GLU A 1 44  ? -12.696 -1.639  2.636   1.00 23.47 ? 44   GLU A CA  1 
ATOM   310  C  C   . GLU A 1 44  ? -11.254 -1.165  2.683   1.00 22.54 ? 44   GLU A C   1 
ATOM   311  O  O   . GLU A 1 44  ? -10.953 -0.083  2.166   1.00 22.92 ? 44   GLU A O   1 
ATOM   312  C  CB  . GLU A 1 44  ? -13.446 -1.230  3.929   1.00 23.54 ? 44   GLU A CB  1 
ATOM   313  C  CG  . GLU A 1 44  ? -14.983 -1.272  3.862   1.00 26.38 ? 44   GLU A CG  1 
ATOM   314  C  CD  . GLU A 1 44  ? -15.603 -0.603  2.618   1.00 29.93 ? 44   GLU A CD  1 
ATOM   315  O  OE1 . GLU A 1 44  ? -16.449 -1.240  1.920   1.00 34.65 ? 44   GLU A OE1 1 
ATOM   316  O  OE2 . GLU A 1 44  ? -15.259 0.569   2.329   1.00 30.56 ? 44   GLU A OE2 1 
ATOM   317  N  N   . THR A 1 45  ? -10.360 -1.945  3.306   1.00 21.96 ? 45   THR A N   1 
ATOM   318  C  CA  . THR A 1 45  ? -8.922  -1.597  3.331   1.00 20.51 ? 45   THR A CA  1 
ATOM   319  C  C   . THR A 1 45  ? -8.369  -1.352  1.912   1.00 20.49 ? 45   THR A C   1 
ATOM   320  O  O   . THR A 1 45  ? -7.769  -0.317  1.627   1.00 20.32 ? 45   THR A O   1 
ATOM   321  C  CB  . THR A 1 45  ? -8.103  -2.689  3.996   1.00 20.43 ? 45   THR A CB  1 
ATOM   322  O  OG1 . THR A 1 45  ? -8.621  -2.999  5.306   1.00 18.12 ? 45   THR A OG1 1 
ATOM   323  C  CG2 . THR A 1 45  ? -6.660  -2.208  4.261   1.00 19.07 ? 45   THR A CG2 1 
ATOM   324  N  N   . ALA A 1 46  ? -8.600  -2.293  1.019   1.00 20.22 ? 46   ALA A N   1 
ATOM   325  C  CA  . ALA A 1 46  ? -8.178  -2.126  -0.366  1.00 20.84 ? 46   ALA A CA  1 
ATOM   326  C  C   . ALA A 1 46  ? -8.761  -0.856  -1.047  1.00 20.56 ? 46   ALA A C   1 
ATOM   327  O  O   . ALA A 1 46  ? -8.064  -0.190  -1.809  1.00 20.03 ? 46   ALA A O   1 
ATOM   328  C  CB  . ALA A 1 46  ? -8.491  -3.371  -1.146  1.00 20.55 ? 46   ALA A CB  1 
ATOM   329  N  N   . ARG A 1 47  ? -10.004 -0.503  -0.725  1.00 20.81 ? 47   ARG A N   1 
ATOM   330  C  CA  . ARG A 1 47  ? -10.651 0.680   -1.296  1.00 21.85 ? 47   ARG A CA  1 
ATOM   331  C  C   . ARG A 1 47  ? -9.932  1.947   -0.836  1.00 22.04 ? 47   ARG A C   1 
ATOM   332  O  O   . ARG A 1 47  ? -9.706  2.855   -1.632  1.00 22.32 ? 47   ARG A O   1 
ATOM   333  C  CB  . ARG A 1 47  ? -12.137 0.755   -0.885  1.00 22.56 ? 47   ARG A CB  1 
ATOM   334  C  CG  . ARG A 1 47  ? -13.026 1.686   -1.732  1.00 24.81 ? 47   ARG A CG  1 
ATOM   335  C  CD  . ARG A 1 47  ? -14.493 1.865   -1.204  1.00 27.42 ? 47   ARG A CD  1 
ATOM   336  N  NE  . ARG A 1 47  ? -14.482 2.482   0.122   1.00 31.99 ? 47   ARG A NE  1 
ATOM   337  C  CZ  . ARG A 1 47  ? -14.389 3.790   0.368   1.00 36.20 ? 47   ARG A CZ  1 
ATOM   338  N  NH1 . ARG A 1 47  ? -14.338 4.229   1.627   1.00 39.11 ? 47   ARG A NH1 1 
ATOM   339  N  NH2 . ARG A 1 47  ? -14.364 4.662   -0.626  1.00 37.88 ? 47   ARG A NH2 1 
ATOM   340  N  N   . LYS A 1 48  ? -9.557  1.966   0.445   1.00 21.64 ? 48   LYS A N   1 
ATOM   341  C  CA  . LYS A 1 48  ? -8.837  3.055   1.071   1.00 21.76 ? 48   LYS A CA  1 
ATOM   342  C  C   . LYS A 1 48  ? -7.346  3.161   0.696   1.00 21.77 ? 48   LYS A C   1 
ATOM   343  O  O   . LYS A 1 48  ? -6.808  4.244   0.656   1.00 21.09 ? 48   LYS A O   1 
ATOM   344  C  CB  . LYS A 1 48  ? -9.040  2.964   2.600   1.00 21.84 ? 48   LYS A CB  1 
ATOM   345  C  CG  . LYS A 1 48  ? -10.506 3.104   2.961   1.00 20.91 ? 48   LYS A CG  1 
ATOM   346  C  CD  . LYS A 1 48  ? -10.872 3.274   4.445   1.00 24.48 ? 48   LYS A CD  1 
ATOM   347  C  CE  . LYS A 1 48  ? -9.929  2.627   5.438   1.00 27.17 ? 48   LYS A CE  1 
ATOM   348  N  NZ  . LYS A 1 48  ? -10.392 2.813   6.899   1.00 27.65 ? 48   LYS A NZ  1 
ATOM   349  N  N   . GLN A 1 49  ? -6.695  2.035   0.400   1.00 22.24 ? 49   GLN A N   1 
ATOM   350  C  CA  . GLN A 1 49  ? -5.316  2.040   -0.066  1.00 21.88 ? 49   GLN A CA  1 
ATOM   351  C  C   . GLN A 1 49  ? -5.260  2.567   -1.499  1.00 21.91 ? 49   GLN A C   1 
ATOM   352  O  O   . GLN A 1 49  ? -4.264  3.143   -1.880  1.00 21.87 ? 49   GLN A O   1 
ATOM   353  C  CB  . GLN A 1 49  ? -4.720  0.629   0.003   1.00 21.79 ? 49   GLN A CB  1 
ATOM   354  C  CG  . GLN A 1 49  ? -3.227  0.563   -0.301  1.00 23.68 ? 49   GLN A CG  1 
ATOM   355  C  CD  . GLN A 1 49  ? -2.350  1.016   0.842   1.00 23.76 ? 49   GLN A CD  1 
ATOM   356  O  OE1 . GLN A 1 49  ? -1.973  0.199   1.675   1.00 25.08 ? 49   GLN A OE1 1 
ATOM   357  N  NE2 . GLN A 1 49  ? -2.053  2.308   0.906   1.00 21.90 ? 49   GLN A NE2 1 
ATOM   358  N  N   . LYS A 1 50  ? -6.320  2.391   -2.283  1.00 21.88 ? 50   LYS A N   1 
ATOM   359  C  CA  . LYS A 1 50  ? -6.322  2.843   -3.672  1.00 22.27 ? 50   LYS A CA  1 
ATOM   360  C  C   . LYS A 1 50  ? -6.430  4.351   -3.647  1.00 22.99 ? 50   LYS A C   1 
ATOM   361  O  O   . LYS A 1 50  ? -5.634  5.050   -4.268  1.00 24.43 ? 50   LYS A O   1 
ATOM   362  C  CB  . LYS A 1 50  ? -7.467  2.204   -4.510  1.00 22.21 ? 50   LYS A CB  1 
ATOM   363  C  CG  . LYS A 1 50  ? -7.245  0.681   -4.885  1.00 22.91 ? 50   LYS A CG  1 
ATOM   364  C  CD  . LYS A 1 50  ? -8.552  -0.034  -5.465  1.00 22.85 ? 50   LYS A CD  1 
ATOM   365  C  CE  . LYS A 1 50  ? -8.487  -1.573  -5.317  1.00 23.93 ? 50   LYS A CE  1 
ATOM   366  N  NZ  . LYS A 1 50  ? -9.520  -2.341  -6.106  1.00 24.11 ? 50   LYS A NZ  1 
ATOM   367  N  N   . GLN A 1 51  ? -7.405  4.865   -2.918  1.00 22.90 ? 51   GLN A N   1 
ATOM   368  C  CA  . GLN A 1 51  ? -7.453  6.286   -2.649  1.00 22.66 ? 51   GLN A CA  1 
ATOM   369  C  C   . GLN A 1 51  ? -6.095  6.774   -2.128  1.00 22.33 ? 51   GLN A C   1 
ATOM   370  O  O   . GLN A 1 51  ? -5.530  7.786   -2.602  1.00 21.45 ? 51   GLN A O   1 
ATOM   371  C  CB  . GLN A 1 51  ? -8.476  6.578   -1.574  1.00 22.68 ? 51   GLN A CB  1 
ATOM   372  C  CG  . GLN A 1 51  ? -9.867  6.188   -1.870  1.00 23.21 ? 51   GLN A CG  1 
ATOM   373  C  CD  . GLN A 1 51  ? -10.722 6.289   -0.627  1.00 25.83 ? 51   GLN A CD  1 
ATOM   374  O  OE1 . GLN A 1 51  ? -10.241 6.039   0.507   1.00 27.45 ? 51   GLN A OE1 1 
ATOM   375  N  NE2 . GLN A 1 51  ? -11.970 6.663   -0.810  1.00 25.09 ? 51   GLN A NE2 1 
ATOM   376  N  N   . PHE A 1 52  ? -5.565  6.090   -1.114  1.00 21.45 ? 52   PHE A N   1 
ATOM   377  C  CA  . PHE A 1 52  ? -4.325  6.609   -0.533  1.00 20.53 ? 52   PHE A CA  1 
ATOM   378  C  C   . PHE A 1 52  ? -3.210  6.573   -1.548  1.00 19.93 ? 52   PHE A C   1 
ATOM   379  O  O   . PHE A 1 52  ? -2.509  7.564   -1.693  1.00 20.05 ? 52   PHE A O   1 
ATOM   380  C  CB  . PHE A 1 52  ? -3.875  5.899   0.724   1.00 20.61 ? 52   PHE A CB  1 
ATOM   381  C  CG  . PHE A 1 52  ? -2.586  6.419   1.234   1.00 19.23 ? 52   PHE A CG  1 
ATOM   382  C  CD1 . PHE A 1 52  ? -2.546  7.574   1.992   1.00 22.11 ? 52   PHE A CD1 1 
ATOM   383  C  CD2 . PHE A 1 52  ? -1.416  5.821   0.891   1.00 19.34 ? 52   PHE A CD2 1 
ATOM   384  C  CE1 . PHE A 1 52  ? -1.336  8.096   2.425   1.00 19.94 ? 52   PHE A CE1 1 
ATOM   385  C  CE2 . PHE A 1 52  ? -0.226  6.327   1.327   1.00 20.46 ? 52   PHE A CE2 1 
ATOM   386  C  CZ  . PHE A 1 52  ? -0.201  7.482   2.090   1.00 21.83 ? 52   PHE A CZ  1 
ATOM   387  N  N   . LEU A 1 53  ? -3.036  5.448   -2.252  1.00 18.39 ? 53   LEU A N   1 
ATOM   388  C  CA  . LEU A 1 53  ? -1.907  5.365   -3.187  1.00 18.43 ? 53   LEU A CA  1 
ATOM   389  C  C   . LEU A 1 53  ? -2.032  6.359   -4.379  1.00 17.91 ? 53   LEU A C   1 
ATOM   390  O  O   . LEU A 1 53  ? -1.033  6.833   -4.934  1.00 17.46 ? 53   LEU A O   1 
ATOM   391  C  CB  . LEU A 1 53  ? -1.667  3.928   -3.625  1.00 18.19 ? 53   LEU A CB  1 
ATOM   392  C  CG  . LEU A 1 53  ? -1.144  2.960   -2.530  1.00 18.04 ? 53   LEU A CG  1 
ATOM   393  C  CD1 . LEU A 1 53  ? -1.050  1.593   -3.131  1.00 20.70 ? 53   LEU A CD1 1 
ATOM   394  C  CD2 . LEU A 1 53  ? 0.196   3.344   -1.921  1.00 17.96 ? 53   LEU A CD2 1 
ATOM   395  N  N   . THR A 1 54  ? -3.261  6.694   -4.732  1.00 18.32 ? 54   THR A N   1 
ATOM   396  C  CA  . THR A 1 54  ? -3.529  7.715   -5.725  1.00 18.68 ? 54   THR A CA  1 
ATOM   397  C  C   . THR A 1 54  ? -2.927  9.042   -5.281  1.00 19.50 ? 54   THR A C   1 
ATOM   398  O  O   . THR A 1 54  ? -2.209  9.688   -6.031  1.00 20.19 ? 54   THR A O   1 
ATOM   399  C  CB  . THR A 1 54  ? -5.027  7.874   -5.938  1.00 18.27 ? 54   THR A CB  1 
ATOM   400  O  OG1 . THR A 1 54  ? -5.604  6.666   -6.471  1.00 17.67 ? 54   THR A OG1 1 
ATOM   401  C  CG2 . THR A 1 54  ? -5.296  8.902   -7.027  1.00 18.33 ? 54   THR A CG2 1 
ATOM   402  N  N   . GLN A 1 55  ? -3.241  9.449   -4.056  1.00 19.79 ? 55   GLN A N   1 
ATOM   403  C  CA  . GLN A 1 55  ? -2.707  10.678  -3.440  1.00 19.99 ? 55   GLN A CA  1 
ATOM   404  C  C   . GLN A 1 55  ? -1.167  10.672  -3.314  1.00 20.35 ? 55   GLN A C   1 
ATOM   405  O  O   . GLN A 1 55  ? -0.490  11.645  -3.615  1.00 19.81 ? 55   GLN A O   1 
ATOM   406  C  CB  . GLN A 1 55  ? -3.351  10.793  -2.076  1.00 20.59 ? 55   GLN A CB  1 
ATOM   407  C  CG  . GLN A 1 55  ? -3.197  12.098  -1.311  1.00 22.44 ? 55   GLN A CG  1 
ATOM   408  C  CD  . GLN A 1 55  ? -4.120  12.082  -0.124  1.00 23.43 ? 55   GLN A CD  1 
ATOM   409  O  OE1 . GLN A 1 55  ? -5.328  12.176  -0.290  1.00 25.22 ? 55   GLN A OE1 1 
ATOM   410  N  NE2 . GLN A 1 55  ? -3.568  11.919  1.067   1.00 25.25 ? 55   GLN A NE2 1 
ATOM   411  N  N   . TYR A 1 56  ? -0.634  9.510   -2.945  1.00 21.02 ? 56   TYR A N   1 
ATOM   412  C  CA  . TYR A 1 56  ? 0.774   9.285   -2.626  1.00 20.93 ? 56   TYR A CA  1 
ATOM   413  C  C   . TYR A 1 56  ? 1.635   9.386   -3.879  1.00 20.72 ? 56   TYR A C   1 
ATOM   414  O  O   . TYR A 1 56  ? 2.860   9.636   -3.794  1.00 19.46 ? 56   TYR A O   1 
ATOM   415  C  CB  . TYR A 1 56  ? 0.851   7.872   -2.054  1.00 20.99 ? 56   TYR A CB  1 
ATOM   416  C  CG  . TYR A 1 56  ? 2.123   7.333   -1.448  1.00 20.21 ? 56   TYR A CG  1 
ATOM   417  C  CD1 . TYR A 1 56  ? 2.753   6.253   -2.023  1.00 21.05 ? 56   TYR A CD1 1 
ATOM   418  C  CD2 . TYR A 1 56  ? 2.619   7.783   -0.237  1.00 23.40 ? 56   TYR A CD2 1 
ATOM   419  C  CE1 . TYR A 1 56  ? 3.850   5.670   -1.454  1.00 19.48 ? 56   TYR A CE1 1 
ATOM   420  C  CE2 . TYR A 1 56  ? 3.769   7.176   0.358   1.00 20.84 ? 56   TYR A CE2 1 
ATOM   421  C  CZ  . TYR A 1 56  ? 4.339   6.110   -0.261  1.00 18.16 ? 56   TYR A CZ  1 
ATOM   422  O  OH  . TYR A 1 56  ? 5.460   5.506   0.245   1.00 20.49 ? 56   TYR A OH  1 
ATOM   423  N  N   . LEU A 1 57  ? 0.984   9.158   -5.023  1.00 20.87 ? 57   LEU A N   1 
ATOM   424  C  CA  . LEU A 1 57  ? 1.639   9.199   -6.330  1.00 21.56 ? 57   LEU A CA  1 
ATOM   425  C  C   . LEU A 1 57  ? 1.374   10.543  -7.037  1.00 21.99 ? 57   LEU A C   1 
ATOM   426  O  O   . LEU A 1 57  ? 1.550   10.645  -8.237  1.00 21.97 ? 57   LEU A O   1 
ATOM   427  C  CB  . LEU A 1 57  ? 1.162   8.022   -7.216  1.00 21.22 ? 57   LEU A CB  1 
ATOM   428  C  CG  . LEU A 1 57  ? 1.698   6.650   -6.827  1.00 22.90 ? 57   LEU A CG  1 
ATOM   429  C  CD1 . LEU A 1 57  ? 0.877   5.535   -7.457  1.00 22.09 ? 57   LEU A CD1 1 
ATOM   430  C  CD2 . LEU A 1 57  ? 3.195   6.531   -7.179  1.00 24.00 ? 57   LEU A CD2 1 
ATOM   431  N  N   . GLY A 1 58  ? 0.974   11.566  -6.282  1.00 23.15 ? 58   GLY A N   1 
ATOM   432  C  CA  . GLY A 1 58  ? 0.708   12.891  -6.823  1.00 23.88 ? 58   GLY A CA  1 
ATOM   433  C  C   . GLY A 1 58  ? -0.602  13.081  -7.581  1.00 24.06 ? 58   GLY A C   1 
ATOM   434  O  O   . GLY A 1 58  ? -0.829  14.135  -8.164  1.00 24.54 ? 58   GLY A O   1 
ATOM   435  N  N   . GLY A 1 59  ? -1.461  12.069  -7.586  1.00 24.58 ? 59   GLY A N   1 
ATOM   436  C  CA  . GLY A 1 59  ? -2.758  12.173  -8.210  1.00 24.45 ? 59   GLY A CA  1 
ATOM   437  C  C   . GLY A 1 59  ? -3.680  12.958  -7.317  1.00 24.32 ? 59   GLY A C   1 
ATOM   438  O  O   . GLY A 1 59  ? -3.209  13.568  -6.391  1.00 24.00 ? 59   GLY A O   1 
ATOM   439  N  N   . PRO A 1 60  ? -4.997  12.914  -7.550  1.00 25.04 ? 60   PRO A N   1 
ATOM   440  C  CA  . PRO A 1 60  ? -5.923  13.645  -6.680  1.00 25.16 ? 60   PRO A CA  1 
ATOM   441  C  C   . PRO A 1 60  ? -5.802  13.147  -5.241  1.00 24.88 ? 60   PRO A C   1 
ATOM   442  O  O   . PRO A 1 60  ? -5.497  11.985  -5.046  1.00 24.76 ? 60   PRO A O   1 
ATOM   443  C  CB  . PRO A 1 60  ? -7.316  13.354  -7.277  1.00 25.44 ? 60   PRO A CB  1 
ATOM   444  C  CG  . PRO A 1 60  ? -7.152  12.227  -8.247  1.00 25.55 ? 60   PRO A CG  1 
ATOM   445  C  CD  . PRO A 1 60  ? -5.694  12.185  -8.619  1.00 25.33 ? 60   PRO A CD  1 
ATOM   446  N  N   . PRO A 1 61  ? -5.980  14.020  -4.257  1.00 25.40 ? 61   PRO A N   1 
ATOM   447  C  CA  . PRO A 1 61  ? -5.995  13.598  -2.855  1.00 25.42 ? 61   PRO A CA  1 
ATOM   448  C  C   . PRO A 1 61  ? -7.305  12.930  -2.447  1.00 25.63 ? 61   PRO A C   1 
ATOM   449  O  O   . PRO A 1 61  ? -8.040  13.468  -1.615  1.00 24.92 ? 61   PRO A O   1 
ATOM   450  C  CB  . PRO A 1 61  ? -5.759  14.911  -2.092  1.00 25.33 ? 61   PRO A CB  1 
ATOM   451  C  CG  . PRO A 1 61  ? -6.352  15.957  -2.978  1.00 25.10 ? 61   PRO A CG  1 
ATOM   452  C  CD  . PRO A 1 61  ? -6.119  15.482  -4.390  1.00 25.22 ? 61   PRO A CD  1 
ATOM   453  N  N   . LEU A 1 62  ? -7.539  11.733  -2.995  1.00 26.68 ? 62   LEU A N   1 
ATOM   454  C  CA  . LEU A 1 62  ? -8.768  10.966  -2.777  1.00 27.25 ? 62   LEU A CA  1 
ATOM   455  C  C   . LEU A 1 62  ? -8.934  10.604  -1.321  1.00 27.03 ? 62   LEU A C   1 
ATOM   456  O  O   . LEU A 1 62  ? -10.062 10.586  -0.810  1.00 26.48 ? 62   LEU A O   1 
ATOM   457  C  CB  . LEU A 1 62  ? -8.765  9.660   -3.578  1.00 28.23 ? 62   LEU A CB  1 
ATOM   458  C  CG  . LEU A 1 62  ? -9.578  9.541   -4.878  1.00 29.72 ? 62   LEU A CG  1 
ATOM   459  C  CD1 . LEU A 1 62  ? -8.675  9.214   -6.037  1.00 28.36 ? 62   LEU A CD1 1 
ATOM   460  C  CD2 . LEU A 1 62  ? -10.679 8.462   -4.714  1.00 31.86 ? 62   LEU A CD2 1 
ATOM   461  N  N   . TYR A 1 63  ? -7.808  10.311  -0.668  1.00 26.69 ? 63   TYR A N   1 
ATOM   462  C  CA  . TYR A 1 63  ? -7.808  9.823   0.698   1.00 26.91 ? 63   TYR A CA  1 
ATOM   463  C  C   . TYR A 1 63  ? -8.220  10.889  1.738   1.00 27.38 ? 63   TYR A C   1 
ATOM   464  O  O   . TYR A 1 63  ? -9.149  10.666  2.520   1.00 26.02 ? 63   TYR A O   1 
ATOM   465  C  CB  . TYR A 1 63  ? -6.452  9.214   1.060   1.00 26.68 ? 63   TYR A CB  1 
ATOM   466  C  CG  . TYR A 1 63  ? -6.507  8.577   2.434   1.00 27.93 ? 63   TYR A CG  1 
ATOM   467  C  CD1 . TYR A 1 63  ? -6.871  7.253   2.589   1.00 27.11 ? 63   TYR A CD1 1 
ATOM   468  C  CD2 . TYR A 1 63  ? -6.234  9.321   3.585   1.00 27.70 ? 63   TYR A CD2 1 
ATOM   469  C  CE1 . TYR A 1 63  ? -6.946  6.676   3.852   1.00 28.04 ? 63   TYR A CE1 1 
ATOM   470  C  CE2 . TYR A 1 63  ? -6.306  8.753   4.833   1.00 30.19 ? 63   TYR A CE2 1 
ATOM   471  C  CZ  . TYR A 1 63  ? -6.669  7.425   4.962   1.00 29.12 ? 63   TYR A CZ  1 
ATOM   472  O  OH  . TYR A 1 63  ? -6.756  6.860   6.214   1.00 32.84 ? 63   TYR A OH  1 
ATOM   473  N  N   . THR A 1 64  ? -7.507  12.014  1.742   1.00 28.00 ? 64   THR A N   1 
ATOM   474  C  CA  . THR A 1 64  ? -7.826  13.189  2.563   1.00 29.03 ? 64   THR A CA  1 
ATOM   475  C  C   . THR A 1 64  ? -9.277  13.642  2.331   1.00 30.04 ? 64   THR A C   1 
ATOM   476  O  O   . THR A 1 64  ? -10.103 13.721  3.241   1.00 29.55 ? 64   THR A O   1 
ATOM   477  C  CB  . THR A 1 64  ? -6.825  14.329  2.213   1.00 28.92 ? 64   THR A CB  1 
ATOM   478  O  OG1 . THR A 1 64  ? -5.479  13.924  2.513   1.00 27.22 ? 64   THR A OG1 1 
ATOM   479  C  CG2 . THR A 1 64  ? -7.022  15.532  3.091   1.00 29.78 ? 64   THR A CG2 1 
ATOM   480  N  N   . GLU A 1 65  ? -9.586  13.907  1.077   1.00 31.88 ? 65   GLU A N   1 
ATOM   481  C  CA  . GLU A 1 65  ? -10.959 14.106  0.626   1.00 33.14 ? 65   GLU A CA  1 
ATOM   482  C  C   . GLU A 1 65  ? -12.043 13.262  1.333   1.00 33.92 ? 65   GLU A C   1 
ATOM   483  O  O   . GLU A 1 65  ? -13.172 13.730  1.489   1.00 34.16 ? 65   GLU A O   1 
ATOM   484  C  CB  . GLU A 1 65  ? -11.050 13.816  -0.888  1.00 33.64 ? 65   GLU A CB  1 
ATOM   485  C  CG  . GLU A 1 65  ? -11.376 15.008  -1.775  1.00 32.78 ? 65   GLU A CG  1 
ATOM   486  C  CD  . GLU A 1 65  ? -10.481 15.084  -2.996  1.00 31.54 ? 65   GLU A CD  1 
ATOM   487  O  OE1 . GLU A 1 65  ? -9.738  16.105  -3.159  1.00 27.80 ? 65   GLU A OE1 1 
ATOM   488  O  OE2 . GLU A 1 65  ? -10.532 14.104  -3.775  1.00 26.75 ? 65   GLU A OE2 1 
ATOM   489  N  N   . GLU A 1 66  ? -11.735 12.028  1.705   1.00 34.36 ? 66   GLU A N   1 
ATOM   490  C  CA  . GLU A 1 66  ? -12.751 11.135  2.279   1.00 35.46 ? 66   GLU A CA  1 
ATOM   491  C  C   . GLU A 1 66  ? -12.579 10.796  3.775   1.00 35.19 ? 66   GLU A C   1 
ATOM   492  O  O   . GLU A 1 66  ? -13.554 10.739  4.527   1.00 35.09 ? 66   GLU A O   1 
ATOM   493  C  CB  . GLU A 1 66  ? -12.826 9.846   1.465   1.00 35.63 ? 66   GLU A CB  1 
ATOM   494  C  CG  . GLU A 1 66  ? -14.146 9.109   1.641   1.00 38.06 ? 66   GLU A CG  1 
ATOM   495  C  CD  . GLU A 1 66  ? -14.683 8.526   0.331   1.00 40.90 ? 66   GLU A CD  1 
ATOM   496  O  OE1 . GLU A 1 66  ? -15.059 9.313   -0.596  1.00 41.36 ? 66   GLU A OE1 1 
ATOM   497  O  OE2 . GLU A 1 66  ? -14.735 7.273   0.242   1.00 40.06 ? 66   GLU A OE2 1 
ATOM   498  N  N   . HIS A 1 67  ? -11.341 10.587  4.194   1.00 34.78 ? 67   HIS A N   1 
ATOM   499  C  CA  . HIS A 1 67  ? -11.063 10.067  5.525   1.00 34.75 ? 67   HIS A CA  1 
ATOM   500  C  C   . HIS A 1 67  ? -10.438 11.108  6.404   1.00 34.77 ? 67   HIS A C   1 
ATOM   501  O  O   . HIS A 1 67  ? -10.516 11.021  7.619   1.00 35.29 ? 67   HIS A O   1 
ATOM   502  C  CB  . HIS A 1 67  ? -10.182 8.828   5.408   1.00 34.80 ? 67   HIS A CB  1 
ATOM   503  C  CG  . HIS A 1 67  ? -10.590 7.939   4.284   1.00 34.49 ? 67   HIS A CG  1 
ATOM   504  N  ND1 . HIS A 1 67  ? -11.735 7.176   4.322   1.00 36.67 ? 67   HIS A ND1 1 
ATOM   505  C  CD2 . HIS A 1 67  ? -10.047 7.744   3.061   1.00 33.58 ? 67   HIS A CD2 1 
ATOM   506  C  CE1 . HIS A 1 67  ? -11.867 6.529   3.179   1.00 34.70 ? 67   HIS A CE1 1 
ATOM   507  N  NE2 . HIS A 1 67  ? -10.856 6.861   2.395   1.00 33.66 ? 67   HIS A NE2 1 
ATOM   508  N  N   . GLY A 1 68  ? -9.857  12.120  5.772   1.00 34.85 ? 68   GLY A N   1 
ATOM   509  C  CA  . GLY A 1 68  ? -9.134  13.149  6.457   1.00 34.48 ? 68   GLY A CA  1 
ATOM   510  C  C   . GLY A 1 68  ? -7.638  12.945  6.315   1.00 34.75 ? 68   GLY A C   1 
ATOM   511  O  O   . GLY A 1 68  ? -7.128  11.987  5.711   1.00 35.05 ? 68   GLY A O   1 
ATOM   512  N  N   . HIS A 1 69  ? -6.941  13.890  6.913   1.00 34.20 ? 69   HIS A N   1 
ATOM   513  C  CA  . HIS A 1 69  ? -5.503  13.971  6.927   1.00 33.54 ? 69   HIS A CA  1 
ATOM   514  C  C   . HIS A 1 69  ? -4.922  12.620  7.353   1.00 33.83 ? 69   HIS A C   1 
ATOM   515  O  O   . HIS A 1 69  ? -5.398  12.000  8.332   1.00 33.70 ? 69   HIS A O   1 
ATOM   516  C  CB  A HIS A 1 69  ? -5.220  15.128  7.941   0.50 33.95 ? 69   HIS A CB  1 
ATOM   517  C  CB  B HIS A 1 69  ? -4.991  15.199  7.705   0.50 33.68 ? 69   HIS A CB  1 
ATOM   518  C  CG  A HIS A 1 69  ? -3.789  15.377  8.293   0.50 33.16 ? 69   HIS A CG  1 
ATOM   519  C  CG  B HIS A 1 69  ? -5.070  16.461  6.893   0.50 31.76 ? 69   HIS A CG  1 
ATOM   520  N  ND1 A HIS A 1 69  ? -3.003  14.452  8.940   0.50 33.30 ? 69   HIS A ND1 1 
ATOM   521  N  ND1 B HIS A 1 69  ? -4.570  16.547  5.611   0.50 29.07 ? 69   HIS A ND1 1 
ATOM   522  C  CD2 A HIS A 1 69  ? -3.046  16.508  8.206   0.50 32.69 ? 69   HIS A CD2 1 
ATOM   523  C  CD2 B HIS A 1 69  ? -5.648  17.657  7.151   0.50 31.47 ? 69   HIS A CD2 1 
ATOM   524  C  CE1 A HIS A 1 69  ? -1.814  14.981  9.180   0.50 34.25 ? 69   HIS A CE1 1 
ATOM   525  C  CE1 B HIS A 1 69  ? -4.808  17.751  5.127   0.50 28.46 ? 69   HIS A CE1 1 
ATOM   526  N  NE2 A HIS A 1 69  ? -1.821  16.233  8.756   0.50 33.05 ? 69   HIS A NE2 1 
ATOM   527  N  NE2 B HIS A 1 69  ? -5.463  18.443  6.039   0.50 29.37 ? 69   HIS A NE2 1 
ATOM   528  N  N   . PRO A 1 70  ? -3.961  12.130  6.557   1.00 33.55 ? 70   PRO A N   1 
ATOM   529  C  CA  . PRO A 1 70  ? -3.573  10.720  6.568   1.00 33.47 ? 70   PRO A CA  1 
ATOM   530  C  C   . PRO A 1 70  ? -2.679  10.281  7.697   1.00 33.50 ? 70   PRO A C   1 
ATOM   531  O  O   . PRO A 1 70  ? -2.863  9.160   8.107   1.00 33.24 ? 70   PRO A O   1 
ATOM   532  C  CB  . PRO A 1 70  ? -2.826  10.534  5.234   1.00 34.15 ? 70   PRO A CB  1 
ATOM   533  C  CG  . PRO A 1 70  ? -2.771  11.869  4.579   1.00 34.09 ? 70   PRO A CG  1 
ATOM   534  C  CD  . PRO A 1 70  ? -3.174  12.893  5.577   1.00 33.76 ? 70   PRO A CD  1 
ATOM   535  N  N   . MET A 1 71  ? -1.714  11.100  8.127   1.00 33.41 ? 71   MET A N   1 
ATOM   536  C  CA  . MET A 1 71  ? -0.917  10.841  9.330   1.00 33.28 ? 71   MET A CA  1 
ATOM   537  C  C   . MET A 1 71  ? -0.798  9.348   9.572   1.00 32.66 ? 71   MET A C   1 
ATOM   538  O  O   . MET A 1 71  ? -1.364  8.839   10.541  1.00 31.75 ? 71   MET A O   1 
ATOM   539  C  CB  . MET A 1 71  ? -1.577  11.509  10.567  1.00 33.72 ? 71   MET A CB  1 
ATOM   540  C  CG  . MET A 1 71  ? -3.104  11.299  10.702  1.00 34.50 ? 71   MET A CG  1 
ATOM   541  S  SD  . MET A 1 71  ? -3.853  12.078  12.166  1.00 38.26 ? 71   MET A SD  1 
ATOM   542  C  CE  . MET A 1 71  ? -5.554  11.737  11.913  1.00 35.66 ? 71   MET A CE  1 
ATOM   543  N  N   . LEU A 1 72  ? -0.102  8.639   8.680   1.00 32.00 ? 72   LEU A N   1 
ATOM   544  C  CA  . LEU A 1 72  ? -0.215  7.174   8.632   1.00 31.37 ? 72   LEU A CA  1 
ATOM   545  C  C   . LEU A 1 72  ? 0.387   6.518   9.848   1.00 30.38 ? 72   LEU A C   1 
ATOM   546  O  O   . LEU A 1 72  ? -0.130  5.503   10.322  1.00 30.12 ? 72   LEU A O   1 
ATOM   547  C  CB  . LEU A 1 72  ? 0.472   6.593   7.388   1.00 31.72 ? 72   LEU A CB  1 
ATOM   548  C  CG  . LEU A 1 72  ? -0.251  6.605   6.045   1.00 32.50 ? 72   LEU A CG  1 
ATOM   549  C  CD1 . LEU A 1 72  ? 0.535   5.696   5.096   1.00 33.62 ? 72   LEU A CD1 1 
ATOM   550  C  CD2 . LEU A 1 72  ? -1.753  6.177   6.123   1.00 30.89 ? 72   LEU A CD2 1 
ATOM   551  N  N   . ARG A 1 73  ? 1.499   7.068   10.323  1.00 29.37 ? 73   ARG A N   1 
ATOM   552  C  CA  . ARG A 1 73  ? 2.141   6.529   11.502  1.00 28.94 ? 73   ARG A CA  1 
ATOM   553  C  C   . ARG A 1 73  ? 1.180   6.528   12.688  1.00 28.14 ? 73   ARG A C   1 
ATOM   554  O  O   . ARG A 1 73  ? 1.197   5.597   13.482  1.00 27.97 ? 73   ARG A O   1 
ATOM   555  C  CB  . ARG A 1 73  ? 3.414   7.285   11.845  1.00 28.87 ? 73   ARG A CB  1 
ATOM   556  C  CG  . ARG A 1 73  ? 4.308   6.457   12.732  1.00 30.26 ? 73   ARG A CG  1 
ATOM   557  C  CD  . ARG A 1 73  ? 5.497   7.182   13.303  1.00 30.79 ? 73   ARG A CD  1 
ATOM   558  N  NE  . ARG A 1 73  ? 5.623   6.776   14.681  1.00 31.92 ? 73   ARG A NE  1 
ATOM   559  C  CZ  . ARG A 1 73  ? 6.261   5.689   15.104  1.00 35.06 ? 73   ARG A CZ  1 
ATOM   560  N  NH1 . ARG A 1 73  ? 6.276   5.396   16.402  1.00 34.54 ? 73   ARG A NH1 1 
ATOM   561  N  NH2 . ARG A 1 73  ? 6.896   4.891   14.251  1.00 36.06 ? 73   ARG A NH2 1 
ATOM   562  N  N   . ALA A 1 74  ? 0.346   7.556   12.788  1.00 26.60 ? 74   ALA A N   1 
ATOM   563  C  CA  . ALA A 1 74  ? -0.659  7.618   13.848  1.00 26.48 ? 74   ALA A CA  1 
ATOM   564  C  C   . ALA A 1 74  ? -1.737  6.560   13.653  1.00 25.68 ? 74   ALA A C   1 
ATOM   565  O  O   . ALA A 1 74  ? -2.199  5.927   14.594  1.00 24.99 ? 74   ALA A O   1 
ATOM   566  C  CB  . ALA A 1 74  ? -1.306  9.024   13.919  1.00 26.07 ? 74   ALA A CB  1 
ATOM   567  N  N   . ARG A 1 75  ? -2.144  6.384   12.409  1.00 26.19 ? 75   ARG A N   1 
ATOM   568  C  CA  . ARG A 1 75  ? -3.284  5.538   12.082  1.00 26.37 ? 75   ARG A CA  1 
ATOM   569  C  C   . ARG A 1 75  ? -2.915  4.078   12.299  1.00 26.12 ? 75   ARG A C   1 
ATOM   570  O  O   . ARG A 1 75  ? -3.789  3.239   12.480  1.00 25.14 ? 75   ARG A O   1 
ATOM   571  C  CB  . ARG A 1 75  ? -3.747  5.812   10.649  1.00 26.45 ? 75   ARG A CB  1 
ATOM   572  C  CG  . ARG A 1 75  ? -4.249  7.229   10.465  1.00 28.05 ? 75   ARG A CG  1 
ATOM   573  C  CD  . ARG A 1 75  ? -4.890  7.527   9.104   1.00 29.89 ? 75   ARG A CD  1 
ATOM   574  N  NE  . ARG A 1 75  ? -6.345  7.382   9.132   1.00 31.18 ? 75   ARG A NE  1 
ATOM   575  C  CZ  . ARG A 1 75  ? -7.234  8.346   8.936   1.00 30.99 ? 75   ARG A CZ  1 
ATOM   576  N  NH1 . ARG A 1 75  ? -8.523  8.038   8.995   1.00 33.56 ? 75   ARG A NH1 1 
ATOM   577  N  NH2 . ARG A 1 75  ? -6.870  9.600   8.690   1.00 32.14 ? 75   ARG A NH2 1 
ATOM   578  N  N   . HIS A 1 76  ? -1.601  3.837   12.326  1.00 26.48 ? 76   HIS A N   1 
ATOM   579  C  CA  . HIS A 1 76  ? -0.981  2.518   12.403  1.00 26.69 ? 76   HIS A CA  1 
ATOM   580  C  C   . HIS A 1 76  ? -0.551  2.172   13.848  1.00 26.36 ? 76   HIS A C   1 
ATOM   581  O  O   . HIS A 1 76  ? -0.321  0.995   14.174  1.00 24.86 ? 76   HIS A O   1 
ATOM   582  C  CB  . HIS A 1 76  ? 0.191   2.413   11.377  1.00 26.43 ? 76   HIS A CB  1 
ATOM   583  C  CG  . HIS A 1 76  ? -0.271  2.153   9.962   1.00 28.21 ? 76   HIS A CG  1 
ATOM   584  N  ND1 . HIS A 1 76  ? -1.233  2.919   9.344   1.00 32.31 ? 76   HIS A ND1 1 
ATOM   585  C  CD2 . HIS A 1 76  ? 0.049   1.183   9.074   1.00 30.61 ? 76   HIS A CD2 1 
ATOM   586  C  CE1 . HIS A 1 76  ? -1.469  2.447   8.131   1.00 30.66 ? 76   HIS A CE1 1 
ATOM   587  N  NE2 . HIS A 1 76  ? -0.722  1.374   7.945   1.00 27.50 ? 76   HIS A NE2 1 
ATOM   588  N  N   . LEU A 1 77  ? -0.493  3.183   14.716  1.00 26.02 ? 77   LEU A N   1 
ATOM   589  C  CA  . LEU A 1 77  ? 0.021   3.009   16.084  1.00 26.52 ? 77   LEU A CA  1 
ATOM   590  C  C   . LEU A 1 77  ? -0.710  1.987   16.987  1.00 26.34 ? 77   LEU A C   1 
ATOM   591  O  O   . LEU A 1 77  ? -0.071  1.389   17.866  1.00 26.48 ? 77   LEU A O   1 
ATOM   592  C  CB  . LEU A 1 77  ? 0.069   4.353   16.821  1.00 26.84 ? 77   LEU A CB  1 
ATOM   593  C  CG  . LEU A 1 77  ? 1.375   5.137   16.729  1.00 28.25 ? 77   LEU A CG  1 
ATOM   594  C  CD1 . LEU A 1 77  ? 1.135   6.550   17.212  1.00 29.90 ? 77   LEU A CD1 1 
ATOM   595  C  CD2 . LEU A 1 77  ? 2.502   4.464   17.527  1.00 27.22 ? 77   LEU A CD2 1 
ATOM   596  N  N   . PRO A 1 78  ? -2.024  1.851   16.833  1.00 25.48 ? 78   PRO A N   1 
ATOM   597  C  CA  . PRO A 1 78  ? -2.797  0.809   17.530  1.00 26.07 ? 78   PRO A CA  1 
ATOM   598  C  C   . PRO A 1 78  ? -2.331  -0.633  17.279  1.00 26.65 ? 78   PRO A C   1 
ATOM   599  O  O   . PRO A 1 78  ? -2.619  -1.524  18.081  1.00 26.49 ? 78   PRO A O   1 
ATOM   600  C  CB  . PRO A 1 78  ? -4.205  0.984   16.945  1.00 25.29 ? 78   PRO A CB  1 
ATOM   601  C  CG  . PRO A 1 78  ? -4.278  2.401   16.618  1.00 25.26 ? 78   PRO A CG  1 
ATOM   602  C  CD  . PRO A 1 78  ? -2.908  2.735   16.058  1.00 25.58 ? 78   PRO A CD  1 
ATOM   603  N  N   . PHE A 1 79  ? -1.624  -0.843  16.166  1.00 27.21 ? 79   PHE A N   1 
ATOM   604  C  CA  . PHE A 1 79  ? -1.302  -2.171  15.668  1.00 27.06 ? 79   PHE A CA  1 
ATOM   605  C  C   . PHE A 1 79  ? 0.153   -2.457  15.981  1.00 27.43 ? 79   PHE A C   1 
ATOM   606  O  O   . PHE A 1 79  ? 0.927   -1.508  16.143  1.00 27.39 ? 79   PHE A O   1 
ATOM   607  C  CB  . PHE A 1 79  ? -1.569  -2.202  14.167  1.00 26.74 ? 79   PHE A CB  1 
ATOM   608  C  CG  . PHE A 1 79  ? -3.001  -1.872  13.804  1.00 26.16 ? 79   PHE A CG  1 
ATOM   609  C  CD1 . PHE A 1 79  ? -3.314  -0.676  13.173  1.00 25.06 ? 79   PHE A CD1 1 
ATOM   610  C  CD2 . PHE A 1 79  ? -4.034  -2.786  14.075  1.00 26.49 ? 79   PHE A CD2 1 
ATOM   611  C  CE1 . PHE A 1 79  ? -4.606  -0.372  12.824  1.00 24.57 ? 79   PHE A CE1 1 
ATOM   612  C  CE2 . PHE A 1 79  ? -5.351  -2.498  13.738  1.00 27.16 ? 79   PHE A CE2 1 
ATOM   613  C  CZ  . PHE A 1 79  ? -5.654  -1.285  13.118  1.00 26.44 ? 79   PHE A CZ  1 
ATOM   614  N  N   . PRO A 1 80  ? 0.516   -3.740  16.121  1.00 28.03 ? 80   PRO A N   1 
ATOM   615  C  CA  . PRO A 1 80  ? 1.887   -4.140  16.512  1.00 28.40 ? 80   PRO A CA  1 
ATOM   616  C  C   . PRO A 1 80  ? 2.839   -4.283  15.326  1.00 27.98 ? 80   PRO A C   1 
ATOM   617  O  O   . PRO A 1 80  ? 3.241   -5.360  14.954  1.00 28.29 ? 80   PRO A O   1 
ATOM   618  C  CB  . PRO A 1 80  ? 1.649   -5.495  17.216  1.00 28.33 ? 80   PRO A CB  1 
ATOM   619  C  CG  . PRO A 1 80  ? 0.524   -6.107  16.373  1.00 28.37 ? 80   PRO A CG  1 
ATOM   620  C  CD  . PRO A 1 80  ? -0.359  -4.924  15.987  1.00 28.49 ? 80   PRO A CD  1 
ATOM   621  N  N   . ILE A 1 81  ? 3.207   -3.156  14.746  1.00 28.63 ? 81   ILE A N   1 
ATOM   622  C  CA  . ILE A 1 81  ? 4.019   -3.132  13.530  1.00 28.02 ? 81   ILE A CA  1 
ATOM   623  C  C   . ILE A 1 81  ? 5.472   -3.323  13.894  1.00 27.79 ? 81   ILE A C   1 
ATOM   624  O  O   . ILE A 1 81  ? 6.131   -2.404  14.353  1.00 27.42 ? 81   ILE A O   1 
ATOM   625  C  CB  . ILE A 1 81  ? 3.782   -1.808  12.715  1.00 27.86 ? 81   ILE A CB  1 
ATOM   626  C  CG1 . ILE A 1 81  ? 2.418   -1.863  12.004  1.00 26.54 ? 81   ILE A CG1 1 
ATOM   627  C  CG2 . ILE A 1 81  ? 4.861   -1.591  11.644  1.00 28.11 ? 81   ILE A CG2 1 
ATOM   628  C  CD1 . ILE A 1 81  ? 1.511   -0.882  12.450  1.00 24.84 ? 81   ILE A CD1 1 
ATOM   629  N  N   . THR A 1 82  ? 5.946   -4.554  13.690  1.00 27.86 ? 82   THR A N   1 
ATOM   630  C  CA  . THR A 1 82  ? 7.358   -4.926  13.892  1.00 27.11 ? 82   THR A CA  1 
ATOM   631  C  C   . THR A 1 82  ? 8.156   -4.684  12.631  1.00 26.64 ? 82   THR A C   1 
ATOM   632  O  O   . THR A 1 82  ? 7.592   -4.470  11.572  1.00 26.99 ? 82   THR A O   1 
ATOM   633  C  CB  . THR A 1 82  ? 7.476   -6.431  14.296  1.00 27.43 ? 82   THR A CB  1 
ATOM   634  O  OG1 . THR A 1 82  ? 6.629   -7.261  13.466  1.00 26.70 ? 82   THR A OG1 1 
ATOM   635  C  CG2 . THR A 1 82  ? 6.945   -6.655  15.717  1.00 27.18 ? 82   THR A CG2 1 
ATOM   636  N  N   . ASN A 1 83  ? 9.474   -4.692  12.755  1.00 26.32 ? 83   ASN A N   1 
ATOM   637  C  CA  . ASN A 1 83  ? 10.362  -4.671  11.602  1.00 26.27 ? 83   ASN A CA  1 
ATOM   638  C  C   . ASN A 1 83  ? 10.054  -5.848  10.706  1.00 25.86 ? 83   ASN A C   1 
ATOM   639  O  O   . ASN A 1 83  ? 10.120  -5.753  9.495   1.00 25.48 ? 83   ASN A O   1 
ATOM   640  C  CB  . ASN A 1 83  ? 11.828  -4.736  12.045  1.00 26.69 ? 83   ASN A CB  1 
ATOM   641  C  CG  . ASN A 1 83  ? 12.388  -3.365  12.475  1.00 29.16 ? 83   ASN A CG  1 
ATOM   642  O  OD1 . ASN A 1 83  ? 12.175  -2.343  11.814  1.00 31.18 ? 83   ASN A OD1 1 
ATOM   643  N  ND2 . ASN A 1 83  ? 13.108  -3.353  13.581  1.00 30.54 ? 83   ASN A ND2 1 
ATOM   644  N  N   . GLU A 1 84  ? 9.721   -6.978  11.318  1.00 26.07 ? 84   GLU A N   1 
ATOM   645  C  CA  . GLU A 1 84  ? 9.543   -8.217  10.564  1.00 26.03 ? 84   GLU A CA  1 
ATOM   646  C  C   . GLU A 1 84  ? 8.164   -8.211  9.868   1.00 25.03 ? 84   GLU A C   1 
ATOM   647  O  O   . GLU A 1 84  ? 8.037   -8.769  8.775   1.00 24.77 ? 84   GLU A O   1 
ATOM   648  C  CB  . GLU A 1 84  ? 9.995   -9.462  11.403  1.00 26.15 ? 84   GLU A CB  1 
ATOM   649  C  CG  . GLU A 1 84  ? 8.989   -10.490 11.851  1.00 28.49 ? 84   GLU A CG  1 
ATOM   650  C  CD  . GLU A 1 84  ? 9.478   -11.313 13.044  1.00 29.29 ? 84   GLU A CD  1 
ATOM   651  O  OE1 . GLU A 1 84  ? 10.553  -11.960 12.993  1.00 29.90 ? 84   GLU A OE1 1 
ATOM   652  O  OE2 . GLU A 1 84  ? 8.789   -11.284 14.071  1.00 33.80 ? 84   GLU A OE2 1 
ATOM   653  N  N   . ARG A 1 85  ? 7.198   -7.457  10.416  1.00 24.03 ? 85   ARG A N   1 
ATOM   654  C  CA  . ARG A 1 85  ? 5.897   -7.261  9.792   1.00 22.79 ? 85   ARG A CA  1 
ATOM   655  C  C   . ARG A 1 85  ? 5.991   -6.226  8.677   1.00 22.49 ? 85   ARG A C   1 
ATOM   656  O  O   . ARG A 1 85  ? 5.308   -6.355  7.652   1.00 22.19 ? 85   ARG A O   1 
ATOM   657  C  CB  . ARG A 1 85  ? 4.850   -6.743  10.789  1.00 23.25 ? 85   ARG A CB  1 
ATOM   658  C  CG  . ARG A 1 85  ? 4.183   -7.774  11.691  1.00 23.63 ? 85   ARG A CG  1 
ATOM   659  C  CD  . ARG A 1 85  ? 2.669   -7.523  11.987  1.00 25.86 ? 85   ARG A CD  1 
ATOM   660  N  NE  . ARG A 1 85  ? 2.082   -8.685  12.673  1.00 26.27 ? 85   ARG A NE  1 
ATOM   661  C  CZ  . ARG A 1 85  ? 2.238   -8.985  13.981  1.00 26.37 ? 85   ARG A CZ  1 
ATOM   662  N  NH1 . ARG A 1 85  ? 1.694   -10.103 14.478  1.00 26.28 ? 85   ARG A NH1 1 
ATOM   663  N  NH2 . ARG A 1 85  ? 2.918   -8.193  14.792  1.00 23.86 ? 85   ARG A NH2 1 
ATOM   664  N  N   . ALA A 1 86  ? 6.788   -5.171  8.879   1.00 21.52 ? 86   ALA A N   1 
ATOM   665  C  CA  . ALA A 1 86  ? 7.034   -4.186  7.809   1.00 20.70 ? 86   ALA A CA  1 
ATOM   666  C  C   . ALA A 1 86  ? 7.676   -4.859  6.616   1.00 20.57 ? 86   ALA A C   1 
ATOM   667  O  O   . ALA A 1 86  ? 7.455   -4.454  5.456   1.00 19.86 ? 86   ALA A O   1 
ATOM   668  C  CB  . ALA A 1 86  ? 7.917   -3.000  8.305   1.00 20.52 ? 86   ALA A CB  1 
ATOM   669  N  N   . ASP A 1 87  ? 8.471   -5.891  6.906   1.00 19.87 ? 87   ASP A N   1 
ATOM   670  C  CA  . ASP A 1 87  ? 9.169   -6.601  5.865   1.00 20.02 ? 87   ASP A CA  1 
ATOM   671  C  C   . ASP A 1 87  ? 8.214   -7.534  5.116   1.00 18.83 ? 87   ASP A C   1 
ATOM   672  O  O   . ASP A 1 87  ? 8.292   -7.593  3.905   1.00 18.03 ? 87   ASP A O   1 
ATOM   673  C  CB  A ASP A 1 87  ? 10.366  -7.363  6.434   0.50 20.26 ? 87   ASP A CB  1 
ATOM   674  C  CB  B ASP A 1 87  ? 10.359  -7.394  6.397   0.50 20.21 ? 87   ASP A CB  1 
ATOM   675  C  CG  A ASP A 1 87  ? 11.588  -6.470  6.645   0.50 21.71 ? 87   ASP A CG  1 
ATOM   676  C  CG  B ASP A 1 87  ? 11.119  -8.126  5.285   0.50 21.73 ? 87   ASP A CG  1 
ATOM   677  O  OD1 A ASP A 1 87  ? 11.431  -5.295  7.051   0.50 25.48 ? 87   ASP A OD1 1 
ATOM   678  O  OD1 B ASP A 1 87  ? 11.181  -7.581  4.146   0.50 28.19 ? 87   ASP A OD1 1 
ATOM   679  O  OD2 A ASP A 1 87  ? 12.752  -6.861  6.433   0.50 24.12 ? 87   ASP A OD2 1 
ATOM   680  O  OD2 B ASP A 1 87  ? 11.684  -9.233  5.443   0.50 20.15 ? 87   ASP A OD2 1 
ATOM   681  N  N   . ALA A 1 88  ? 7.343   -8.253  5.825   1.00 17.22 ? 88   ALA A N   1 
ATOM   682  C  CA  . ALA A 1 88  ? 6.307   -9.077  5.189   1.00 16.82 ? 88   ALA A CA  1 
ATOM   683  C  C   . ALA A 1 88  ? 5.359   -8.264  4.230   1.00 15.66 ? 88   ALA A C   1 
ATOM   684  O  O   . ALA A 1 88  ? 5.072   -8.690  3.124   1.00 15.13 ? 88   ALA A O   1 
ATOM   685  C  CB  . ALA A 1 88  ? 5.506   -9.841  6.250   1.00 16.24 ? 88   ALA A CB  1 
ATOM   686  N  N   . TRP A 1 89  ? 4.933   -7.088  4.670   1.00 15.56 ? 89   TRP A N   1 
ATOM   687  C  CA  . TRP A 1 89  ? 4.103   -6.168  3.891   1.00 15.56 ? 89   TRP A CA  1 
ATOM   688  C  C   . TRP A 1 89  ? 4.833   -5.799  2.581   1.00 15.82 ? 89   TRP A C   1 
ATOM   689  O  O   . TRP A 1 89  ? 4.283   -5.919  1.479   1.00 14.48 ? 89   TRP A O   1 
ATOM   690  C  CB  . TRP A 1 89  ? 3.871   -4.938  4.765   1.00 15.93 ? 89   TRP A CB  1 
ATOM   691  C  CG  . TRP A 1 89  ? 2.937   -3.957  4.245   1.00 15.98 ? 89   TRP A CG  1 
ATOM   692  C  CD1 . TRP A 1 89  ? 1.723   -3.697  4.732   1.00 16.42 ? 89   TRP A CD1 1 
ATOM   693  C  CD2 . TRP A 1 89  ? 3.159   -3.013  3.168   1.00 16.43 ? 89   TRP A CD2 1 
ATOM   694  N  NE1 . TRP A 1 89  ? 1.133   -2.690  4.013   1.00 15.34 ? 89   TRP A NE1 1 
ATOM   695  C  CE2 . TRP A 1 89  ? 1.997   -2.254  3.043   1.00 17.01 ? 89   TRP A CE2 1 
ATOM   696  C  CE3 . TRP A 1 89  ? 4.205   -2.777  2.268   1.00 16.90 ? 89   TRP A CE3 1 
ATOM   697  C  CZ2 . TRP A 1 89  ? 1.846   -1.240  2.079   1.00 18.66 ? 89   TRP A CZ2 1 
ATOM   698  C  CZ3 . TRP A 1 89  ? 4.047   -1.790  1.293   1.00 19.63 ? 89   TRP A CZ3 1 
ATOM   699  C  CH2 . TRP A 1 89  ? 2.869   -1.038  1.211   1.00 18.10 ? 89   TRP A CH2 1 
ATOM   700  N  N   . LEU A 1 90  ? 6.103   -5.409  2.733   1.00 15.73 ? 90   LEU A N   1 
ATOM   701  C  CA  . LEU A 1 90  ? 7.000   -5.091  1.626   1.00 16.38 ? 90   LEU A CA  1 
ATOM   702  C  C   . LEU A 1 90  ? 7.177   -6.276  0.698   1.00 17.33 ? 90   LEU A C   1 
ATOM   703  O  O   . LEU A 1 90  ? 6.993   -6.144  -0.492  1.00 17.64 ? 90   LEU A O   1 
ATOM   704  C  CB  . LEU A 1 90  ? 8.353   -4.559  2.132   1.00 16.52 ? 90   LEU A CB  1 
ATOM   705  C  CG  . LEU A 1 90  ? 8.604   -3.008  2.090   1.00 17.10 ? 90   LEU A CG  1 
ATOM   706  C  CD1 . LEU A 1 90  ? 7.400   -2.182  2.190   1.00 17.57 ? 90   LEU A CD1 1 
ATOM   707  C  CD2 . LEU A 1 90  ? 9.623   -2.525  3.162   1.00 15.09 ? 90   LEU A CD2 1 
ATOM   708  N  N   . SER A 1 91  ? 7.482   -7.444  1.242   1.00 18.24 ? 91   SER A N   1 
ATOM   709  C  CA  . SER A 1 91  ? 7.545   -8.651  0.450   1.00 18.19 ? 91   SER A CA  1 
ATOM   710  C  C   . SER A 1 91  ? 6.239   -8.888  -0.287  1.00 18.05 ? 91   SER A C   1 
ATOM   711  O  O   . SER A 1 91  ? 6.248   -9.204  -1.474  1.00 18.64 ? 91   SER A O   1 
ATOM   712  C  CB  . SER A 1 91  ? 7.830   -9.831  1.329   1.00 18.51 ? 91   SER A CB  1 
ATOM   713  O  OG  . SER A 1 91  ? 9.126   -9.789  1.865   1.00 19.91 ? 91   SER A OG  1 
ATOM   714  N  N   . CYS A 1 92  ? 5.099   -8.728  0.385   1.00 17.98 ? 92   CYS A N   1 
ATOM   715  C  CA  . CYS A 1 92  ? 3.824   -8.957  -0.305  1.00 16.64 ? 92   CYS A CA  1 
ATOM   716  C  C   . CYS A 1 92  ? 3.698   -7.997  -1.479  1.00 17.22 ? 92   CYS A C   1 
ATOM   717  O  O   . CYS A 1 92  ? 3.162   -8.353  -2.527  1.00 16.84 ? 92   CYS A O   1 
ATOM   718  C  CB  . CYS A 1 92  ? 2.643   -8.789  0.634   1.00 17.04 ? 92   CYS A CB  1 
ATOM   719  S  SG  . CYS A 1 92  ? 2.471   -10.187 1.771   1.00 13.38 ? 92   CYS A SG  1 
ATOM   720  N  N   . MET A 1 93  ? 4.157   -6.772  -1.269  1.00 18.16 ? 93   MET A N   1 
ATOM   721  C  CA  . MET A 1 93  ? 4.002   -5.691  -2.245  1.00 18.29 ? 93   MET A CA  1 
ATOM   722  C  C   . MET A 1 93  ? 4.944   -5.903  -3.412  1.00 18.09 ? 93   MET A C   1 
ATOM   723  O  O   . MET A 1 93  ? 4.576   -5.687  -4.552  1.00 17.56 ? 93   MET A O   1 
ATOM   724  C  CB  . MET A 1 93  ? 4.245   -4.316  -1.603  1.00 18.55 ? 93   MET A CB  1 
ATOM   725  C  CG  . MET A 1 93  ? 4.105   -3.167  -2.570  1.00 18.84 ? 93   MET A CG  1 
ATOM   726  S  SD  . MET A 1 93  ? 2.411   -2.976  -3.104  1.00 27.29 ? 93   MET A SD  1 
ATOM   727  C  CE  . MET A 1 93  ? 2.596   -2.709  -4.539  1.00 26.43 ? 93   MET A CE  1 
ATOM   728  N  N   . LYS A 1 94  ? 6.147   -6.374  -3.144  1.00 18.68 ? 94   LYS A N   1 
ATOM   729  C  CA  . LYS A 1 94  ? 7.056   -6.702  -4.233  1.00 19.56 ? 94   LYS A CA  1 
ATOM   730  C  C   . LYS A 1 94  ? 6.461   -7.788  -5.135  1.00 19.23 ? 94   LYS A C   1 
ATOM   731  O  O   . LYS A 1 94  ? 6.540   -7.728  -6.374  1.00 17.52 ? 94   LYS A O   1 
ATOM   732  C  CB  . LYS A 1 94  ? 8.386   -7.191  -3.672  1.00 20.43 ? 94   LYS A CB  1 
ATOM   733  C  CG  . LYS A 1 94  ? 9.341   -7.702  -4.751  1.00 22.23 ? 94   LYS A CG  1 
ATOM   734  C  CD  . LYS A 1 94  ? 10.707  -7.050  -4.660  1.00 26.64 ? 94   LYS A CD  1 
ATOM   735  C  CE  . LYS A 1 94  ? 11.473  -7.506  -3.415  1.00 29.32 ? 94   LYS A CE  1 
ATOM   736  N  NZ  . LYS A 1 94  ? 12.748  -6.734  -3.217  1.00 32.39 ? 94   LYS A NZ  1 
ATOM   737  N  N   . ASP A 1 95  ? 5.912   -8.816  -4.488  1.00 19.19 ? 95   ASP A N   1 
ATOM   738  C  CA  . ASP A 1 95  ? 5.286   -9.910  -5.205  1.00 18.73 ? 95   ASP A CA  1 
ATOM   739  C  C   . ASP A 1 95  ? 4.127   -9.412  -6.049  1.00 18.24 ? 95   ASP A C   1 
ATOM   740  O  O   . ASP A 1 95  ? 3.924   -9.894  -7.175  1.00 17.96 ? 95   ASP A O   1 
ATOM   741  C  CB  . ASP A 1 95  ? 4.755   -10.985 -4.253  1.00 19.32 ? 95   ASP A CB  1 
ATOM   742  C  CG  . ASP A 1 95  ? 4.060   -12.123 -5.022  1.00 20.07 ? 95   ASP A CG  1 
ATOM   743  O  OD1 . ASP A 1 95  ? 2.822   -12.084 -5.249  1.00 17.30 ? 95   ASP A OD1 1 
ATOM   744  O  OD2 . ASP A 1 95  ? 4.724   -13.051 -5.488  1.00 21.92 ? 95   ASP A OD2 1 
ATOM   745  N  N   . ALA A 1 96  ? 3.345   -8.490  -5.490  1.00 17.73 ? 96   ALA A N   1 
ATOM   746  C  CA  . ALA A 1 96  ? 2.134   -7.956  -6.193  1.00 18.40 ? 96   ALA A CA  1 
ATOM   747  C  C   . ALA A 1 96  ? 2.514   -7.170  -7.447  1.00 18.50 ? 96   ALA A C   1 
ATOM   748  O  O   . ALA A 1 96  ? 1.813   -7.222  -8.463  1.00 18.93 ? 96   ALA A O   1 
ATOM   749  C  CB  . ALA A 1 96  ? 1.255   -7.117  -5.272  1.00 17.51 ? 96   ALA A CB  1 
ATOM   750  N  N   . MET A 1 97  ? 3.669   -6.511  -7.375  1.00 19.12 ? 97   MET A N   1 
ATOM   751  C  CA  . MET A 1 97  ? 4.203   -5.731  -8.473  1.00 19.40 ? 97   MET A CA  1 
ATOM   752  C  C   . MET A 1 97  ? 4.673   -6.686  -9.556  1.00 19.59 ? 97   MET A C   1 
ATOM   753  O  O   . MET A 1 97  ? 4.331   -6.493  -10.702 1.00 18.95 ? 97   MET A O   1 
ATOM   754  C  CB  . MET A 1 97  ? 5.365   -4.849  -7.971  1.00 19.15 ? 97   MET A CB  1 
ATOM   755  C  CG  . MET A 1 97  ? 4.885   -3.702  -7.076  1.00 18.54 ? 97   MET A CG  1 
ATOM   756  S  SD  . MET A 1 97  ? 6.049   -2.503  -6.444  1.00 17.42 ? 97   MET A SD  1 
ATOM   757  C  CE  . MET A 1 97  ? 7.485   -3.265  -6.542  1.00 19.00 ? 97   MET A CE  1 
ATOM   758  N  N   . ASP A 1 98  ? 5.408   -7.751  -9.174  1.00 20.10 ? 98   ASP A N   1 
ATOM   759  C  CA  . ASP A 1 98  ? 5.814   -8.787  -10.131 1.00 20.28 ? 98   ASP A CA  1 
ATOM   760  C  C   . ASP A 1 98  ? 4.604   -9.288  -10.926 1.00 20.30 ? 98   ASP A C   1 
ATOM   761  O  O   . ASP A 1 98  ? 4.645   -9.400  -12.131 1.00 19.26 ? 98   ASP A O   1 
ATOM   762  C  CB  . ASP A 1 98  ? 6.439   -9.981  -9.428  1.00 20.62 ? 98   ASP A CB  1 
ATOM   763  C  CG  . ASP A 1 98  ? 7.862   -9.737  -8.986  1.00 22.40 ? 98   ASP A CG  1 
ATOM   764  O  OD1 . ASP A 1 98  ? 8.460   -8.684  -9.332  1.00 21.20 ? 98   ASP A OD1 1 
ATOM   765  O  OD2 . ASP A 1 98  ? 8.455   -10.568 -8.264  1.00 23.76 ? 98   ASP A OD2 1 
ATOM   766  N  N   . HIS A 1 99  ? 3.516   -9.553  -10.217 1.00 21.28 ? 99   HIS A N   1 
ATOM   767  C  CA  . HIS A 1 99  ? 2.325   -10.171 -10.795 1.00 21.46 ? 99   HIS A CA  1 
ATOM   768  C  C   . HIS A 1 99  ? 1.677   -9.303  -11.861 1.00 20.88 ? 99   HIS A C   1 
ATOM   769  O  O   . HIS A 1 99  ? 1.220   -9.827  -12.884 1.00 20.36 ? 99   HIS A O   1 
ATOM   770  C  CB  . HIS A 1 99  ? 1.290   -10.452 -9.704  1.00 21.71 ? 99   HIS A CB  1 
ATOM   771  C  CG  . HIS A 1 99  ? 0.142   -11.267 -10.177 1.00 24.14 ? 99   HIS A CG  1 
ATOM   772  N  ND1 . HIS A 1 99  ? -1.169  -10.874 -10.014 1.00 27.24 ? 99   HIS A ND1 1 
ATOM   773  C  CD2 . HIS A 1 99  ? 0.106   -12.448 -10.840 1.00 26.26 ? 99   HIS A CD2 1 
ATOM   774  C  CE1 . HIS A 1 99  ? -1.962  -11.783 -10.554 1.00 28.06 ? 99   HIS A CE1 1 
ATOM   775  N  NE2 . HIS A 1 99  ? -1.214  -12.747 -11.059 1.00 26.39 ? 99   HIS A NE2 1 
ATOM   776  N  N   . VAL A 1 100 ? 1.608   -7.996  -11.621 1.00 19.74 ? 100  VAL A N   1 
ATOM   777  C  CA  . VAL A 1 100 ? 0.942   -7.109  -12.577 1.00 19.67 ? 100  VAL A CA  1 
ATOM   778  C  C   . VAL A 1 100 ? 1.941   -6.675  -13.630 1.00 20.13 ? 100  VAL A C   1 
ATOM   779  O  O   . VAL A 1 100 ? 1.590   -5.987  -14.575 1.00 20.13 ? 100  VAL A O   1 
ATOM   780  C  CB  . VAL A 1 100 ? 0.251   -5.877  -11.916 1.00 18.99 ? 100  VAL A CB  1 
ATOM   781  C  CG1 . VAL A 1 100 ? -0.702  -6.360  -10.881 1.00 19.07 ? 100  VAL A CG1 1 
ATOM   782  C  CG2 . VAL A 1 100 ? 1.254   -4.910  -11.291 1.00 17.52 ? 100  VAL A CG2 1 
ATOM   783  N  N   . GLY A 1 101 ? 3.195   -7.058  -13.415 1.00 20.55 ? 101  GLY A N   1 
ATOM   784  C  CA  . GLY A 1 101 ? 4.266   -6.756  -14.320 1.00 21.12 ? 101  GLY A CA  1 
ATOM   785  C  C   . GLY A 1 101 ? 4.727   -5.313  -14.209 1.00 21.90 ? 101  GLY A C   1 
ATOM   786  O  O   . GLY A 1 101 ? 5.301   -4.795  -15.154 1.00 20.70 ? 101  GLY A O   1 
ATOM   787  N  N   . LEU A 1 102 ? 4.488   -4.676  -13.062 1.00 22.69 ? 102  LEU A N   1 
ATOM   788  C  CA  . LEU A 1 102 ? 5.055   -3.357  -12.796 1.00 23.99 ? 102  LEU A CA  1 
ATOM   789  C  C   . LEU A 1 102 ? 6.592   -3.380  -12.925 1.00 23.85 ? 102  LEU A C   1 
ATOM   790  O  O   . LEU A 1 102 ? 7.230   -4.244  -12.364 1.00 23.64 ? 102  LEU A O   1 
ATOM   791  C  CB  . LEU A 1 102 ? 4.672   -2.867  -11.393 1.00 24.78 ? 102  LEU A CB  1 
ATOM   792  C  CG  . LEU A 1 102 ? 4.158   -1.433  -11.227 1.00 25.93 ? 102  LEU A CG  1 
ATOM   793  C  CD1 . LEU A 1 102 ? 4.568   -0.872  -9.865  1.00 26.12 ? 102  LEU A CD1 1 
ATOM   794  C  CD2 . LEU A 1 102 ? 4.643   -0.533  -12.308 1.00 28.76 ? 102  LEU A CD2 1 
ATOM   795  N  N   . GLU A 1 103 ? 7.161   -2.431  -13.667 1.00 23.55 ? 103  GLU A N   1 
ATOM   796  C  CA  . GLU A 1 103 ? 8.608   -2.378  -13.893 1.00 24.14 ? 103  GLU A CA  1 
ATOM   797  C  C   . GLU A 1 103 ? 9.047   -0.967  -14.166 1.00 24.22 ? 103  GLU A C   1 
ATOM   798  O  O   . GLU A 1 103 ? 8.228   -0.099  -14.324 1.00 24.21 ? 103  GLU A O   1 
ATOM   799  C  CB  . GLU A 1 103 ? 9.017   -3.257  -15.080 1.00 24.03 ? 103  GLU A CB  1 
ATOM   800  C  CG  . GLU A 1 103 ? 8.395   -2.852  -16.400 1.00 24.79 ? 103  GLU A CG  1 
ATOM   801  C  CD  . GLU A 1 103 ? 8.939   -3.634  -17.586 1.00 28.47 ? 103  GLU A CD  1 
ATOM   802  O  OE1 . GLU A 1 103 ? 8.873   -4.868  -17.581 1.00 34.34 ? 103  GLU A OE1 1 
ATOM   803  O  OE2 . GLU A 1 103 ? 9.425   -3.027  -18.545 1.00 32.03 ? 103  GLU A OE2 1 
ATOM   804  N  N   . GLY A 1 104 ? 10.353  -0.746  -14.252 1.00 25.11 ? 104  GLY A N   1 
ATOM   805  C  CA  . GLY A 1 104 ? 10.863  0.560   -14.642 1.00 25.06 ? 104  GLY A CA  1 
ATOM   806  C  C   . GLY A 1 104 ? 10.826  1.619   -13.549 1.00 25.45 ? 104  GLY A C   1 
ATOM   807  O  O   . GLY A 1 104 ? 10.845  1.332   -12.354 1.00 25.95 ? 104  GLY A O   1 
ATOM   808  N  N   . GLU A 1 105 ? 10.815  2.883   -13.965 1.00 26.11 ? 105  GLU A N   1 
ATOM   809  C  CA  . GLU A 1 105 ? 11.125  3.971   -13.034 1.00 25.67 ? 105  GLU A CA  1 
ATOM   810  C  C   . GLU A 1 105 ? 9.969   4.267   -12.102 1.00 24.18 ? 105  GLU A C   1 
ATOM   811  O  O   . GLU A 1 105 ? 10.159  4.777   -11.023 1.00 22.59 ? 105  GLU A O   1 
ATOM   812  C  CB  . GLU A 1 105 ? 11.533  5.220   -13.802 1.00 26.25 ? 105  GLU A CB  1 
ATOM   813  C  CG  . GLU A 1 105 ? 13.027  5.231   -14.117 1.00 30.17 ? 105  GLU A CG  1 
ATOM   814  C  CD  . GLU A 1 105 ? 13.408  6.337   -15.075 1.00 32.59 ? 105  GLU A CD  1 
ATOM   815  O  OE1 . GLU A 1 105 ? 14.407  6.166   -15.809 1.00 34.81 ? 105  GLU A OE1 1 
ATOM   816  O  OE2 . GLU A 1 105 ? 12.707  7.370   -15.088 1.00 35.72 ? 105  GLU A OE2 1 
ATOM   817  N  N   . ILE A 1 106 ? 8.763   4.012   -12.575 1.00 23.35 ? 106  ILE A N   1 
ATOM   818  C  CA  . ILE A 1 106 ? 7.592   4.119   -11.735 1.00 22.90 ? 106  ILE A CA  1 
ATOM   819  C  C   . ILE A 1 106 ? 7.553   3.011   -10.643 1.00 22.22 ? 106  ILE A C   1 
ATOM   820  O  O   . ILE A 1 106 ? 7.035   3.239   -9.555  1.00 21.42 ? 106  ILE A O   1 
ATOM   821  C  CB  . ILE A 1 106 ? 6.320   4.111   -12.612 1.00 23.01 ? 106  ILE A CB  1 
ATOM   822  C  CG1 . ILE A 1 106 ? 5.050   4.310   -11.767 1.00 23.15 ? 106  ILE A CG1 1 
ATOM   823  C  CG2 . ILE A 1 106 ? 6.190   2.779   -13.414 1.00 24.64 ? 106  ILE A CG2 1 
ATOM   824  C  CD1 . ILE A 1 106 ? 5.015   5.589   -10.974 1.00 25.20 ? 106  ILE A CD1 1 
ATOM   825  N  N   . ARG A 1 107 ? 8.052   1.819   -10.953 1.00 22.11 ? 107  ARG A N   1 
ATOM   826  C  CA  . ARG A 1 107 ? 8.220   0.778   -9.931  1.00 23.06 ? 107  ARG A CA  1 
ATOM   827  C  C   . ARG A 1 107 ? 9.293   1.135   -8.914  1.00 23.41 ? 107  ARG A C   1 
ATOM   828  O  O   . ARG A 1 107 ? 9.110   0.952   -7.709  1.00 23.67 ? 107  ARG A O   1 
ATOM   829  C  CB  . ARG A 1 107 ? 8.588   -0.563  -10.533 1.00 23.00 ? 107  ARG A CB  1 
ATOM   830  C  CG  . ARG A 1 107 ? 8.944   -1.599  -9.447  1.00 23.87 ? 107  ARG A CG  1 
ATOM   831  C  CD  . ARG A 1 107 ? 8.903   -3.003  -9.927  1.00 25.24 ? 107  ARG A CD  1 
ATOM   832  N  NE  . ARG A 1 107 ? 9.021   -3.944  -8.818  1.00 25.98 ? 107  ARG A NE  1 
ATOM   833  C  CZ  . ARG A 1 107 ? 8.783   -5.262  -8.898  1.00 25.21 ? 107  ARG A CZ  1 
ATOM   834  N  NH1 . ARG A 1 107 ? 8.438   -5.817  -10.063 1.00 21.89 ? 107  ARG A NH1 1 
ATOM   835  N  NH2 . ARG A 1 107 ? 8.891   -6.020  -7.808  1.00 22.74 ? 107  ARG A NH2 1 
ATOM   836  N  N   . GLU A 1 108 ? 10.415  1.650   -9.409  1.00 23.85 ? 108  GLU A N   1 
ATOM   837  C  CA  . GLU A 1 108 ? 11.481  2.157   -8.544  1.00 23.64 ? 108  GLU A CA  1 
ATOM   838  C  C   . GLU A 1 108 ? 11.056  3.310   -7.645  1.00 22.79 ? 108  GLU A C   1 
ATOM   839  O  O   . GLU A 1 108 ? 11.499  3.399   -6.517  1.00 21.05 ? 108  GLU A O   1 
ATOM   840  C  CB  . GLU A 1 108 ? 12.653  2.633   -9.392  1.00 24.02 ? 108  GLU A CB  1 
ATOM   841  C  CG  . GLU A 1 108 ? 13.378  1.482   -10.081 1.00 24.91 ? 108  GLU A CG  1 
ATOM   842  C  CD  . GLU A 1 108 ? 14.223  1.957   -11.233 1.00 23.81 ? 108  GLU A CD  1 
ATOM   843  O  OE1 . GLU A 1 108 ? 14.948  1.124   -11.787 1.00 21.89 ? 108  GLU A OE1 1 
ATOM   844  O  OE2 . GLU A 1 108 ? 14.168  3.171   -11.569 1.00 25.70 ? 108  GLU A OE2 1 
ATOM   845  N  N   . PHE A 1 109 ? 10.180  4.177   -8.125  1.00 22.43 ? 109  PHE A N   1 
ATOM   846  C  CA  . PHE A 1 109 ? 9.855   5.371   -7.355  1.00 22.20 ? 109  PHE A CA  1 
ATOM   847  C  C   . PHE A 1 109 ? 8.848   4.980   -6.307  1.00 21.30 ? 109  PHE A C   1 
ATOM   848  O  O   . PHE A 1 109 ? 9.013   5.282   -5.152  1.00 21.69 ? 109  PHE A O   1 
ATOM   849  C  CB  . PHE A 1 109 ? 9.340   6.497   -8.270  1.00 22.36 ? 109  PHE A CB  1 
ATOM   850  C  CG  . PHE A 1 109 ? 8.687   7.645   -7.536  1.00 22.53 ? 109  PHE A CG  1 
ATOM   851  C  CD1 . PHE A 1 109 ? 9.452   8.686   -7.011  1.00 22.57 ? 109  PHE A CD1 1 
ATOM   852  C  CD2 . PHE A 1 109 ? 7.296   7.700   -7.404  1.00 22.73 ? 109  PHE A CD2 1 
ATOM   853  C  CE1 . PHE A 1 109 ? 8.831   9.779   -6.371  1.00 21.44 ? 109  PHE A CE1 1 
ATOM   854  C  CE2 . PHE A 1 109 ? 6.688   8.761   -6.773  1.00 24.09 ? 109  PHE A CE2 1 
ATOM   855  C  CZ  . PHE A 1 109 ? 7.466   9.815   -6.246  1.00 22.44 ? 109  PHE A CZ  1 
ATOM   856  N  N   . LEU A 1 110 ? 7.813   4.277   -6.704  1.00 21.39 ? 110  LEU A N   1 
ATOM   857  C  CA  . LEU A 1 110 ? 6.774   3.821   -5.751  1.00 21.39 ? 110  LEU A CA  1 
ATOM   858  C  C   . LEU A 1 110 ? 7.330   2.948   -4.599  1.00 20.94 ? 110  LEU A C   1 
ATOM   859  O  O   . LEU A 1 110 ? 7.083   3.170   -3.404  1.00 21.12 ? 110  LEU A O   1 
ATOM   860  C  CB  . LEU A 1 110 ? 5.701   3.022   -6.502  1.00 20.55 ? 110  LEU A CB  1 
ATOM   861  C  CG  . LEU A 1 110 ? 4.540   2.480   -5.669  1.00 21.97 ? 110  LEU A CG  1 
ATOM   862  C  CD1 . LEU A 1 110 ? 3.894   3.582   -4.783  1.00 20.31 ? 110  LEU A CD1 1 
ATOM   863  C  CD2 . LEU A 1 110 ? 3.503   1.845   -6.580  1.00 23.06 ? 110  LEU A CD2 1 
ATOM   864  N  N   . PHE A 1 111 ? 8.038   1.912   -4.997  1.00 20.73 ? 111  PHE A N   1 
ATOM   865  C  CA  . PHE A 1 111 ? 8.571   0.948   -4.070  1.00 20.15 ? 111  PHE A CA  1 
ATOM   866  C  C   . PHE A 1 111 ? 9.636   1.544   -3.160  1.00 20.48 ? 111  PHE A C   1 
ATOM   867  O  O   . PHE A 1 111 ? 9.683   1.236   -1.981  1.00 20.60 ? 111  PHE A O   1 
ATOM   868  C  CB  . PHE A 1 111 ? 9.109   -0.268  -4.823  1.00 19.60 ? 111  PHE A CB  1 
ATOM   869  C  CG  . PHE A 1 111 ? 9.314   -1.443  -3.946  1.00 18.30 ? 111  PHE A CG  1 
ATOM   870  C  CD1 . PHE A 1 111 ? 10.595  -1.825  -3.559  1.00 19.85 ? 111  PHE A CD1 1 
ATOM   871  C  CD2 . PHE A 1 111 ? 8.237   -2.133  -3.442  1.00 18.52 ? 111  PHE A CD2 1 
ATOM   872  C  CE1 . PHE A 1 111 ? 10.784  -2.915  -2.683  1.00 19.92 ? 111  PHE A CE1 1 
ATOM   873  C  CE2 . PHE A 1 111 ? 8.423   -3.231  -2.573  1.00 18.52 ? 111  PHE A CE2 1 
ATOM   874  C  CZ  . PHE A 1 111 ? 9.688   -3.613  -2.202  1.00 17.14 ? 111  PHE A CZ  1 
ATOM   875  N  N   . GLY A 1 112 ? 10.473  2.411   -3.699  1.00 20.21 ? 112  GLY A N   1 
ATOM   876  C  CA  . GLY A 1 112 ? 11.485  3.053   -2.896  1.00 20.88 ? 112  GLY A CA  1 
ATOM   877  C  C   . GLY A 1 112 ? 10.868  3.950   -1.837  1.00 21.16 ? 112  GLY A C   1 
ATOM   878  O  O   . GLY A 1 112 ? 11.372  4.058   -0.745  1.00 21.32 ? 112  GLY A O   1 
ATOM   879  N  N   . ARG A 1 113 ? 9.773   4.600   -2.182  1.00 21.69 ? 113  ARG A N   1 
ATOM   880  C  CA  . ARG A 1 113 ? 9.036   5.422   -1.235  1.00 22.61 ? 113  ARG A CA  1 
ATOM   881  C  C   . ARG A 1 113 ? 8.306   4.549   -0.199  1.00 22.49 ? 113  ARG A C   1 
ATOM   882  O  O   . ARG A 1 113 ? 8.217   4.933   0.957   1.00 22.22 ? 113  ARG A O   1 
ATOM   883  C  CB  . ARG A 1 113 ? 8.022   6.291   -1.966  1.00 22.66 ? 113  ARG A CB  1 
ATOM   884  C  CG  . ARG A 1 113 ? 7.505   7.485   -1.172  1.00 26.21 ? 113  ARG A CG  1 
ATOM   885  C  CD  . ARG A 1 113 ? 6.996   8.645   -2.082  1.00 28.96 ? 113  ARG A CD  1 
ATOM   886  N  NE  . ARG A 1 113 ? 5.925   9.505   -1.574  1.00 29.51 ? 113  ARG A NE  1 
ATOM   887  C  CZ  . ARG A 1 113 ? 5.776   9.920   -0.322  1.00 31.47 ? 113  ARG A CZ  1 
ATOM   888  N  NH1 . ARG A 1 113 ? 4.758   10.720  -0.017  1.00 30.13 ? 113  ARG A NH1 1 
ATOM   889  N  NH2 . ARG A 1 113 ? 6.610   9.557   0.648   1.00 33.61 ? 113  ARG A NH2 1 
ATOM   890  N  N   . LEU A 1 114 ? 7.794   3.392   -0.629  1.00 21.97 ? 114  LEU A N   1 
ATOM   891  C  CA  . LEU A 1 114 ? 7.019   2.486   0.236   1.00 22.19 ? 114  LEU A CA  1 
ATOM   892  C  C   . LEU A 1 114 ? 7.927   1.869   1.284   1.00 21.80 ? 114  LEU A C   1 
ATOM   893  O  O   . LEU A 1 114 ? 7.547   1.695   2.450   1.00 22.12 ? 114  LEU A O   1 
ATOM   894  C  CB  . LEU A 1 114 ? 6.306   1.377   -0.603  1.00 22.06 ? 114  LEU A CB  1 
ATOM   895  C  CG  . LEU A 1 114 ? 4.795   1.430   -0.877  1.00 23.47 ? 114  LEU A CG  1 
ATOM   896  C  CD1 . LEU A 1 114 ? 4.197   2.797   -0.680  1.00 23.27 ? 114  LEU A CD1 1 
ATOM   897  C  CD2 . LEU A 1 114 ? 4.389   0.878   -2.251  1.00 22.25 ? 114  LEU A CD2 1 
ATOM   898  N  N   . GLU A 1 115 ? 9.141   1.559   0.868   1.00 21.98 ? 115  GLU A N   1 
ATOM   899  C  CA  . GLU A 1 115 ? 10.160  1.070   1.764   1.00 21.61 ? 115  GLU A CA  1 
ATOM   900  C  C   . GLU A 1 115 ? 10.423  2.086   2.878   1.00 21.31 ? 115  GLU A C   1 
ATOM   901  O  O   . GLU A 1 115 ? 10.508  1.729   4.034   1.00 20.43 ? 115  GLU A O   1 
ATOM   902  C  CB  . GLU A 1 115 ? 11.454  0.777   1.012   1.00 22.16 ? 115  GLU A CB  1 
ATOM   903  C  CG  . GLU A 1 115 ? 11.429  -0.433  0.085   1.00 22.42 ? 115  GLU A CG  1 
ATOM   904  C  CD  . GLU A 1 115 ? 12.806  -0.777  -0.492  1.00 23.43 ? 115  GLU A CD  1 
ATOM   905  O  OE1 . GLU A 1 115 ? 13.490  0.116   -1.047  1.00 23.33 ? 115  GLU A OE1 1 
ATOM   906  O  OE2 . GLU A 1 115 ? 13.205  -1.973  -0.401  1.00 23.74 ? 115  GLU A OE2 1 
ATOM   907  N  N   . LEU A 1 116 ? 10.547  3.349   2.529   1.00 21.22 ? 116  LEU A N   1 
ATOM   908  C  CA  . LEU A 1 116 ? 10.811  4.390   3.539   1.00 21.68 ? 116  LEU A CA  1 
ATOM   909  C  C   . LEU A 1 116 ? 9.570   4.594   4.434   1.00 22.05 ? 116  LEU A C   1 
ATOM   910  O  O   . LEU A 1 116 ? 9.676   4.937   5.597   1.00 22.72 ? 116  LEU A O   1 
ATOM   911  C  CB  . LEU A 1 116 ? 11.194  5.714   2.858   1.00 20.68 ? 116  LEU A CB  1 
ATOM   912  C  CG  . LEU A 1 116 ? 12.644  6.197   2.689   1.00 21.14 ? 116  LEU A CG  1 
ATOM   913  C  CD1 . LEU A 1 116 ? 13.734  5.235   3.100   1.00 21.71 ? 116  LEU A CD1 1 
ATOM   914  C  CD2 . LEU A 1 116 ? 12.882  6.710   1.295   1.00 21.27 ? 116  LEU A CD2 1 
ATOM   915  N  N   . THR A 1 117 ? 8.388   4.389   3.889   1.00 22.58 ? 117  THR A N   1 
ATOM   916  C  CA  . THR A 1 117 ? 7.180   4.656   4.651   1.00 23.29 ? 117  THR A CA  1 
ATOM   917  C  C   . THR A 1 117 ? 6.889   3.529   5.642   1.00 24.37 ? 117  THR A C   1 
ATOM   918  O  O   . THR A 1 117 ? 6.468   3.776   6.779   1.00 23.19 ? 117  THR A O   1 
ATOM   919  C  CB  . THR A 1 117 ? 6.023   4.885   3.702   1.00 22.53 ? 117  THR A CB  1 
ATOM   920  O  OG1 . THR A 1 117 ? 6.281   6.079   2.931   1.00 23.45 ? 117  THR A OG1 1 
ATOM   921  C  CG2 . THR A 1 117 ? 4.723   5.203   4.497   1.00 22.41 ? 117  THR A CG2 1 
ATOM   922  N  N   . ALA A 1 118 ? 7.129   2.294   5.205   1.00 26.04 ? 118  ALA A N   1 
ATOM   923  C  CA  . ALA A 1 118 ? 6.781   1.128   6.006   1.00 27.60 ? 118  ALA A CA  1 
ATOM   924  C  C   . ALA A 1 118 ? 7.712   1.083   7.206   1.00 29.04 ? 118  ALA A C   1 
ATOM   925  O  O   . ALA A 1 118 ? 7.301   0.726   8.296   1.00 28.48 ? 118  ALA A O   1 
ATOM   926  C  CB  . ALA A 1 118 ? 6.865   -0.163  5.183   1.00 27.59 ? 118  ALA A CB  1 
ATOM   927  N  N   . ARG A 1 119 ? 8.967   1.482   7.014   1.00 31.26 ? 119  ARG A N   1 
ATOM   928  C  CA  . ARG A 1 119 ? 9.904   1.524   8.137   1.00 33.01 ? 119  ARG A CA  1 
ATOM   929  C  C   . ARG A 1 119 ? 9.498   2.643   9.125   1.00 32.67 ? 119  ARG A C   1 
ATOM   930  O  O   . ARG A 1 119 ? 9.587   2.454   10.336  1.00 33.31 ? 119  ARG A O   1 
ATOM   931  C  CB  . ARG A 1 119 ? 11.351  1.671   7.670   1.00 33.76 ? 119  ARG A CB  1 
ATOM   932  C  CG  . ARG A 1 119 ? 11.576  2.872   6.767   1.00 37.41 ? 119  ARG A CG  1 
ATOM   933  C  CD  . ARG A 1 119 ? 12.719  3.752   7.147   1.00 40.72 ? 119  ARG A CD  1 
ATOM   934  N  NE  . ARG A 1 119 ? 13.927  2.993   7.448   1.00 44.19 ? 119  ARG A NE  1 
ATOM   935  C  CZ  . ARG A 1 119 ? 14.723  2.431   6.553   1.00 46.55 ? 119  ARG A CZ  1 
ATOM   936  N  NH1 . ARG A 1 119 ? 14.457  2.520   5.258   1.00 48.20 ? 119  ARG A NH1 1 
ATOM   937  N  NH2 . ARG A 1 119 ? 15.806  1.773   6.963   1.00 48.18 ? 119  ARG A NH2 1 
ATOM   938  N  N   . HIS A 1 120 ? 8.997   3.759   8.608   1.00 31.66 ? 120  HIS A N   1 
ATOM   939  C  CA  . HIS A 1 120 ? 8.491   4.836   9.446   1.00 31.76 ? 120  HIS A CA  1 
ATOM   940  C  C   . HIS A 1 120 ? 7.213   4.399   10.215  1.00 31.24 ? 120  HIS A C   1 
ATOM   941  O  O   . HIS A 1 120 ? 6.866   5.012   11.198  1.00 31.78 ? 120  HIS A O   1 
ATOM   942  C  CB  . HIS A 1 120 ? 8.288   6.096   8.581   1.00 32.31 ? 120  HIS A CB  1 
ATOM   943  C  CG  . HIS A 1 120 ? 7.807   7.293   9.334   1.00 32.75 ? 120  HIS A CG  1 
ATOM   944  N  ND1 . HIS A 1 120 ? 8.264   7.620   10.595  1.00 31.60 ? 120  HIS A ND1 1 
ATOM   945  C  CD2 . HIS A 1 120 ? 6.889   8.237   9.009   1.00 34.24 ? 120  HIS A CD2 1 
ATOM   946  C  CE1 . HIS A 1 120 ? 7.645   8.710   11.012  1.00 31.54 ? 120  HIS A CE1 1 
ATOM   947  N  NE2 . HIS A 1 120 ? 6.805   9.104   10.073  1.00 31.80 ? 120  HIS A NE2 1 
ATOM   948  N  N   . MET A 1 121 ? 6.543   3.319   9.785   1.00 30.06 ? 121  MET A N   1 
ATOM   949  C  CA  . MET A 1 121 ? 5.382   2.749   10.487  1.00 28.79 ? 121  MET A CA  1 
ATOM   950  C  C   . MET A 1 121 ? 5.745   1.923   11.710  1.00 28.08 ? 121  MET A C   1 
ATOM   951  O  O   . MET A 1 121 ? 4.963   1.855   12.649  1.00 28.65 ? 121  MET A O   1 
ATOM   952  C  CB  . MET A 1 121 ? 4.530   1.840   9.573   1.00 28.72 ? 121  MET A CB  1 
ATOM   953  C  CG  . MET A 1 121 ? 3.774   2.498   8.446   1.00 27.35 ? 121  MET A CG  1 
ATOM   954  S  SD  . MET A 1 121 ? 2.897   3.987   8.864   1.00 27.93 ? 121  MET A SD  1 
ATOM   955  C  CE  . MET A 1 121 ? 4.248   5.318   8.454   1.00 24.60 ? 121  MET A CE  1 
ATOM   956  N  N   . VAL A 1 122 ? 6.905   1.278   11.677  1.00 27.64 ? 122  VAL A N   1 
ATOM   957  C  CA  . VAL A 1 122 ? 7.448   0.519   12.791  1.00 26.91 ? 122  VAL A CA  1 
ATOM   958  C  C   . VAL A 1 122 ? 7.299   1.246   14.152  1.00 27.63 ? 122  VAL A C   1 
ATOM   959  O  O   . VAL A 1 122 ? 7.783   2.363   14.329  1.00 26.97 ? 122  VAL A O   1 
ATOM   960  C  CB  . VAL A 1 122 ? 8.940   0.126   12.525  1.00 26.80 ? 122  VAL A CB  1 
ATOM   961  C  CG1 . VAL A 1 122 ? 9.505   -0.619  13.700  1.00 23.99 ? 122  VAL A CG1 1 
ATOM   962  C  CG2 . VAL A 1 122 ? 9.073   -0.742  11.236  1.00 26.64 ? 122  VAL A CG2 1 
ATOM   963  N  N   . ASN A 1 123 ? 6.613   0.599   15.094  1.00 27.96 ? 123  ASN A N   1 
ATOM   964  C  CA  . ASN A 1 123 ? 6.335   1.183   16.400  1.00 28.71 ? 123  ASN A CA  1 
ATOM   965  C  C   . ASN A 1 123 ? 6.584   0.201   17.530  1.00 29.28 ? 123  ASN A C   1 
ATOM   966  O  O   . ASN A 1 123 ? 7.244   -0.812  17.308  1.00 29.72 ? 123  ASN A O   1 
ATOM   967  C  CB  . ASN A 1 123 ? 4.884   1.695   16.474  1.00 28.74 ? 123  ASN A CB  1 
ATOM   968  C  CG  . ASN A 1 123 ? 3.860   0.630   16.148  1.00 27.60 ? 123  ASN A CG  1 
ATOM   969  O  OD1 . ASN A 1 123 ? 3.980   -0.505  16.568  1.00 29.10 ? 123  ASN A OD1 1 
ATOM   970  N  ND2 . ASN A 1 123 ? 2.838   1.002   15.399  1.00 28.06 ? 123  ASN A ND2 1 
ATOM   971  N  N   . GLN A 1 124 ? 6.096   0.444   18.643  1.00 30.30 ? 124  GLN A N   1 
HETATM 972  C  CHA . HEM B 2 .   ? -4.624  0.382   7.201   1.00 26.40 ? 700  HEM A CHA 1 
HETATM 973  C  CHB . HEM B 2 .   ? -1.241  -2.656  8.816   1.00 22.03 ? 700  HEM A CHB 1 
HETATM 974  C  CHC . HEM B 2 .   ? 2.174   -0.380  6.198   1.00 24.98 ? 700  HEM A CHC 1 
HETATM 975  C  CHD . HEM B 2 .   ? -1.252  2.519   4.270   1.00 21.03 ? 700  HEM A CHD 1 
HETATM 976  C  C1A . HEM B 2 .   ? -4.007  -0.632  7.901   1.00 25.86 ? 700  HEM A C1A 1 
HETATM 977  C  C2A . HEM B 2 .   ? -4.631  -1.565  8.816   1.00 28.96 ? 700  HEM A C2A 1 
HETATM 978  C  C3A . HEM B 2 .   ? -3.676  -2.400  9.257   1.00 28.98 ? 700  HEM A C3A 1 
HETATM 979  C  C4A . HEM B 2 .   ? -2.437  -2.032  8.628   1.00 25.87 ? 700  HEM A C4A 1 
HETATM 980  C  CMA . HEM B 2 .   ? -3.872  -3.572  10.255  1.00 29.11 ? 700  HEM A CMA 1 
HETATM 981  C  CAA . HEM B 2 .   ? -6.122  -1.616  9.251   1.00 30.45 ? 700  HEM A CAA 1 
HETATM 982  C  CBA . HEM B 2 .   ? -7.058  -1.781  8.048   1.00 31.31 ? 700  HEM A CBA 1 
HETATM 983  C  CGA . HEM B 2 .   ? -8.139  -0.703  7.985   1.00 36.10 ? 700  HEM A CGA 1 
HETATM 984  O  O1A . HEM B 2 .   ? -8.318  0.076   8.981   1.00 36.99 ? 700  HEM A O1A 1 
HETATM 985  O  O2A . HEM B 2 .   ? -8.843  -0.605  6.918   1.00 36.89 ? 700  HEM A O2A 1 
HETATM 986  C  C1B . HEM B 2 .   ? -0.065  -2.299  8.234   1.00 20.53 ? 700  HEM A C1B 1 
HETATM 987  C  C2B . HEM B 2 .   ? 1.167   -3.040  8.385   1.00 21.24 ? 700  HEM A C2B 1 
HETATM 988  C  C3B . HEM B 2 .   ? 2.108   -2.404  7.671   1.00 20.85 ? 700  HEM A C3B 1 
HETATM 989  C  C4B . HEM B 2 .   ? 1.521   -1.255  7.047   1.00 21.96 ? 700  HEM A C4B 1 
HETATM 990  C  CMB . HEM B 2 .   ? 1.321   -4.337  9.236   1.00 22.21 ? 700  HEM A CMB 1 
HETATM 991  C  CAB . HEM B 2 .   ? 3.582   -2.789  7.531   1.00 22.19 ? 700  HEM A CAB 1 
HETATM 992  C  CBB . HEM B 2 .   ? 4.466   -1.972  8.097   1.00 23.85 ? 700  HEM A CBB 1 
HETATM 993  C  C1C . HEM B 2 .   ? 1.546   0.536   5.361   1.00 22.24 ? 700  HEM A C1C 1 
HETATM 994  C  C2C . HEM B 2 .   ? 2.144   1.295   4.281   1.00 24.41 ? 700  HEM A C2C 1 
HETATM 995  C  C3C . HEM B 2 .   ? 1.187   2.096   3.773   1.00 23.97 ? 700  HEM A C3C 1 
HETATM 996  C  C4C . HEM B 2 .   ? -0.047  1.880   4.483   1.00 20.73 ? 700  HEM A C4C 1 
HETATM 997  C  CMC . HEM B 2 .   ? 3.625   1.217   3.798   1.00 21.17 ? 700  HEM A CMC 1 
HETATM 998  C  CAC . HEM B 2 .   ? 1.409   3.078   2.620   1.00 28.55 ? 700  HEM A CAC 1 
HETATM 999  C  CBC . HEM B 2 .   ? 1.074   2.761   1.367   1.00 32.20 ? 700  HEM A CBC 1 
HETATM 1000 C  C1D . HEM B 2 .   ? -2.469  2.274   4.893   1.00 21.06 ? 700  HEM A C1D 1 
HETATM 1001 C  C2D . HEM B 2 .   ? -3.713  2.988   4.661   1.00 21.62 ? 700  HEM A C2D 1 
HETATM 1002 C  C3D . HEM B 2 .   ? -4.740  2.287   5.560   1.00 22.37 ? 700  HEM A C3D 1 
HETATM 1003 C  C4D . HEM B 2 .   ? -4.038  1.235   6.261   1.00 23.83 ? 700  HEM A C4D 1 
HETATM 1004 C  CMD . HEM B 2 .   ? -3.963  4.181   3.706   1.00 21.42 ? 700  HEM A CMD 1 
HETATM 1005 C  CAD . HEM B 2 .   ? -6.220  2.614   5.761   1.00 22.67 ? 700  HEM A CAD 1 
HETATM 1006 C  CBD . HEM B 2 .   ? -6.274  3.572   6.935   1.00 25.57 ? 700  HEM A CBD 1 
HETATM 1007 C  CGD . HEM B 2 .   ? -7.696  3.902   7.219   1.00 25.84 ? 700  HEM A CGD 1 
HETATM 1008 O  O1D . HEM B 2 .   ? -8.343  2.985   7.774   1.00 24.59 ? 700  HEM A O1D 1 
HETATM 1009 O  O2D . HEM B 2 .   ? -8.169  5.040   6.894   1.00 26.59 ? 700  HEM A O2D 1 
HETATM 1010 N  NA  . HEM B 2 .   ? -2.670  -0.951  7.788   1.00 24.88 ? 700  HEM A NA  1 
HETATM 1011 N  NB  . HEM B 2 .   ? 0.172   -1.226  7.392   1.00 21.81 ? 700  HEM A NB  1 
HETATM 1012 N  NC  . HEM B 2 .   ? 0.222   0.913   5.447   1.00 21.70 ? 700  HEM A NC  1 
HETATM 1013 N  ND  . HEM B 2 .   ? -2.716  1.239   5.825   1.00 22.32 ? 700  HEM A ND  1 
HETATM 1014 FE FE  . HEM B 2 .   ? -1.172  0.042   6.650   1.00 23.02 ? 700  HEM A FE  1 
HETATM 1015 C  C   . CYN C 3 .   ? -1.804  -1.025  5.179   1.00 22.99 ? 1124 CYN A C   1 
HETATM 1016 N  N   . CYN C 3 .   ? -2.145  -1.739  4.322   1.00 22.54 ? 1124 CYN A N   1 
HETATM 1017 CL CL  . CL  D 4 .   ? 3.281   10.315  8.826   1.00 38.90 ? 1125 CL  A CL  1 
HETATM 1018 O  O   . HOH E 5 .   ? 6.665   13.323  -11.987 1.00 27.15 ? 2001 HOH A O   1 
HETATM 1019 O  O   . HOH E 5 .   ? 3.470   17.200  -13.362 1.00 27.63 ? 2002 HOH A O   1 
HETATM 1020 O  O   . HOH E 5 .   ? 7.018   15.028  -16.029 1.00 29.58 ? 2003 HOH A O   1 
HETATM 1021 O  O   . HOH E 5 .   ? 2.337   18.653  -20.802 0.50 22.21 ? 2004 HOH A O   1 
HETATM 1022 O  O   . HOH E 5 .   ? -11.514 11.950  -10.870 1.00 25.82 ? 2005 HOH A O   1 
HETATM 1023 O  O   . HOH E 5 .   ? -10.730 8.889   -9.788  1.00 30.81 ? 2006 HOH A O   1 
HETATM 1024 O  O   . HOH E 5 .   ? -9.798  6.542   -8.727  1.00 37.19 ? 2007 HOH A O   1 
HETATM 1025 O  O   . HOH E 5 .   ? -7.132  2.869   -8.596  1.00 33.13 ? 2008 HOH A O   1 
HETATM 1026 O  O   . HOH E 5 .   ? -6.095  6.592   -14.974 1.00 25.18 ? 2009 HOH A O   1 
HETATM 1027 O  O   . HOH E 5 .   ? -4.861  5.384   -18.036 1.00 35.07 ? 2010 HOH A O   1 
HETATM 1028 O  O   . HOH E 5 .   ? -3.995  2.157   -15.643 1.00 19.32 ? 2011 HOH A O   1 
HETATM 1029 O  O   . HOH E 5 .   ? 0.061   -20.615 6.439   1.00 33.26 ? 2012 HOH A O   1 
HETATM 1030 O  O   . HOH E 5 .   ? -3.082  -18.005 8.168   1.00 35.80 ? 2013 HOH A O   1 
HETATM 1031 O  O   . HOH E 5 .   ? -14.447 0.452   -4.981  1.00 29.46 ? 2014 HOH A O   1 
HETATM 1032 O  O   . HOH E 5 .   ? -7.242  -9.896  -8.264  1.00 27.11 ? 2015 HOH A O   1 
HETATM 1033 O  O   . HOH E 5 .   ? -5.605  -14.903 -0.310  1.00 30.13 ? 2016 HOH A O   1 
HETATM 1034 O  O   . HOH E 5 .   ? -2.524  -14.768 -2.410  1.00 32.02 ? 2017 HOH A O   1 
HETATM 1035 O  O   . HOH E 5 .   ? -4.460  -11.606 -8.390  1.00 37.78 ? 2018 HOH A O   1 
HETATM 1036 O  O   . HOH E 5 .   ? 1.062   -14.505 0.744   1.00 15.05 ? 2019 HOH A O   1 
HETATM 1037 O  O   . HOH E 5 .   ? -2.261  -15.147 -8.741  1.00 33.74 ? 2020 HOH A O   1 
HETATM 1038 O  O   . HOH E 5 .   ? -3.581  -19.000 2.091   1.00 33.83 ? 2021 HOH A O   1 
HETATM 1039 O  O   . HOH E 5 .   ? -0.760  -19.068 3.262   1.00 23.48 ? 2022 HOH A O   1 
HETATM 1040 O  O   . HOH E 5 .   ? 7.343   -12.523 5.420   1.00 17.48 ? 2023 HOH A O   1 
HETATM 1041 O  O   . HOH E 5 .   ? -2.032  -16.881 10.711  1.00 24.29 ? 2024 HOH A O   1 
HETATM 1042 O  O   . HOH E 5 .   ? -9.024  -14.187 4.152   1.00 36.04 ? 2025 HOH A O   1 
HETATM 1043 O  O   . HOH E 5 .   ? 13.003  -0.929  4.609   1.00 40.19 ? 2026 HOH A O   1 
HETATM 1044 O  O   . HOH E 5 .   ? -7.080  -11.955 14.092  1.00 30.17 ? 2027 HOH A O   1 
HETATM 1045 O  O   . HOH E 5 .   ? -9.488  -9.725  12.610  0.50 17.34 ? 2028 HOH A O   1 
HETATM 1046 O  O   . HOH E 5 .   ? -7.003  -10.529 7.133   1.00 31.37 ? 2029 HOH A O   1 
HETATM 1047 O  O   . HOH E 5 .   ? -12.729 -8.260  11.053  1.00 23.20 ? 2030 HOH A O   1 
HETATM 1048 O  O   . HOH E 5 .   ? -13.613 -7.490  8.969   1.00 34.12 ? 2031 HOH A O   1 
HETATM 1049 O  O   . HOH E 5 .   ? -11.240 -4.175  5.395   1.00 26.66 ? 2032 HOH A O   1 
HETATM 1050 O  O   . HOH E 5 .   ? -10.881 -10.046 2.194   1.00 19.66 ? 2033 HOH A O   1 
HETATM 1051 O  O   . HOH E 5 .   ? 12.747  -2.845  -16.430 1.00 29.71 ? 2034 HOH A O   1 
HETATM 1052 O  O   . HOH E 5 .   ? -12.057 -8.244  -0.061  1.00 32.90 ? 2035 HOH A O   1 
HETATM 1053 O  O   . HOH E 5 .   ? -12.607 -3.122  -2.477  1.00 16.10 ? 2036 HOH A O   1 
HETATM 1054 O  O   . HOH E 5 .   ? 11.860  -1.695  -7.821  1.00 31.07 ? 2037 HOH A O   1 
HETATM 1055 O  O   . HOH E 5 .   ? -14.232 -4.391  4.358   1.00 22.25 ? 2038 HOH A O   1 
HETATM 1056 O  O   . HOH E 5 .   ? -13.745 4.699   -3.688  1.00 35.10 ? 2039 HOH A O   1 
HETATM 1057 O  O   . HOH E 5 .   ? -11.308 3.886   -4.550  1.00 34.71 ? 2040 HOH A O   1 
HETATM 1058 O  O   . HOH E 5 .   ? 6.478   10.551  6.386   1.00 22.51 ? 2041 HOH A O   1 
HETATM 1059 O  O   . HOH E 5 .   ? -12.085 -1.604  -3.930  1.00 26.61 ? 2042 HOH A O   1 
HETATM 1060 O  O   . HOH E 5 .   ? 2.083   12.718  -1.621  1.00 43.86 ? 2043 HOH A O   1 
HETATM 1061 O  O   . HOH E 5 .   ? -17.156 10.900  1.887   1.00 31.42 ? 2044 HOH A O   1 
HETATM 1062 O  O   . HOH E 5 .   ? -16.050 6.501   2.291   1.00 41.87 ? 2045 HOH A O   1 
HETATM 1063 O  O   . HOH E 5 .   ? -13.492 7.593   7.463   1.00 33.74 ? 2046 HOH A O   1 
HETATM 1064 O  O   . HOH E 5 .   ? -3.499  15.970  3.196   1.00 36.79 ? 2047 HOH A O   1 
HETATM 1065 O  O   . HOH E 5 .   ? 0.018   13.794  7.167   1.00 39.47 ? 2048 HOH A O   1 
HETATM 1066 O  O   . HOH E 5 .   ? 1.097   10.564  6.796   1.00 33.08 ? 2049 HOH A O   1 
HETATM 1067 O  O   . HOH E 5 .   ? 8.315   6.406   19.278  1.00 30.05 ? 2050 HOH A O   1 
HETATM 1068 O  O   . HOH E 5 .   ? 1.269   -0.539  19.331  1.00 36.58 ? 2051 HOH A O   1 
HETATM 1069 O  O   . HOH E 5 .   ? 10.605  -8.083  14.143  1.00 32.96 ? 2052 HOH A O   1 
HETATM 1070 O  O   . HOH E 5 .   ? 6.183   -10.071 14.056  1.00 31.16 ? 2053 HOH A O   1 
HETATM 1071 O  O   . HOH E 5 .   ? 9.902   -9.031  16.385  1.00 29.25 ? 2054 HOH A O   1 
HETATM 1072 O  O   . HOH E 5 .   ? 0.609   -12.224 13.412  1.00 27.48 ? 2055 HOH A O   1 
HETATM 1073 O  O   . HOH E 5 .   ? 13.394  -7.309  9.754   1.00 22.05 ? 2056 HOH A O   1 
HETATM 1074 O  O   . HOH E 5 .   ? 9.330   -10.788 4.633   1.00 16.78 ? 2057 HOH A O   1 
HETATM 1075 O  O   . HOH E 5 .   ? 11.646  -2.083  7.045   1.00 33.31 ? 2058 HOH A O   1 
HETATM 1076 O  O   . HOH E 5 .   ? 11.100  -6.736  -0.192  1.00 19.41 ? 2059 HOH A O   1 
HETATM 1077 O  O   . HOH E 5 .   ? 6.343   -13.355 -8.205  1.00 41.28 ? 2060 HOH A O   1 
HETATM 1078 O  O   . HOH E 5 .   ? 6.683   -13.051 -5.628  1.00 17.67 ? 2061 HOH A O   1 
HETATM 1079 O  O   . HOH E 5 .   ? 8.456   -11.955 -12.612 1.00 38.86 ? 2062 HOH A O   1 
HETATM 1080 O  O   . HOH E 5 .   ? 8.056   -7.012  -13.333 1.00 31.34 ? 2063 HOH A O   1 
HETATM 1081 O  O   . HOH E 5 .   ? 5.722   -0.013  -14.908 1.00 32.63 ? 2064 HOH A O   1 
HETATM 1082 O  O   . HOH E 5 .   ? 9.625   -1.091  -19.431 1.00 23.46 ? 2065 HOH A O   1 
HETATM 1083 O  O   . HOH E 5 .   ? 11.899  -0.647  -17.674 1.00 29.20 ? 2066 HOH A O   1 
HETATM 1084 O  O   . HOH E 5 .   ? 13.262  -2.025  -13.221 1.00 35.05 ? 2067 HOH A O   1 
HETATM 1085 O  O   . HOH E 5 .   ? 12.531  8.543   -17.906 1.00 37.34 ? 2068 HOH A O   1 
HETATM 1086 O  O   . HOH E 5 .   ? 10.335  -3.970  -6.092  1.00 30.79 ? 2069 HOH A O   1 
HETATM 1087 O  O   . HOH E 5 .   ? 8.035   10.873  2.187   1.00 26.19 ? 2070 HOH A O   1 
HETATM 1088 O  O   . HOH E 5 .   ? 14.026  2.895   -0.693  1.00 22.58 ? 2071 HOH A O   1 
HETATM 1089 O  O   . HOH E 5 .   ? 6.895   8.111   4.984   1.00 37.46 ? 2072 HOH A O   1 
HETATM 1090 O  O   . HOH E 5 .   ? 12.165  2.129   11.311  1.00 26.47 ? 2073 HOH A O   1 
HETATM 1091 O  O   . HOH E 5 .   ? 14.417  5.252   10.072  1.00 35.51 ? 2074 HOH A O   1 
HETATM 1092 O  O   . HOH E 5 .   ? 2.839   3.048   13.888  1.00 14.44 ? 2075 HOH A O   1 
HETATM 1093 O  O   . HOH E 5 .   ? 4.704   -0.789  20.260  1.00 43.67 ? 2076 HOH A O   1 
HETATM 1094 O  O   . HOH E 5 .   ? -8.691  -2.156  11.496  1.00 28.94 ? 2077 HOH A O   1 
# 
loop_
_pdbx_poly_seq_scheme.asym_id 
_pdbx_poly_seq_scheme.entity_id 
_pdbx_poly_seq_scheme.seq_id 
_pdbx_poly_seq_scheme.mon_id 
_pdbx_poly_seq_scheme.ndb_seq_num 
_pdbx_poly_seq_scheme.pdb_seq_num 
_pdbx_poly_seq_scheme.auth_seq_num 
_pdbx_poly_seq_scheme.pdb_mon_id 
_pdbx_poly_seq_scheme.auth_mon_id 
_pdbx_poly_seq_scheme.pdb_strand_id 
_pdbx_poly_seq_scheme.pdb_ins_code 
_pdbx_poly_seq_scheme.hetero 
A 1 1   MET 1   1   ?   ?   ?   A . n 
A 1 2   GLY 2   2   ?   ?   ?   A . n 
A 1 3   GLN 3   3   ?   ?   ?   A . n 
A 1 4   SER 4   4   ?   ?   ?   A . n 
A 1 5   PHE 5   5   ?   ?   ?   A . n 
A 1 6   ASN 6   6   6   ASN ASN A . n 
A 1 7   ALA 7   7   7   ALA ALA A . n 
A 1 8   PRO 8   8   8   PRO PRO A . n 
A 1 9   TYR 9   9   9   TYR TYR A . n 
A 1 10  GLU 10  10  10  GLU GLU A . n 
A 1 11  ALA 11  11  11  ALA ALA A . n 
A 1 12  ILE 12  12  12  ILE ILE A . n 
A 1 13  GLY 13  13  13  GLY GLY A . n 
A 1 14  GLU 14  14  14  GLU GLU A . n 
A 1 15  GLU 15  15  15  GLU GLU A . n 
A 1 16  LEU 16  16  16  LEU LEU A . n 
A 1 17  LEU 17  17  17  LEU LEU A . n 
A 1 18  SER 18  18  18  SER SER A . n 
A 1 19  GLN 19  19  19  GLN GLN A . n 
A 1 20  LEU 20  20  20  LEU LEU A . n 
A 1 21  VAL 21  21  21  VAL VAL A . n 
A 1 22  ASP 22  22  22  ASP ASP A . n 
A 1 23  THR 23  23  23  THR THR A . n 
A 1 24  PHE 24  24  24  PHE PHE A . n 
A 1 25  TYR 25  25  25  TYR TYR A . n 
A 1 26  GLU 26  26  26  GLU GLU A . n 
A 1 27  ARG 27  27  27  ARG ARG A . n 
A 1 28  VAL 28  28  28  VAL VAL A . n 
A 1 29  ALA 29  29  29  ALA ALA A . n 
A 1 30  SER 30  30  30  SER SER A . n 
A 1 31  HIS 31  31  31  HIS HIS A . n 
A 1 32  PRO 32  32  32  PRO PRO A . n 
A 1 33  LEU 33  33  33  LEU LEU A . n 
A 1 34  LEU 34  34  34  LEU LEU A . n 
A 1 35  LYS 35  35  35  LYS LYS A . n 
A 1 36  PRO 36  36  36  PRO PRO A . n 
A 1 37  ILE 37  37  37  ILE ILE A . n 
A 1 38  PHE 38  38  38  PHE PHE A . n 
A 1 39  PRO 39  39  39  PRO PRO A . n 
A 1 40  SER 40  40  40  SER SER A . n 
A 1 41  ASP 41  41  41  ASP ASP A . n 
A 1 42  LEU 42  42  42  LEU LEU A . n 
A 1 43  THR 43  43  43  THR THR A . n 
A 1 44  GLU 44  44  44  GLU GLU A . n 
A 1 45  THR 45  45  45  THR THR A . n 
A 1 46  ALA 46  46  46  ALA ALA A . n 
A 1 47  ARG 47  47  47  ARG ARG A . n 
A 1 48  LYS 48  48  48  LYS LYS A . n 
A 1 49  GLN 49  49  49  GLN GLN A . n 
A 1 50  LYS 50  50  50  LYS LYS A . n 
A 1 51  GLN 51  51  51  GLN GLN A . n 
A 1 52  PHE 52  52  52  PHE PHE A . n 
A 1 53  LEU 53  53  53  LEU LEU A . n 
A 1 54  THR 54  54  54  THR THR A . n 
A 1 55  GLN 55  55  55  GLN GLN A . n 
A 1 56  TYR 56  56  56  TYR TYR A . n 
A 1 57  LEU 57  57  57  LEU LEU A . n 
A 1 58  GLY 58  58  58  GLY GLY A . n 
A 1 59  GLY 59  59  59  GLY GLY A . n 
A 1 60  PRO 60  60  60  PRO PRO A . n 
A 1 61  PRO 61  61  61  PRO PRO A . n 
A 1 62  LEU 62  62  62  LEU LEU A . n 
A 1 63  TYR 63  63  63  TYR TYR A . n 
A 1 64  THR 64  64  64  THR THR A . n 
A 1 65  GLU 65  65  65  GLU GLU A . n 
A 1 66  GLU 66  66  66  GLU GLU A . n 
A 1 67  HIS 67  67  67  HIS HIS A . n 
A 1 68  GLY 68  68  68  GLY GLY A . n 
A 1 69  HIS 69  69  69  HIS HIS A . n 
A 1 70  PRO 70  70  70  PRO PRO A . n 
A 1 71  MET 71  71  71  MET MET A . n 
A 1 72  LEU 72  72  72  LEU LEU A . n 
A 1 73  ARG 73  73  73  ARG ARG A . n 
A 1 74  ALA 74  74  74  ALA ALA A . n 
A 1 75  ARG 75  75  75  ARG ARG A . n 
A 1 76  HIS 76  76  76  HIS HIS A . n 
A 1 77  LEU 77  77  77  LEU LEU A . n 
A 1 78  PRO 78  78  78  PRO PRO A . n 
A 1 79  PHE 79  79  79  PHE PHE A . n 
A 1 80  PRO 80  80  80  PRO PRO A . n 
A 1 81  ILE 81  81  81  ILE ILE A . n 
A 1 82  THR 82  82  82  THR THR A . n 
A 1 83  ASN 83  83  83  ASN ASN A . n 
A 1 84  GLU 84  84  84  GLU GLU A . n 
A 1 85  ARG 85  85  85  ARG ARG A . n 
A 1 86  ALA 86  86  86  ALA ALA A . n 
A 1 87  ASP 87  87  87  ASP ASP A . n 
A 1 88  ALA 88  88  88  ALA ALA A . n 
A 1 89  TRP 89  89  89  TRP TRP A . n 
A 1 90  LEU 90  90  90  LEU LEU A . n 
A 1 91  SER 91  91  91  SER SER A . n 
A 1 92  CYS 92  92  92  CYS CYS A . n 
A 1 93  MET 93  93  93  MET MET A . n 
A 1 94  LYS 94  94  94  LYS LYS A . n 
A 1 95  ASP 95  95  95  ASP ASP A . n 
A 1 96  ALA 96  96  96  ALA ALA A . n 
A 1 97  MET 97  97  97  MET MET A . n 
A 1 98  ASP 98  98  98  ASP ASP A . n 
A 1 99  HIS 99  99  99  HIS HIS A . n 
A 1 100 VAL 100 100 100 VAL VAL A . n 
A 1 101 GLY 101 101 101 GLY GLY A . n 
A 1 102 LEU 102 102 102 LEU LEU A . n 
A 1 103 GLU 103 103 103 GLU GLU A . n 
A 1 104 GLY 104 104 104 GLY GLY A . n 
A 1 105 GLU 105 105 105 GLU GLU A . n 
A 1 106 ILE 106 106 106 ILE ILE A . n 
A 1 107 ARG 107 107 107 ARG ARG A . n 
A 1 108 GLU 108 108 108 GLU GLU A . n 
A 1 109 PHE 109 109 109 PHE PHE A . n 
A 1 110 LEU 110 110 110 LEU LEU A . n 
A 1 111 PHE 111 111 111 PHE PHE A . n 
A 1 112 GLY 112 112 112 GLY GLY A . n 
A 1 113 ARG 113 113 113 ARG ARG A . n 
A 1 114 LEU 114 114 114 LEU LEU A . n 
A 1 115 GLU 115 115 115 GLU GLU A . n 
A 1 116 LEU 116 116 116 LEU LEU A . n 
A 1 117 THR 117 117 117 THR THR A . n 
A 1 118 ALA 118 118 118 ALA ALA A . n 
A 1 119 ARG 119 119 119 ARG ARG A . n 
A 1 120 HIS 120 120 120 HIS HIS A . n 
A 1 121 MET 121 121 121 MET MET A . n 
A 1 122 VAL 122 122 122 VAL VAL A . n 
A 1 123 ASN 123 123 123 ASN ASN A . n 
A 1 124 GLN 124 124 124 GLN GLN A . n 
A 1 125 THR 125 125 ?   ?   ?   A . n 
A 1 126 GLU 126 126 ?   ?   ?   A . n 
A 1 127 ALA 127 127 ?   ?   ?   A . n 
A 1 128 GLU 128 128 ?   ?   ?   A . n 
A 1 129 ASP 129 129 ?   ?   ?   A . n 
A 1 130 ARG 130 130 ?   ?   ?   A . n 
A 1 131 SER 131 131 ?   ?   ?   A . n 
A 1 132 SER 132 132 ?   ?   ?   A . n 
# 
loop_
_pdbx_nonpoly_scheme.asym_id 
_pdbx_nonpoly_scheme.entity_id 
_pdbx_nonpoly_scheme.mon_id 
_pdbx_nonpoly_scheme.ndb_seq_num 
_pdbx_nonpoly_scheme.pdb_seq_num 
_pdbx_nonpoly_scheme.auth_seq_num 
_pdbx_nonpoly_scheme.pdb_mon_id 
_pdbx_nonpoly_scheme.auth_mon_id 
_pdbx_nonpoly_scheme.pdb_strand_id 
_pdbx_nonpoly_scheme.pdb_ins_code 
B 2 HEM 1  700  700  HEM HEM A . 
C 3 CYN 1  1124 1124 CYN CYN A . 
D 4 CL  1  1125 1125 CL  CL  A . 
E 5 HOH 1  2001 2001 HOH HOH A . 
E 5 HOH 2  2002 2002 HOH HOH A . 
E 5 HOH 3  2003 2003 HOH HOH A . 
E 5 HOH 4  2004 2004 HOH HOH A . 
E 5 HOH 5  2005 2005 HOH HOH A . 
E 5 HOH 6  2006 2006 HOH HOH A . 
E 5 HOH 7  2007 2007 HOH HOH A . 
E 5 HOH 8  2008 2008 HOH HOH A . 
E 5 HOH 9  2009 2009 HOH HOH A . 
E 5 HOH 10 2010 2010 HOH HOH A . 
E 5 HOH 11 2011 2011 HOH HOH A . 
E 5 HOH 12 2012 2012 HOH HOH A . 
E 5 HOH 13 2013 2013 HOH HOH A . 
E 5 HOH 14 2014 2014 HOH HOH A . 
E 5 HOH 15 2015 2015 HOH HOH A . 
E 5 HOH 16 2016 2016 HOH HOH A . 
E 5 HOH 17 2017 2017 HOH HOH A . 
E 5 HOH 18 2018 2018 HOH HOH A . 
E 5 HOH 19 2019 2019 HOH HOH A . 
E 5 HOH 20 2020 2020 HOH HOH A . 
E 5 HOH 21 2021 2021 HOH HOH A . 
E 5 HOH 22 2022 2022 HOH HOH A . 
E 5 HOH 23 2023 2023 HOH HOH A . 
E 5 HOH 24 2024 2024 HOH HOH A . 
E 5 HOH 25 2025 2025 HOH HOH A . 
E 5 HOH 26 2026 2026 HOH HOH A . 
E 5 HOH 27 2027 2027 HOH HOH A . 
E 5 HOH 28 2028 2028 HOH HOH A . 
E 5 HOH 29 2029 2029 HOH HOH A . 
E 5 HOH 30 2030 2030 HOH HOH A . 
E 5 HOH 31 2031 2031 HOH HOH A . 
E 5 HOH 32 2032 2032 HOH HOH A . 
E 5 HOH 33 2033 2033 HOH HOH A . 
E 5 HOH 34 2034 2034 HOH HOH A . 
E 5 HOH 35 2035 2035 HOH HOH A . 
E 5 HOH 36 2036 2036 HOH HOH A . 
E 5 HOH 37 2037 2037 HOH HOH A . 
E 5 HOH 38 2038 2038 HOH HOH A . 
E 5 HOH 39 2039 2039 HOH HOH A . 
E 5 HOH 40 2040 2040 HOH HOH A . 
E 5 HOH 41 2041 2041 HOH HOH A . 
E 5 HOH 42 2042 2042 HOH HOH A . 
E 5 HOH 43 2043 2043 HOH HOH A . 
E 5 HOH 44 2044 2044 HOH HOH A . 
E 5 HOH 45 2045 2045 HOH HOH A . 
E 5 HOH 46 2046 2046 HOH HOH A . 
E 5 HOH 47 2047 2047 HOH HOH A . 
E 5 HOH 48 2048 2048 HOH HOH A . 
E 5 HOH 49 2049 2049 HOH HOH A . 
E 5 HOH 50 2050 2050 HOH HOH A . 
E 5 HOH 51 2051 2051 HOH HOH A . 
E 5 HOH 52 2052 2052 HOH HOH A . 
E 5 HOH 53 2053 2053 HOH HOH A . 
E 5 HOH 54 2054 2054 HOH HOH A . 
E 5 HOH 55 2055 2055 HOH HOH A . 
E 5 HOH 56 2056 2056 HOH HOH A . 
E 5 HOH 57 2057 2057 HOH HOH A . 
E 5 HOH 58 2058 2058 HOH HOH A . 
E 5 HOH 59 2059 2059 HOH HOH A . 
E 5 HOH 60 2060 2060 HOH HOH A . 
E 5 HOH 61 2061 2061 HOH HOH A . 
E 5 HOH 62 2062 2062 HOH HOH A . 
E 5 HOH 63 2063 2063 HOH HOH A . 
E 5 HOH 64 2064 2064 HOH HOH A . 
E 5 HOH 65 2065 2065 HOH HOH A . 
E 5 HOH 66 2066 2066 HOH HOH A . 
E 5 HOH 67 2067 2067 HOH HOH A . 
E 5 HOH 68 2068 2068 HOH HOH A . 
E 5 HOH 69 2069 2069 HOH HOH A . 
E 5 HOH 70 2070 2070 HOH HOH A . 
E 5 HOH 71 2071 2071 HOH HOH A . 
E 5 HOH 72 2072 2072 HOH HOH A . 
E 5 HOH 73 2073 2073 HOH HOH A . 
E 5 HOH 74 2074 2074 HOH HOH A . 
E 5 HOH 75 2075 2075 HOH HOH A . 
E 5 HOH 76 2076 2076 HOH HOH A . 
E 5 HOH 77 2077 2077 HOH HOH A . 
# 
_pdbx_struct_assembly.id                   1 
_pdbx_struct_assembly.details              author_and_software_defined_assembly 
_pdbx_struct_assembly.method_details       PQS 
_pdbx_struct_assembly.oligomeric_details   monomeric 
_pdbx_struct_assembly.oligomeric_count     1 
# 
_pdbx_struct_assembly_gen.assembly_id       1 
_pdbx_struct_assembly_gen.oper_expression   1 
_pdbx_struct_assembly_gen.asym_id_list      A,B,C,D,E 
# 
_pdbx_struct_oper_list.id                   1 
_pdbx_struct_oper_list.type                 'identity operation' 
_pdbx_struct_oper_list.name                 1_555 
_pdbx_struct_oper_list.symmetry_operation   x,y,z 
_pdbx_struct_oper_list.matrix[1][1]         1.0000000000 
_pdbx_struct_oper_list.matrix[1][2]         0.0000000000 
_pdbx_struct_oper_list.matrix[1][3]         0.0000000000 
_pdbx_struct_oper_list.vector[1]            0.0000000000 
_pdbx_struct_oper_list.matrix[2][1]         0.0000000000 
_pdbx_struct_oper_list.matrix[2][2]         1.0000000000 
_pdbx_struct_oper_list.matrix[2][3]         0.0000000000 
_pdbx_struct_oper_list.vector[2]            0.0000000000 
_pdbx_struct_oper_list.matrix[3][1]         0.0000000000 
_pdbx_struct_oper_list.matrix[3][2]         0.0000000000 
_pdbx_struct_oper_list.matrix[3][3]         1.0000000000 
_pdbx_struct_oper_list.vector[3]            0.0000000000 
# 
loop_
_pdbx_struct_conn_angle.id 
_pdbx_struct_conn_angle.ptnr1_label_atom_id 
_pdbx_struct_conn_angle.ptnr1_label_alt_id 
_pdbx_struct_conn_angle.ptnr1_label_asym_id 
_pdbx_struct_conn_angle.ptnr1_label_comp_id 
_pdbx_struct_conn_angle.ptnr1_label_seq_id 
_pdbx_struct_conn_angle.ptnr1_auth_atom_id 
_pdbx_struct_conn_angle.ptnr1_auth_asym_id 
_pdbx_struct_conn_angle.ptnr1_auth_comp_id 
_pdbx_struct_conn_angle.ptnr1_auth_seq_id 
_pdbx_struct_conn_angle.ptnr1_PDB_ins_code 
_pdbx_struct_conn_angle.ptnr1_symmetry 
_pdbx_struct_conn_angle.ptnr2_label_atom_id 
_pdbx_struct_conn_angle.ptnr2_label_alt_id 
_pdbx_struct_conn_angle.ptnr2_label_asym_id 
_pdbx_struct_conn_angle.ptnr2_label_comp_id 
_pdbx_struct_conn_angle.ptnr2_label_seq_id 
_pdbx_struct_conn_angle.ptnr2_auth_atom_id 
_pdbx_struct_conn_angle.ptnr2_auth_asym_id 
_pdbx_struct_conn_angle.ptnr2_auth_comp_id 
_pdbx_struct_conn_angle.ptnr2_auth_seq_id 
_pdbx_struct_conn_angle.ptnr2_PDB_ins_code 
_pdbx_struct_conn_angle.ptnr2_symmetry 
_pdbx_struct_conn_angle.ptnr3_label_atom_id 
_pdbx_struct_conn_angle.ptnr3_label_alt_id 
_pdbx_struct_conn_angle.ptnr3_label_asym_id 
_pdbx_struct_conn_angle.ptnr3_label_comp_id 
_pdbx_struct_conn_angle.ptnr3_label_seq_id 
_pdbx_struct_conn_angle.ptnr3_auth_atom_id 
_pdbx_struct_conn_angle.ptnr3_auth_asym_id 
_pdbx_struct_conn_angle.ptnr3_auth_comp_id 
_pdbx_struct_conn_angle.ptnr3_auth_seq_id 
_pdbx_struct_conn_angle.ptnr3_PDB_ins_code 
_pdbx_struct_conn_angle.ptnr3_symmetry 
_pdbx_struct_conn_angle.value 
_pdbx_struct_conn_angle.value_esd 
1  NE2 ? A HIS 76 ? A HIS 76   ? 1_555 FE ? B HEM . ? A HEM 700 ? 1_555 NA ? B HEM . ? A HEM 700  ? 1_555 97.4  ? 
2  NE2 ? A HIS 76 ? A HIS 76   ? 1_555 FE ? B HEM . ? A HEM 700 ? 1_555 NB ? B HEM . ? A HEM 700  ? 1_555 91.8  ? 
3  NA  ? B HEM .  ? A HEM 700  ? 1_555 FE ? B HEM . ? A HEM 700 ? 1_555 NB ? B HEM . ? A HEM 700  ? 1_555 88.7  ? 
4  NE2 ? A HIS 76 ? A HIS 76   ? 1_555 FE ? B HEM . ? A HEM 700 ? 1_555 NC ? B HEM . ? A HEM 700  ? 1_555 86.6  ? 
5  NA  ? B HEM .  ? A HEM 700  ? 1_555 FE ? B HEM . ? A HEM 700 ? 1_555 NC ? B HEM . ? A HEM 700  ? 1_555 175.9 ? 
6  NB  ? B HEM .  ? A HEM 700  ? 1_555 FE ? B HEM . ? A HEM 700 ? 1_555 NC ? B HEM . ? A HEM 700  ? 1_555 91.7  ? 
7  NE2 ? A HIS 76 ? A HIS 76   ? 1_555 FE ? B HEM . ? A HEM 700 ? 1_555 ND ? B HEM . ? A HEM 700  ? 1_555 92.4  ? 
8  NA  ? B HEM .  ? A HEM 700  ? 1_555 FE ? B HEM . ? A HEM 700 ? 1_555 ND ? B HEM . ? A HEM 700  ? 1_555 87.7  ? 
9  NB  ? B HEM .  ? A HEM 700  ? 1_555 FE ? B HEM . ? A HEM 700 ? 1_555 ND ? B HEM . ? A HEM 700  ? 1_555 174.8 ? 
10 NC  ? B HEM .  ? A HEM 700  ? 1_555 FE ? B HEM . ? A HEM 700 ? 1_555 ND ? B HEM . ? A HEM 700  ? 1_555 91.6  ? 
11 NE2 ? A HIS 76 ? A HIS 76   ? 1_555 FE ? B HEM . ? A HEM 700 ? 1_555 C  ? C CYN . ? A CYN 1124 ? 1_555 169.1 ? 
12 NA  ? B HEM .  ? A HEM 700  ? 1_555 FE ? B HEM . ? A HEM 700 ? 1_555 C  ? C CYN . ? A CYN 1124 ? 1_555 85.4  ? 
13 NB  ? B HEM .  ? A HEM 700  ? 1_555 FE ? B HEM . ? A HEM 700 ? 1_555 C  ? C CYN . ? A CYN 1124 ? 1_555 98.8  ? 
14 NC  ? B HEM .  ? A HEM 700  ? 1_555 FE ? B HEM . ? A HEM 700 ? 1_555 C  ? C CYN . ? A CYN 1124 ? 1_555 90.6  ? 
15 ND  ? B HEM .  ? A HEM 700  ? 1_555 FE ? B HEM . ? A HEM 700 ? 1_555 C  ? C CYN . ? A CYN 1124 ? 1_555 77.1  ? 
16 NE2 ? A HIS 76 ? A HIS 76   ? 1_555 FE ? B HEM . ? A HEM 700 ? 1_555 N  ? C CYN . ? A CYN 1124 ? 1_555 170.7 ? 
17 NA  ? B HEM .  ? A HEM 700  ? 1_555 FE ? B HEM . ? A HEM 700 ? 1_555 N  ? C CYN . ? A CYN 1124 ? 1_555 85.0  ? 
18 NB  ? B HEM .  ? A HEM 700  ? 1_555 FE ? B HEM . ? A HEM 700 ? 1_555 N  ? C CYN . ? A CYN 1124 ? 1_555 97.3  ? 
19 NC  ? B HEM .  ? A HEM 700  ? 1_555 FE ? B HEM . ? A HEM 700 ? 1_555 N  ? C CYN . ? A CYN 1124 ? 1_555 91.0  ? 
20 ND  ? B HEM .  ? A HEM 700  ? 1_555 FE ? B HEM . ? A HEM 700 ? 1_555 N  ? C CYN . ? A CYN 1124 ? 1_555 78.7  ? 
21 C   ? C CYN .  ? A CYN 1124 ? 1_555 FE ? B HEM . ? A HEM 700 ? 1_555 N  ? C CYN . ? A CYN 1124 ? 1_555 1.6   ? 
# 
loop_
_pdbx_audit_revision_history.ordinal 
_pdbx_audit_revision_history.data_content_type 
_pdbx_audit_revision_history.major_revision 
_pdbx_audit_revision_history.minor_revision 
_pdbx_audit_revision_history.revision_date 
1 'Structure model' 1 0 2004-12-07 
2 'Structure model' 1 1 2011-05-07 
3 'Structure model' 1 2 2011-07-13 
4 'Structure model' 1 3 2023-12-13 
# 
_pdbx_audit_revision_details.ordinal             1 
_pdbx_audit_revision_details.revision_ordinal    1 
_pdbx_audit_revision_details.data_content_type   'Structure model' 
_pdbx_audit_revision_details.provider            repository 
_pdbx_audit_revision_details.type                'Initial release' 
_pdbx_audit_revision_details.description         ? 
_pdbx_audit_revision_details.details             ? 
# 
loop_
_pdbx_audit_revision_group.ordinal 
_pdbx_audit_revision_group.revision_ordinal 
_pdbx_audit_revision_group.data_content_type 
_pdbx_audit_revision_group.group 
1 2 'Structure model' 'Version format compliance' 
2 3 'Structure model' 'Version format compliance' 
3 4 'Structure model' 'Data collection'           
4 4 'Structure model' 'Database references'       
5 4 'Structure model' 'Derived calculations'      
6 4 'Structure model' Other                       
7 4 'Structure model' 'Refinement description'    
# 
loop_
_pdbx_audit_revision_category.ordinal 
_pdbx_audit_revision_category.revision_ordinal 
_pdbx_audit_revision_category.data_content_type 
_pdbx_audit_revision_category.category 
1 4 'Structure model' chem_comp_atom                
2 4 'Structure model' chem_comp_bond                
3 4 'Structure model' database_2                    
4 4 'Structure model' pdbx_database_status          
5 4 'Structure model' pdbx_initial_refinement_model 
6 4 'Structure model' struct_site                   
# 
loop_
_pdbx_audit_revision_item.ordinal 
_pdbx_audit_revision_item.revision_ordinal 
_pdbx_audit_revision_item.data_content_type 
_pdbx_audit_revision_item.item 
1 4 'Structure model' '_database_2.pdbx_DOI'                 
2 4 'Structure model' '_database_2.pdbx_database_accession'  
3 4 'Structure model' '_pdbx_database_status.status_code_sf' 
4 4 'Structure model' '_struct_site.pdbx_auth_asym_id'       
5 4 'Structure model' '_struct_site.pdbx_auth_comp_id'       
6 4 'Structure model' '_struct_site.pdbx_auth_seq_id'        
# 
loop_
_software.name 
_software.classification 
_software.version 
_software.citation_id 
_software.pdbx_ordinal 
REFMAC    refinement       . ? 1 
DENZO     'data reduction' . ? 2 
SCALEPACK 'data scaling'   . ? 3 
MOLREP    phasing          . ? 4 
# 
loop_
_pdbx_validate_close_contact.id 
_pdbx_validate_close_contact.PDB_model_num 
_pdbx_validate_close_contact.auth_atom_id_1 
_pdbx_validate_close_contact.auth_asym_id_1 
_pdbx_validate_close_contact.auth_comp_id_1 
_pdbx_validate_close_contact.auth_seq_id_1 
_pdbx_validate_close_contact.PDB_ins_code_1 
_pdbx_validate_close_contact.label_alt_id_1 
_pdbx_validate_close_contact.auth_atom_id_2 
_pdbx_validate_close_contact.auth_asym_id_2 
_pdbx_validate_close_contact.auth_comp_id_2 
_pdbx_validate_close_contact.auth_seq_id_2 
_pdbx_validate_close_contact.PDB_ins_code_2 
_pdbx_validate_close_contact.label_alt_id_2 
_pdbx_validate_close_contact.dist 
1 1 OD2 A ASP 95   ? ? O   A HOH 2061 ? ? 1.96 
2 1 OE2 A GLU 103  ? ? O   A HOH 2065 ? ? 2.14 
3 1 OE1 A GLN 51   ? ? NE2 A HIS 67   ? ? 2.15 
4 1 O   A HOH 2036 ? ? O   A HOH 2042 ? ? 2.17 
5 1 OE2 A GLU 15   ? A O   A HOH 2011 ? ? 2.17 
# 
loop_
_pdbx_validate_torsion.id 
_pdbx_validate_torsion.PDB_model_num 
_pdbx_validate_torsion.auth_comp_id 
_pdbx_validate_torsion.auth_asym_id 
_pdbx_validate_torsion.auth_seq_id 
_pdbx_validate_torsion.PDB_ins_code 
_pdbx_validate_torsion.label_alt_id 
_pdbx_validate_torsion.phi 
_pdbx_validate_torsion.psi 
1 1 GLU A 65 ? ? -34.34 -35.33 
2 1 MET A 71 ? ? 29.09  66.76  
# 
_pdbx_distant_solvent_atoms.id                                1 
_pdbx_distant_solvent_atoms.PDB_model_num                     1 
_pdbx_distant_solvent_atoms.auth_atom_id                      O 
_pdbx_distant_solvent_atoms.label_alt_id                      ? 
_pdbx_distant_solvent_atoms.auth_asym_id                      A 
_pdbx_distant_solvent_atoms.auth_comp_id                      HOH 
_pdbx_distant_solvent_atoms.auth_seq_id                       2005 
_pdbx_distant_solvent_atoms.PDB_ins_code                      ? 
_pdbx_distant_solvent_atoms.neighbor_macromolecule_distance   6.96 
_pdbx_distant_solvent_atoms.neighbor_ligand_distance          . 
# 
loop_
_pdbx_unobs_or_zero_occ_atoms.id 
_pdbx_unobs_or_zero_occ_atoms.PDB_model_num 
_pdbx_unobs_or_zero_occ_atoms.polymer_flag 
_pdbx_unobs_or_zero_occ_atoms.occupancy_flag 
_pdbx_unobs_or_zero_occ_atoms.auth_asym_id 
_pdbx_unobs_or_zero_occ_atoms.auth_comp_id 
_pdbx_unobs_or_zero_occ_atoms.auth_seq_id 
_pdbx_unobs_or_zero_occ_atoms.PDB_ins_code 
_pdbx_unobs_or_zero_occ_atoms.auth_atom_id 
_pdbx_unobs_or_zero_occ_atoms.label_alt_id 
_pdbx_unobs_or_zero_occ_atoms.label_asym_id 
_pdbx_unobs_or_zero_occ_atoms.label_comp_id 
_pdbx_unobs_or_zero_occ_atoms.label_seq_id 
_pdbx_unobs_or_zero_occ_atoms.label_atom_id 
1 1 Y 1 A GLN 124 ? CA  ? A GLN 124 CA  
2 1 Y 1 A GLN 124 ? C   ? A GLN 124 C   
3 1 Y 1 A GLN 124 ? O   ? A GLN 124 O   
4 1 Y 1 A GLN 124 ? CB  ? A GLN 124 CB  
5 1 Y 1 A GLN 124 ? CG  ? A GLN 124 CG  
6 1 Y 1 A GLN 124 ? CD  ? A GLN 124 CD  
7 1 Y 1 A GLN 124 ? OE1 ? A GLN 124 OE1 
8 1 Y 1 A GLN 124 ? NE2 ? A GLN 124 NE2 
# 
loop_
_pdbx_unobs_or_zero_occ_residues.id 
_pdbx_unobs_or_zero_occ_residues.PDB_model_num 
_pdbx_unobs_or_zero_occ_residues.polymer_flag 
_pdbx_unobs_or_zero_occ_residues.occupancy_flag 
_pdbx_unobs_or_zero_occ_residues.auth_asym_id 
_pdbx_unobs_or_zero_occ_residues.auth_comp_id 
_pdbx_unobs_or_zero_occ_residues.auth_seq_id 
_pdbx_unobs_or_zero_occ_residues.PDB_ins_code 
_pdbx_unobs_or_zero_occ_residues.label_asym_id 
_pdbx_unobs_or_zero_occ_residues.label_comp_id 
_pdbx_unobs_or_zero_occ_residues.label_seq_id 
1  1 Y 1 A MET 1   ? A MET 1   
2  1 Y 1 A GLY 2   ? A GLY 2   
3  1 Y 1 A GLN 3   ? A GLN 3   
4  1 Y 1 A SER 4   ? A SER 4   
5  1 Y 1 A PHE 5   ? A PHE 5   
6  1 Y 1 A THR 125 ? A THR 125 
7  1 Y 1 A GLU 126 ? A GLU 126 
8  1 Y 1 A ALA 127 ? A ALA 127 
9  1 Y 1 A GLU 128 ? A GLU 128 
10 1 Y 1 A ASP 129 ? A ASP 129 
11 1 Y 1 A ARG 130 ? A ARG 130 
12 1 Y 1 A SER 131 ? A SER 131 
13 1 Y 1 A SER 132 ? A SER 132 
# 
loop_
_chem_comp_atom.comp_id 
_chem_comp_atom.atom_id 
_chem_comp_atom.type_symbol 
_chem_comp_atom.pdbx_aromatic_flag 
_chem_comp_atom.pdbx_stereo_config 
_chem_comp_atom.pdbx_ordinal 
ALA N    N  N N 1   
ALA CA   C  N S 2   
ALA C    C  N N 3   
ALA O    O  N N 4   
ALA CB   C  N N 5   
ALA OXT  O  N N 6   
ALA H    H  N N 7   
ALA H2   H  N N 8   
ALA HA   H  N N 9   
ALA HB1  H  N N 10  
ALA HB2  H  N N 11  
ALA HB3  H  N N 12  
ALA HXT  H  N N 13  
ARG N    N  N N 14  
ARG CA   C  N S 15  
ARG C    C  N N 16  
ARG O    O  N N 17  
ARG CB   C  N N 18  
ARG CG   C  N N 19  
ARG CD   C  N N 20  
ARG NE   N  N N 21  
ARG CZ   C  N N 22  
ARG NH1  N  N N 23  
ARG NH2  N  N N 24  
ARG OXT  O  N N 25  
ARG H    H  N N 26  
ARG H2   H  N N 27  
ARG HA   H  N N 28  
ARG HB2  H  N N 29  
ARG HB3  H  N N 30  
ARG HG2  H  N N 31  
ARG HG3  H  N N 32  
ARG HD2  H  N N 33  
ARG HD3  H  N N 34  
ARG HE   H  N N 35  
ARG HH11 H  N N 36  
ARG HH12 H  N N 37  
ARG HH21 H  N N 38  
ARG HH22 H  N N 39  
ARG HXT  H  N N 40  
ASN N    N  N N 41  
ASN CA   C  N S 42  
ASN C    C  N N 43  
ASN O    O  N N 44  
ASN CB   C  N N 45  
ASN CG   C  N N 46  
ASN OD1  O  N N 47  
ASN ND2  N  N N 48  
ASN OXT  O  N N 49  
ASN H    H  N N 50  
ASN H2   H  N N 51  
ASN HA   H  N N 52  
ASN HB2  H  N N 53  
ASN HB3  H  N N 54  
ASN HD21 H  N N 55  
ASN HD22 H  N N 56  
ASN HXT  H  N N 57  
ASP N    N  N N 58  
ASP CA   C  N S 59  
ASP C    C  N N 60  
ASP O    O  N N 61  
ASP CB   C  N N 62  
ASP CG   C  N N 63  
ASP OD1  O  N N 64  
ASP OD2  O  N N 65  
ASP OXT  O  N N 66  
ASP H    H  N N 67  
ASP H2   H  N N 68  
ASP HA   H  N N 69  
ASP HB2  H  N N 70  
ASP HB3  H  N N 71  
ASP HD2  H  N N 72  
ASP HXT  H  N N 73  
CL  CL   CL N N 74  
CYN C    C  N N 75  
CYN N    N  N N 76  
CYS N    N  N N 77  
CYS CA   C  N R 78  
CYS C    C  N N 79  
CYS O    O  N N 80  
CYS CB   C  N N 81  
CYS SG   S  N N 82  
CYS OXT  O  N N 83  
CYS H    H  N N 84  
CYS H2   H  N N 85  
CYS HA   H  N N 86  
CYS HB2  H  N N 87  
CYS HB3  H  N N 88  
CYS HG   H  N N 89  
CYS HXT  H  N N 90  
GLN N    N  N N 91  
GLN CA   C  N S 92  
GLN C    C  N N 93  
GLN O    O  N N 94  
GLN CB   C  N N 95  
GLN CG   C  N N 96  
GLN CD   C  N N 97  
GLN OE1  O  N N 98  
GLN NE2  N  N N 99  
GLN OXT  O  N N 100 
GLN H    H  N N 101 
GLN H2   H  N N 102 
GLN HA   H  N N 103 
GLN HB2  H  N N 104 
GLN HB3  H  N N 105 
GLN HG2  H  N N 106 
GLN HG3  H  N N 107 
GLN HE21 H  N N 108 
GLN HE22 H  N N 109 
GLN HXT  H  N N 110 
GLU N    N  N N 111 
GLU CA   C  N S 112 
GLU C    C  N N 113 
GLU O    O  N N 114 
GLU CB   C  N N 115 
GLU CG   C  N N 116 
GLU CD   C  N N 117 
GLU OE1  O  N N 118 
GLU OE2  O  N N 119 
GLU OXT  O  N N 120 
GLU H    H  N N 121 
GLU H2   H  N N 122 
GLU HA   H  N N 123 
GLU HB2  H  N N 124 
GLU HB3  H  N N 125 
GLU HG2  H  N N 126 
GLU HG3  H  N N 127 
GLU HE2  H  N N 128 
GLU HXT  H  N N 129 
GLY N    N  N N 130 
GLY CA   C  N N 131 
GLY C    C  N N 132 
GLY O    O  N N 133 
GLY OXT  O  N N 134 
GLY H    H  N N 135 
GLY H2   H  N N 136 
GLY HA2  H  N N 137 
GLY HA3  H  N N 138 
GLY HXT  H  N N 139 
HEM CHA  C  N N 140 
HEM CHB  C  N N 141 
HEM CHC  C  N N 142 
HEM CHD  C  N N 143 
HEM C1A  C  Y N 144 
HEM C2A  C  Y N 145 
HEM C3A  C  Y N 146 
HEM C4A  C  Y N 147 
HEM CMA  C  N N 148 
HEM CAA  C  N N 149 
HEM CBA  C  N N 150 
HEM CGA  C  N N 151 
HEM O1A  O  N N 152 
HEM O2A  O  N N 153 
HEM C1B  C  N N 154 
HEM C2B  C  N N 155 
HEM C3B  C  N N 156 
HEM C4B  C  N N 157 
HEM CMB  C  N N 158 
HEM CAB  C  N N 159 
HEM CBB  C  N N 160 
HEM C1C  C  Y N 161 
HEM C2C  C  Y N 162 
HEM C3C  C  Y N 163 
HEM C4C  C  Y N 164 
HEM CMC  C  N N 165 
HEM CAC  C  N N 166 
HEM CBC  C  N N 167 
HEM C1D  C  N N 168 
HEM C2D  C  N N 169 
HEM C3D  C  N N 170 
HEM C4D  C  N N 171 
HEM CMD  C  N N 172 
HEM CAD  C  N N 173 
HEM CBD  C  N N 174 
HEM CGD  C  N N 175 
HEM O1D  O  N N 176 
HEM O2D  O  N N 177 
HEM NA   N  Y N 178 
HEM NB   N  N N 179 
HEM NC   N  Y N 180 
HEM ND   N  N N 181 
HEM FE   FE N N 182 
HEM HHB  H  N N 183 
HEM HHC  H  N N 184 
HEM HHD  H  N N 185 
HEM HMA  H  N N 186 
HEM HMAA H  N N 187 
HEM HMAB H  N N 188 
HEM HAA  H  N N 189 
HEM HAAA H  N N 190 
HEM HBA  H  N N 191 
HEM HBAA H  N N 192 
HEM HMB  H  N N 193 
HEM HMBA H  N N 194 
HEM HMBB H  N N 195 
HEM HAB  H  N N 196 
HEM HBB  H  N N 197 
HEM HBBA H  N N 198 
HEM HMC  H  N N 199 
HEM HMCA H  N N 200 
HEM HMCB H  N N 201 
HEM HAC  H  N N 202 
HEM HBC  H  N N 203 
HEM HBCA H  N N 204 
HEM HMD  H  N N 205 
HEM HMDA H  N N 206 
HEM HMDB H  N N 207 
HEM HAD  H  N N 208 
HEM HADA H  N N 209 
HEM HBD  H  N N 210 
HEM HBDA H  N N 211 
HEM H2A  H  N N 212 
HEM H2D  H  N N 213 
HEM HHA  H  N N 214 
HIS N    N  N N 215 
HIS CA   C  N S 216 
HIS C    C  N N 217 
HIS O    O  N N 218 
HIS CB   C  N N 219 
HIS CG   C  Y N 220 
HIS ND1  N  Y N 221 
HIS CD2  C  Y N 222 
HIS CE1  C  Y N 223 
HIS NE2  N  Y N 224 
HIS OXT  O  N N 225 
HIS H    H  N N 226 
HIS H2   H  N N 227 
HIS HA   H  N N 228 
HIS HB2  H  N N 229 
HIS HB3  H  N N 230 
HIS HD1  H  N N 231 
HIS HD2  H  N N 232 
HIS HE1  H  N N 233 
HIS HE2  H  N N 234 
HIS HXT  H  N N 235 
HOH O    O  N N 236 
HOH H1   H  N N 237 
HOH H2   H  N N 238 
ILE N    N  N N 239 
ILE CA   C  N S 240 
ILE C    C  N N 241 
ILE O    O  N N 242 
ILE CB   C  N S 243 
ILE CG1  C  N N 244 
ILE CG2  C  N N 245 
ILE CD1  C  N N 246 
ILE OXT  O  N N 247 
ILE H    H  N N 248 
ILE H2   H  N N 249 
ILE HA   H  N N 250 
ILE HB   H  N N 251 
ILE HG12 H  N N 252 
ILE HG13 H  N N 253 
ILE HG21 H  N N 254 
ILE HG22 H  N N 255 
ILE HG23 H  N N 256 
ILE HD11 H  N N 257 
ILE HD12 H  N N 258 
ILE HD13 H  N N 259 
ILE HXT  H  N N 260 
LEU N    N  N N 261 
LEU CA   C  N S 262 
LEU C    C  N N 263 
LEU O    O  N N 264 
LEU CB   C  N N 265 
LEU CG   C  N N 266 
LEU CD1  C  N N 267 
LEU CD2  C  N N 268 
LEU OXT  O  N N 269 
LEU H    H  N N 270 
LEU H2   H  N N 271 
LEU HA   H  N N 272 
LEU HB2  H  N N 273 
LEU HB3  H  N N 274 
LEU HG   H  N N 275 
LEU HD11 H  N N 276 
LEU HD12 H  N N 277 
LEU HD13 H  N N 278 
LEU HD21 H  N N 279 
LEU HD22 H  N N 280 
LEU HD23 H  N N 281 
LEU HXT  H  N N 282 
LYS N    N  N N 283 
LYS CA   C  N S 284 
LYS C    C  N N 285 
LYS O    O  N N 286 
LYS CB   C  N N 287 
LYS CG   C  N N 288 
LYS CD   C  N N 289 
LYS CE   C  N N 290 
LYS NZ   N  N N 291 
LYS OXT  O  N N 292 
LYS H    H  N N 293 
LYS H2   H  N N 294 
LYS HA   H  N N 295 
LYS HB2  H  N N 296 
LYS HB3  H  N N 297 
LYS HG2  H  N N 298 
LYS HG3  H  N N 299 
LYS HD2  H  N N 300 
LYS HD3  H  N N 301 
LYS HE2  H  N N 302 
LYS HE3  H  N N 303 
LYS HZ1  H  N N 304 
LYS HZ2  H  N N 305 
LYS HZ3  H  N N 306 
LYS HXT  H  N N 307 
MET N    N  N N 308 
MET CA   C  N S 309 
MET C    C  N N 310 
MET O    O  N N 311 
MET CB   C  N N 312 
MET CG   C  N N 313 
MET SD   S  N N 314 
MET CE   C  N N 315 
MET OXT  O  N N 316 
MET H    H  N N 317 
MET H2   H  N N 318 
MET HA   H  N N 319 
MET HB2  H  N N 320 
MET HB3  H  N N 321 
MET HG2  H  N N 322 
MET HG3  H  N N 323 
MET HE1  H  N N 324 
MET HE2  H  N N 325 
MET HE3  H  N N 326 
MET HXT  H  N N 327 
PHE N    N  N N 328 
PHE CA   C  N S 329 
PHE C    C  N N 330 
PHE O    O  N N 331 
PHE CB   C  N N 332 
PHE CG   C  Y N 333 
PHE CD1  C  Y N 334 
PHE CD2  C  Y N 335 
PHE CE1  C  Y N 336 
PHE CE2  C  Y N 337 
PHE CZ   C  Y N 338 
PHE OXT  O  N N 339 
PHE H    H  N N 340 
PHE H2   H  N N 341 
PHE HA   H  N N 342 
PHE HB2  H  N N 343 
PHE HB3  H  N N 344 
PHE HD1  H  N N 345 
PHE HD2  H  N N 346 
PHE HE1  H  N N 347 
PHE HE2  H  N N 348 
PHE HZ   H  N N 349 
PHE HXT  H  N N 350 
PRO N    N  N N 351 
PRO CA   C  N S 352 
PRO C    C  N N 353 
PRO O    O  N N 354 
PRO CB   C  N N 355 
PRO CG   C  N N 356 
PRO CD   C  N N 357 
PRO OXT  O  N N 358 
PRO H    H  N N 359 
PRO HA   H  N N 360 
PRO HB2  H  N N 361 
PRO HB3  H  N N 362 
PRO HG2  H  N N 363 
PRO HG3  H  N N 364 
PRO HD2  H  N N 365 
PRO HD3  H  N N 366 
PRO HXT  H  N N 367 
SER N    N  N N 368 
SER CA   C  N S 369 
SER C    C  N N 370 
SER O    O  N N 371 
SER CB   C  N N 372 
SER OG   O  N N 373 
SER OXT  O  N N 374 
SER H    H  N N 375 
SER H2   H  N N 376 
SER HA   H  N N 377 
SER HB2  H  N N 378 
SER HB3  H  N N 379 
SER HG   H  N N 380 
SER HXT  H  N N 381 
THR N    N  N N 382 
THR CA   C  N S 383 
THR C    C  N N 384 
THR O    O  N N 385 
THR CB   C  N R 386 
THR OG1  O  N N 387 
THR CG2  C  N N 388 
THR OXT  O  N N 389 
THR H    H  N N 390 
THR H2   H  N N 391 
THR HA   H  N N 392 
THR HB   H  N N 393 
THR HG1  H  N N 394 
THR HG21 H  N N 395 
THR HG22 H  N N 396 
THR HG23 H  N N 397 
THR HXT  H  N N 398 
TRP N    N  N N 399 
TRP CA   C  N S 400 
TRP C    C  N N 401 
TRP O    O  N N 402 
TRP CB   C  N N 403 
TRP CG   C  Y N 404 
TRP CD1  C  Y N 405 
TRP CD2  C  Y N 406 
TRP NE1  N  Y N 407 
TRP CE2  C  Y N 408 
TRP CE3  C  Y N 409 
TRP CZ2  C  Y N 410 
TRP CZ3  C  Y N 411 
TRP CH2  C  Y N 412 
TRP OXT  O  N N 413 
TRP H    H  N N 414 
TRP H2   H  N N 415 
TRP HA   H  N N 416 
TRP HB2  H  N N 417 
TRP HB3  H  N N 418 
TRP HD1  H  N N 419 
TRP HE1  H  N N 420 
TRP HE3  H  N N 421 
TRP HZ2  H  N N 422 
TRP HZ3  H  N N 423 
TRP HH2  H  N N 424 
TRP HXT  H  N N 425 
TYR N    N  N N 426 
TYR CA   C  N S 427 
TYR C    C  N N 428 
TYR O    O  N N 429 
TYR CB   C  N N 430 
TYR CG   C  Y N 431 
TYR CD1  C  Y N 432 
TYR CD2  C  Y N 433 
TYR CE1  C  Y N 434 
TYR CE2  C  Y N 435 
TYR CZ   C  Y N 436 
TYR OH   O  N N 437 
TYR OXT  O  N N 438 
TYR H    H  N N 439 
TYR H2   H  N N 440 
TYR HA   H  N N 441 
TYR HB2  H  N N 442 
TYR HB3  H  N N 443 
TYR HD1  H  N N 444 
TYR HD2  H  N N 445 
TYR HE1  H  N N 446 
TYR HE2  H  N N 447 
TYR HH   H  N N 448 
TYR HXT  H  N N 449 
VAL N    N  N N 450 
VAL CA   C  N S 451 
VAL C    C  N N 452 
VAL O    O  N N 453 
VAL CB   C  N N 454 
VAL CG1  C  N N 455 
VAL CG2  C  N N 456 
VAL OXT  O  N N 457 
VAL H    H  N N 458 
VAL H2   H  N N 459 
VAL HA   H  N N 460 
VAL HB   H  N N 461 
VAL HG11 H  N N 462 
VAL HG12 H  N N 463 
VAL HG13 H  N N 464 
VAL HG21 H  N N 465 
VAL HG22 H  N N 466 
VAL HG23 H  N N 467 
VAL HXT  H  N N 468 
# 
loop_
_chem_comp_bond.comp_id 
_chem_comp_bond.atom_id_1 
_chem_comp_bond.atom_id_2 
_chem_comp_bond.value_order 
_chem_comp_bond.pdbx_aromatic_flag 
_chem_comp_bond.pdbx_stereo_config 
_chem_comp_bond.pdbx_ordinal 
ALA N   CA   sing N N 1   
ALA N   H    sing N N 2   
ALA N   H2   sing N N 3   
ALA CA  C    sing N N 4   
ALA CA  CB   sing N N 5   
ALA CA  HA   sing N N 6   
ALA C   O    doub N N 7   
ALA C   OXT  sing N N 8   
ALA CB  HB1  sing N N 9   
ALA CB  HB2  sing N N 10  
ALA CB  HB3  sing N N 11  
ALA OXT HXT  sing N N 12  
ARG N   CA   sing N N 13  
ARG N   H    sing N N 14  
ARG N   H2   sing N N 15  
ARG CA  C    sing N N 16  
ARG CA  CB   sing N N 17  
ARG CA  HA   sing N N 18  
ARG C   O    doub N N 19  
ARG C   OXT  sing N N 20  
ARG CB  CG   sing N N 21  
ARG CB  HB2  sing N N 22  
ARG CB  HB3  sing N N 23  
ARG CG  CD   sing N N 24  
ARG CG  HG2  sing N N 25  
ARG CG  HG3  sing N N 26  
ARG CD  NE   sing N N 27  
ARG CD  HD2  sing N N 28  
ARG CD  HD3  sing N N 29  
ARG NE  CZ   sing N N 30  
ARG NE  HE   sing N N 31  
ARG CZ  NH1  sing N N 32  
ARG CZ  NH2  doub N N 33  
ARG NH1 HH11 sing N N 34  
ARG NH1 HH12 sing N N 35  
ARG NH2 HH21 sing N N 36  
ARG NH2 HH22 sing N N 37  
ARG OXT HXT  sing N N 38  
ASN N   CA   sing N N 39  
ASN N   H    sing N N 40  
ASN N   H2   sing N N 41  
ASN CA  C    sing N N 42  
ASN CA  CB   sing N N 43  
ASN CA  HA   sing N N 44  
ASN C   O    doub N N 45  
ASN C   OXT  sing N N 46  
ASN CB  CG   sing N N 47  
ASN CB  HB2  sing N N 48  
ASN CB  HB3  sing N N 49  
ASN CG  OD1  doub N N 50  
ASN CG  ND2  sing N N 51  
ASN ND2 HD21 sing N N 52  
ASN ND2 HD22 sing N N 53  
ASN OXT HXT  sing N N 54  
ASP N   CA   sing N N 55  
ASP N   H    sing N N 56  
ASP N   H2   sing N N 57  
ASP CA  C    sing N N 58  
ASP CA  CB   sing N N 59  
ASP CA  HA   sing N N 60  
ASP C   O    doub N N 61  
ASP C   OXT  sing N N 62  
ASP CB  CG   sing N N 63  
ASP CB  HB2  sing N N 64  
ASP CB  HB3  sing N N 65  
ASP CG  OD1  doub N N 66  
ASP CG  OD2  sing N N 67  
ASP OD2 HD2  sing N N 68  
ASP OXT HXT  sing N N 69  
CYN C   N    trip N N 70  
CYS N   CA   sing N N 71  
CYS N   H    sing N N 72  
CYS N   H2   sing N N 73  
CYS CA  C    sing N N 74  
CYS CA  CB   sing N N 75  
CYS CA  HA   sing N N 76  
CYS C   O    doub N N 77  
CYS C   OXT  sing N N 78  
CYS CB  SG   sing N N 79  
CYS CB  HB2  sing N N 80  
CYS CB  HB3  sing N N 81  
CYS SG  HG   sing N N 82  
CYS OXT HXT  sing N N 83  
GLN N   CA   sing N N 84  
GLN N   H    sing N N 85  
GLN N   H2   sing N N 86  
GLN CA  C    sing N N 87  
GLN CA  CB   sing N N 88  
GLN CA  HA   sing N N 89  
GLN C   O    doub N N 90  
GLN C   OXT  sing N N 91  
GLN CB  CG   sing N N 92  
GLN CB  HB2  sing N N 93  
GLN CB  HB3  sing N N 94  
GLN CG  CD   sing N N 95  
GLN CG  HG2  sing N N 96  
GLN CG  HG3  sing N N 97  
GLN CD  OE1  doub N N 98  
GLN CD  NE2  sing N N 99  
GLN NE2 HE21 sing N N 100 
GLN NE2 HE22 sing N N 101 
GLN OXT HXT  sing N N 102 
GLU N   CA   sing N N 103 
GLU N   H    sing N N 104 
GLU N   H2   sing N N 105 
GLU CA  C    sing N N 106 
GLU CA  CB   sing N N 107 
GLU CA  HA   sing N N 108 
GLU C   O    doub N N 109 
GLU C   OXT  sing N N 110 
GLU CB  CG   sing N N 111 
GLU CB  HB2  sing N N 112 
GLU CB  HB3  sing N N 113 
GLU CG  CD   sing N N 114 
GLU CG  HG2  sing N N 115 
GLU CG  HG3  sing N N 116 
GLU CD  OE1  doub N N 117 
GLU CD  OE2  sing N N 118 
GLU OE2 HE2  sing N N 119 
GLU OXT HXT  sing N N 120 
GLY N   CA   sing N N 121 
GLY N   H    sing N N 122 
GLY N   H2   sing N N 123 
GLY CA  C    sing N N 124 
GLY CA  HA2  sing N N 125 
GLY CA  HA3  sing N N 126 
GLY C   O    doub N N 127 
GLY C   OXT  sing N N 128 
GLY OXT HXT  sing N N 129 
HEM CHA C1A  sing N N 130 
HEM CHA C4D  doub N N 131 
HEM CHA HHA  sing N N 132 
HEM CHB C4A  sing N N 133 
HEM CHB C1B  doub N N 134 
HEM CHB HHB  sing N N 135 
HEM CHC C4B  sing N N 136 
HEM CHC C1C  doub N N 137 
HEM CHC HHC  sing N N 138 
HEM CHD C4C  doub N N 139 
HEM CHD C1D  sing N N 140 
HEM CHD HHD  sing N N 141 
HEM C1A C2A  doub Y N 142 
HEM C1A NA   sing Y N 143 
HEM C2A C3A  sing Y N 144 
HEM C2A CAA  sing N N 145 
HEM C3A C4A  doub Y N 146 
HEM C3A CMA  sing N N 147 
HEM C4A NA   sing Y N 148 
HEM CMA HMA  sing N N 149 
HEM CMA HMAA sing N N 150 
HEM CMA HMAB sing N N 151 
HEM CAA CBA  sing N N 152 
HEM CAA HAA  sing N N 153 
HEM CAA HAAA sing N N 154 
HEM CBA CGA  sing N N 155 
HEM CBA HBA  sing N N 156 
HEM CBA HBAA sing N N 157 
HEM CGA O1A  doub N N 158 
HEM CGA O2A  sing N N 159 
HEM C1B C2B  sing N N 160 
HEM C1B NB   sing N N 161 
HEM C2B C3B  doub N N 162 
HEM C2B CMB  sing N N 163 
HEM C3B C4B  sing N N 164 
HEM C3B CAB  sing N N 165 
HEM C4B NB   doub N N 166 
HEM CMB HMB  sing N N 167 
HEM CMB HMBA sing N N 168 
HEM CMB HMBB sing N N 169 
HEM CAB CBB  doub N N 170 
HEM CAB HAB  sing N N 171 
HEM CBB HBB  sing N N 172 
HEM CBB HBBA sing N N 173 
HEM C1C C2C  sing Y N 174 
HEM C1C NC   sing Y N 175 
HEM C2C C3C  doub Y N 176 
HEM C2C CMC  sing N N 177 
HEM C3C C4C  sing Y N 178 
HEM C3C CAC  sing N N 179 
HEM C4C NC   sing Y N 180 
HEM CMC HMC  sing N N 181 
HEM CMC HMCA sing N N 182 
HEM CMC HMCB sing N N 183 
HEM CAC CBC  doub N N 184 
HEM CAC HAC  sing N N 185 
HEM CBC HBC  sing N N 186 
HEM CBC HBCA sing N N 187 
HEM C1D C2D  sing N N 188 
HEM C1D ND   doub N N 189 
HEM C2D C3D  doub N N 190 
HEM C2D CMD  sing N N 191 
HEM C3D C4D  sing N N 192 
HEM C3D CAD  sing N N 193 
HEM C4D ND   sing N N 194 
HEM CMD HMD  sing N N 195 
HEM CMD HMDA sing N N 196 
HEM CMD HMDB sing N N 197 
HEM CAD CBD  sing N N 198 
HEM CAD HAD  sing N N 199 
HEM CAD HADA sing N N 200 
HEM CBD CGD  sing N N 201 
HEM CBD HBD  sing N N 202 
HEM CBD HBDA sing N N 203 
HEM CGD O1D  doub N N 204 
HEM CGD O2D  sing N N 205 
HEM O2A H2A  sing N N 206 
HEM O2D H2D  sing N N 207 
HEM FE  NA   sing N N 208 
HEM FE  NB   sing N N 209 
HEM FE  NC   sing N N 210 
HEM FE  ND   sing N N 211 
HIS N   CA   sing N N 212 
HIS N   H    sing N N 213 
HIS N   H2   sing N N 214 
HIS CA  C    sing N N 215 
HIS CA  CB   sing N N 216 
HIS CA  HA   sing N N 217 
HIS C   O    doub N N 218 
HIS C   OXT  sing N N 219 
HIS CB  CG   sing N N 220 
HIS CB  HB2  sing N N 221 
HIS CB  HB3  sing N N 222 
HIS CG  ND1  sing Y N 223 
HIS CG  CD2  doub Y N 224 
HIS ND1 CE1  doub Y N 225 
HIS ND1 HD1  sing N N 226 
HIS CD2 NE2  sing Y N 227 
HIS CD2 HD2  sing N N 228 
HIS CE1 NE2  sing Y N 229 
HIS CE1 HE1  sing N N 230 
HIS NE2 HE2  sing N N 231 
HIS OXT HXT  sing N N 232 
HOH O   H1   sing N N 233 
HOH O   H2   sing N N 234 
ILE N   CA   sing N N 235 
ILE N   H    sing N N 236 
ILE N   H2   sing N N 237 
ILE CA  C    sing N N 238 
ILE CA  CB   sing N N 239 
ILE CA  HA   sing N N 240 
ILE C   O    doub N N 241 
ILE C   OXT  sing N N 242 
ILE CB  CG1  sing N N 243 
ILE CB  CG2  sing N N 244 
ILE CB  HB   sing N N 245 
ILE CG1 CD1  sing N N 246 
ILE CG1 HG12 sing N N 247 
ILE CG1 HG13 sing N N 248 
ILE CG2 HG21 sing N N 249 
ILE CG2 HG22 sing N N 250 
ILE CG2 HG23 sing N N 251 
ILE CD1 HD11 sing N N 252 
ILE CD1 HD12 sing N N 253 
ILE CD1 HD13 sing N N 254 
ILE OXT HXT  sing N N 255 
LEU N   CA   sing N N 256 
LEU N   H    sing N N 257 
LEU N   H2   sing N N 258 
LEU CA  C    sing N N 259 
LEU CA  CB   sing N N 260 
LEU CA  HA   sing N N 261 
LEU C   O    doub N N 262 
LEU C   OXT  sing N N 263 
LEU CB  CG   sing N N 264 
LEU CB  HB2  sing N N 265 
LEU CB  HB3  sing N N 266 
LEU CG  CD1  sing N N 267 
LEU CG  CD2  sing N N 268 
LEU CG  HG   sing N N 269 
LEU CD1 HD11 sing N N 270 
LEU CD1 HD12 sing N N 271 
LEU CD1 HD13 sing N N 272 
LEU CD2 HD21 sing N N 273 
LEU CD2 HD22 sing N N 274 
LEU CD2 HD23 sing N N 275 
LEU OXT HXT  sing N N 276 
LYS N   CA   sing N N 277 
LYS N   H    sing N N 278 
LYS N   H2   sing N N 279 
LYS CA  C    sing N N 280 
LYS CA  CB   sing N N 281 
LYS CA  HA   sing N N 282 
LYS C   O    doub N N 283 
LYS C   OXT  sing N N 284 
LYS CB  CG   sing N N 285 
LYS CB  HB2  sing N N 286 
LYS CB  HB3  sing N N 287 
LYS CG  CD   sing N N 288 
LYS CG  HG2  sing N N 289 
LYS CG  HG3  sing N N 290 
LYS CD  CE   sing N N 291 
LYS CD  HD2  sing N N 292 
LYS CD  HD3  sing N N 293 
LYS CE  NZ   sing N N 294 
LYS CE  HE2  sing N N 295 
LYS CE  HE3  sing N N 296 
LYS NZ  HZ1  sing N N 297 
LYS NZ  HZ2  sing N N 298 
LYS NZ  HZ3  sing N N 299 
LYS OXT HXT  sing N N 300 
MET N   CA   sing N N 301 
MET N   H    sing N N 302 
MET N   H2   sing N N 303 
MET CA  C    sing N N 304 
MET CA  CB   sing N N 305 
MET CA  HA   sing N N 306 
MET C   O    doub N N 307 
MET C   OXT  sing N N 308 
MET CB  CG   sing N N 309 
MET CB  HB2  sing N N 310 
MET CB  HB3  sing N N 311 
MET CG  SD   sing N N 312 
MET CG  HG2  sing N N 313 
MET CG  HG3  sing N N 314 
MET SD  CE   sing N N 315 
MET CE  HE1  sing N N 316 
MET CE  HE2  sing N N 317 
MET CE  HE3  sing N N 318 
MET OXT HXT  sing N N 319 
PHE N   CA   sing N N 320 
PHE N   H    sing N N 321 
PHE N   H2   sing N N 322 
PHE CA  C    sing N N 323 
PHE CA  CB   sing N N 324 
PHE CA  HA   sing N N 325 
PHE C   O    doub N N 326 
PHE C   OXT  sing N N 327 
PHE CB  CG   sing N N 328 
PHE CB  HB2  sing N N 329 
PHE CB  HB3  sing N N 330 
PHE CG  CD1  doub Y N 331 
PHE CG  CD2  sing Y N 332 
PHE CD1 CE1  sing Y N 333 
PHE CD1 HD1  sing N N 334 
PHE CD2 CE2  doub Y N 335 
PHE CD2 HD2  sing N N 336 
PHE CE1 CZ   doub Y N 337 
PHE CE1 HE1  sing N N 338 
PHE CE2 CZ   sing Y N 339 
PHE CE2 HE2  sing N N 340 
PHE CZ  HZ   sing N N 341 
PHE OXT HXT  sing N N 342 
PRO N   CA   sing N N 343 
PRO N   CD   sing N N 344 
PRO N   H    sing N N 345 
PRO CA  C    sing N N 346 
PRO CA  CB   sing N N 347 
PRO CA  HA   sing N N 348 
PRO C   O    doub N N 349 
PRO C   OXT  sing N N 350 
PRO CB  CG   sing N N 351 
PRO CB  HB2  sing N N 352 
PRO CB  HB3  sing N N 353 
PRO CG  CD   sing N N 354 
PRO CG  HG2  sing N N 355 
PRO CG  HG3  sing N N 356 
PRO CD  HD2  sing N N 357 
PRO CD  HD3  sing N N 358 
PRO OXT HXT  sing N N 359 
SER N   CA   sing N N 360 
SER N   H    sing N N 361 
SER N   H2   sing N N 362 
SER CA  C    sing N N 363 
SER CA  CB   sing N N 364 
SER CA  HA   sing N N 365 
SER C   O    doub N N 366 
SER C   OXT  sing N N 367 
SER CB  OG   sing N N 368 
SER CB  HB2  sing N N 369 
SER CB  HB3  sing N N 370 
SER OG  HG   sing N N 371 
SER OXT HXT  sing N N 372 
THR N   CA   sing N N 373 
THR N   H    sing N N 374 
THR N   H2   sing N N 375 
THR CA  C    sing N N 376 
THR CA  CB   sing N N 377 
THR CA  HA   sing N N 378 
THR C   O    doub N N 379 
THR C   OXT  sing N N 380 
THR CB  OG1  sing N N 381 
THR CB  CG2  sing N N 382 
THR CB  HB   sing N N 383 
THR OG1 HG1  sing N N 384 
THR CG2 HG21 sing N N 385 
THR CG2 HG22 sing N N 386 
THR CG2 HG23 sing N N 387 
THR OXT HXT  sing N N 388 
TRP N   CA   sing N N 389 
TRP N   H    sing N N 390 
TRP N   H2   sing N N 391 
TRP CA  C    sing N N 392 
TRP CA  CB   sing N N 393 
TRP CA  HA   sing N N 394 
TRP C   O    doub N N 395 
TRP C   OXT  sing N N 396 
TRP CB  CG   sing N N 397 
TRP CB  HB2  sing N N 398 
TRP CB  HB3  sing N N 399 
TRP CG  CD1  doub Y N 400 
TRP CG  CD2  sing Y N 401 
TRP CD1 NE1  sing Y N 402 
TRP CD1 HD1  sing N N 403 
TRP CD2 CE2  doub Y N 404 
TRP CD2 CE3  sing Y N 405 
TRP NE1 CE2  sing Y N 406 
TRP NE1 HE1  sing N N 407 
TRP CE2 CZ2  sing Y N 408 
TRP CE3 CZ3  doub Y N 409 
TRP CE3 HE3  sing N N 410 
TRP CZ2 CH2  doub Y N 411 
TRP CZ2 HZ2  sing N N 412 
TRP CZ3 CH2  sing Y N 413 
TRP CZ3 HZ3  sing N N 414 
TRP CH2 HH2  sing N N 415 
TRP OXT HXT  sing N N 416 
TYR N   CA   sing N N 417 
TYR N   H    sing N N 418 
TYR N   H2   sing N N 419 
TYR CA  C    sing N N 420 
TYR CA  CB   sing N N 421 
TYR CA  HA   sing N N 422 
TYR C   O    doub N N 423 
TYR C   OXT  sing N N 424 
TYR CB  CG   sing N N 425 
TYR CB  HB2  sing N N 426 
TYR CB  HB3  sing N N 427 
TYR CG  CD1  doub Y N 428 
TYR CG  CD2  sing Y N 429 
TYR CD1 CE1  sing Y N 430 
TYR CD1 HD1  sing N N 431 
TYR CD2 CE2  doub Y N 432 
TYR CD2 HD2  sing N N 433 
TYR CE1 CZ   doub Y N 434 
TYR CE1 HE1  sing N N 435 
TYR CE2 CZ   sing Y N 436 
TYR CE2 HE2  sing N N 437 
TYR CZ  OH   sing N N 438 
TYR OH  HH   sing N N 439 
TYR OXT HXT  sing N N 440 
VAL N   CA   sing N N 441 
VAL N   H    sing N N 442 
VAL N   H2   sing N N 443 
VAL CA  C    sing N N 444 
VAL CA  CB   sing N N 445 
VAL CA  HA   sing N N 446 
VAL C   O    doub N N 447 
VAL C   OXT  sing N N 448 
VAL CB  CG1  sing N N 449 
VAL CB  CG2  sing N N 450 
VAL CB  HB   sing N N 451 
VAL CG1 HG11 sing N N 452 
VAL CG1 HG12 sing N N 453 
VAL CG1 HG13 sing N N 454 
VAL CG2 HG21 sing N N 455 
VAL CG2 HG22 sing N N 456 
VAL CG2 HG23 sing N N 457 
VAL OXT HXT  sing N N 458 
# 
loop_
_pdbx_entity_nonpoly.entity_id 
_pdbx_entity_nonpoly.name 
_pdbx_entity_nonpoly.comp_id 
2 'PROTOPORPHYRIN IX CONTAINING FE' HEM 
3 'CYANIDE ION'                     CYN 
4 'CHLORIDE ION'                    CL  
5 water                             HOH 
# 
_pdbx_initial_refinement_model.id               1 
_pdbx_initial_refinement_model.entity_id_list   ? 
_pdbx_initial_refinement_model.type             'experimental model' 
_pdbx_initial_refinement_model.source_name      PDB 
_pdbx_initial_refinement_model.accession_code   1NGK 
_pdbx_initial_refinement_model.details          'PDB ENTRY 1NGK' 
# 
